data_2LX0
#
_entry.id   2LX0
#
_entity_poly.entity_id   1
_entity_poly.type   'polypeptide(L)'
_entity_poly.pdbx_seq_one_letter_code
;KKHTIWEVIAGLVALLTFLAFGFWLFKYLQKK
;
_entity_poly.pdbx_strand_id   A
#
# COMPACT_ATOMS: atom_id res chain seq x y z
N LYS A 1 20.64 8.37 -3.34
CA LYS A 1 20.98 6.93 -3.21
C LYS A 1 20.08 6.11 -4.11
N LYS A 2 18.79 6.09 -3.80
CA LYS A 2 17.82 5.34 -4.60
C LYS A 2 16.52 6.13 -4.75
N HIS A 3 16.14 6.84 -3.70
CA HIS A 3 14.92 7.64 -3.73
C HIS A 3 14.89 8.61 -2.56
N THR A 4 13.80 8.57 -1.80
CA THR A 4 13.64 9.45 -0.64
C THR A 4 13.50 8.62 0.64
N ILE A 5 12.34 8.73 1.28
CA ILE A 5 12.07 7.98 2.50
C ILE A 5 11.03 6.90 2.24
N TRP A 6 10.26 7.07 1.19
CA TRP A 6 9.23 6.09 0.84
C TRP A 6 9.79 4.67 0.95
N GLU A 7 10.85 4.41 0.22
CA GLU A 7 11.46 3.08 0.24
C GLU A 7 11.91 2.70 1.65
N VAL A 8 11.78 3.64 2.58
CA VAL A 8 12.16 3.40 3.97
C VAL A 8 10.92 3.23 4.85
N ILE A 9 9.88 4.01 4.55
CA ILE A 9 8.64 3.95 5.32
C ILE A 9 7.52 3.41 4.43
N ALA A 10 7.44 3.92 3.21
CA ALA A 10 6.41 3.47 2.28
C ALA A 10 6.72 2.05 1.82
N GLY A 11 7.80 1.90 1.06
CA GLY A 11 8.19 0.58 0.58
C GLY A 11 8.23 -0.40 1.75
N LEU A 12 8.19 0.16 2.96
CA LEU A 12 8.20 -0.64 4.15
C LEU A 12 6.80 -0.74 4.76
N VAL A 13 5.97 0.27 4.48
CA VAL A 13 4.60 0.29 5.00
C VAL A 13 3.60 0.21 3.86
N ALA A 14 3.70 1.13 2.91
CA ALA A 14 2.80 1.13 1.77
C ALA A 14 2.59 -0.28 1.26
N LEU A 15 3.68 -1.02 1.10
CA LEU A 15 3.60 -2.39 0.63
C LEU A 15 2.87 -3.24 1.65
N LEU A 16 3.02 -2.88 2.92
CA LEU A 16 2.37 -3.60 4.00
C LEU A 16 1.04 -2.95 4.35
N THR A 17 0.68 -1.92 3.61
CA THR A 17 -0.58 -1.21 3.84
C THR A 17 -1.43 -1.21 2.58
N PHE A 18 -0.91 -0.62 1.51
CA PHE A 18 -1.63 -0.56 0.24
C PHE A 18 -2.34 -1.89 -0.03
N LEU A 19 -1.61 -2.99 0.12
CA LEU A 19 -2.19 -4.31 -0.12
C LEU A 19 -3.19 -4.67 0.97
N ALA A 20 -2.72 -4.67 2.21
CA ALA A 20 -3.59 -5.00 3.34
C ALA A 20 -4.96 -4.36 3.17
N PHE A 21 -4.97 -3.04 2.96
CA PHE A 21 -6.22 -2.31 2.80
C PHE A 21 -6.76 -2.47 1.38
N GLY A 22 -5.86 -2.40 0.40
CA GLY A 22 -6.28 -2.54 -0.99
C GLY A 22 -7.08 -3.82 -1.21
N PHE A 23 -6.55 -4.93 -0.69
CA PHE A 23 -7.23 -6.21 -0.83
C PHE A 23 -8.67 -6.10 -0.38
N TRP A 24 -8.97 -5.04 0.37
CA TRP A 24 -10.32 -4.82 0.86
C TRP A 24 -10.98 -3.67 0.10
N LEU A 25 -10.55 -2.45 0.40
CA LEU A 25 -11.08 -1.24 -0.24
C LEU A 25 -11.73 -1.54 -1.58
N PHE A 26 -10.97 -2.13 -2.50
CA PHE A 26 -11.50 -2.46 -3.81
C PHE A 26 -12.40 -3.68 -3.74
N LYS A 27 -11.82 -4.82 -3.38
CA LYS A 27 -12.59 -6.06 -3.30
C LYS A 27 -13.90 -5.86 -2.53
N TYR A 28 -14.06 -4.71 -1.88
CA TYR A 28 -15.27 -4.43 -1.10
C TYR A 28 -16.05 -3.29 -1.74
N LEU A 29 -15.38 -2.17 -1.99
CA LEU A 29 -16.04 -1.01 -2.58
C LEU A 29 -16.08 -1.12 -4.10
N GLN A 30 -14.97 -1.56 -4.69
CA GLN A 30 -14.89 -1.70 -6.14
C GLN A 30 -15.67 -2.93 -6.60
N LYS A 31 -16.02 -3.79 -5.65
CA LYS A 31 -16.77 -5.00 -5.96
C LYS A 31 -18.12 -4.99 -5.22
N LYS A 32 -19.02 -4.12 -5.65
CA LYS A 32 -20.33 -4.02 -5.03
C LYS A 32 -21.36 -3.49 -6.02
N LYS A 1 22.46 6.74 -5.73
CA LYS A 1 21.31 7.11 -4.87
C LYS A 1 20.22 6.05 -5.01
N LYS A 2 19.04 6.34 -4.44
CA LYS A 2 17.92 5.41 -4.52
C LYS A 2 16.61 6.16 -4.67
N HIS A 3 16.22 6.88 -3.63
CA HIS A 3 14.98 7.64 -3.66
C HIS A 3 14.93 8.63 -2.49
N THR A 4 13.84 8.57 -1.73
CA THR A 4 13.66 9.45 -0.58
C THR A 4 13.50 8.63 0.70
N ILE A 5 12.33 8.75 1.33
CA ILE A 5 12.05 8.01 2.55
C ILE A 5 11.03 6.93 2.28
N TRP A 6 10.25 7.10 1.22
CA TRP A 6 9.23 6.11 0.86
C TRP A 6 9.80 4.70 0.98
N GLU A 7 10.87 4.44 0.25
CA GLU A 7 11.49 3.13 0.26
C GLU A 7 11.93 2.75 1.67
N VAL A 8 11.77 3.67 2.61
CA VAL A 8 12.15 3.42 4.00
C VAL A 8 10.91 3.26 4.88
N ILE A 9 9.87 4.04 4.58
CA ILE A 9 8.63 3.97 5.34
C ILE A 9 7.52 3.43 4.44
N ALA A 10 7.43 3.95 3.22
CA ALA A 10 6.41 3.48 2.28
C ALA A 10 6.73 2.08 1.81
N GLY A 11 7.82 1.93 1.07
CA GLY A 11 8.21 0.62 0.58
C GLY A 11 8.25 -0.36 1.75
N LEU A 12 8.20 0.19 2.95
CA LEU A 12 8.21 -0.63 4.15
C LEU A 12 6.80 -0.73 4.74
N VAL A 13 5.97 0.28 4.47
CA VAL A 13 4.60 0.29 4.97
C VAL A 13 3.60 0.18 3.82
N ALA A 14 3.71 1.08 2.85
CA ALA A 14 2.81 1.07 1.71
C ALA A 14 2.64 -0.36 1.21
N LEU A 15 3.74 -1.06 1.02
CA LEU A 15 3.68 -2.44 0.57
C LEU A 15 2.96 -3.30 1.60
N LEU A 16 3.08 -2.91 2.86
CA LEU A 16 2.43 -3.64 3.95
C LEU A 16 1.10 -2.99 4.31
N THR A 17 0.71 -1.98 3.54
CA THR A 17 -0.55 -1.28 3.78
C THR A 17 -1.40 -1.27 2.52
N PHE A 18 -0.86 -0.70 1.44
CA PHE A 18 -1.59 -0.63 0.17
C PHE A 18 -2.33 -1.93 -0.09
N LEU A 19 -1.62 -3.05 0.05
CA LEU A 19 -2.23 -4.36 -0.17
C LEU A 19 -3.19 -4.70 0.96
N ALA A 20 -2.72 -4.60 2.20
CA ALA A 20 -3.55 -4.91 3.35
C ALA A 20 -4.93 -4.30 3.19
N PHE A 21 -4.97 -2.99 2.95
CA PHE A 21 -6.24 -2.29 2.79
C PHE A 21 -6.78 -2.46 1.38
N GLY A 22 -5.87 -2.44 0.40
CA GLY A 22 -6.27 -2.60 -1.00
C GLY A 22 -7.10 -3.87 -1.18
N PHE A 23 -6.61 -4.97 -0.61
CA PHE A 23 -7.31 -6.24 -0.73
C PHE A 23 -8.75 -6.10 -0.28
N TRP A 24 -9.03 -5.01 0.43
CA TRP A 24 -10.38 -4.75 0.92
C TRP A 24 -11.02 -3.62 0.12
N LEU A 25 -10.57 -2.39 0.39
CA LEU A 25 -11.09 -1.20 -0.28
C LEU A 25 -11.74 -1.52 -1.62
N PHE A 26 -10.98 -2.15 -2.50
CA PHE A 26 -11.50 -2.51 -3.82
C PHE A 26 -12.44 -3.72 -3.72
N LYS A 27 -11.88 -4.86 -3.31
CA LYS A 27 -12.66 -6.09 -3.20
C LYS A 27 -13.96 -5.85 -2.44
N TYR A 28 -14.12 -4.67 -1.84
CA TYR A 28 -15.33 -4.35 -1.08
C TYR A 28 -16.10 -3.20 -1.74
N LEU A 29 -15.41 -2.11 -2.02
CA LEU A 29 -16.04 -0.96 -2.65
C LEU A 29 -16.08 -1.11 -4.17
N GLN A 30 -14.96 -1.55 -4.74
CA GLN A 30 -14.88 -1.74 -6.19
C GLN A 30 -15.68 -2.96 -6.62
N LYS A 31 -16.02 -3.81 -5.65
CA LYS A 31 -16.79 -5.01 -5.94
C LYS A 31 -18.16 -4.95 -5.26
N LYS A 32 -19.13 -4.36 -5.95
CA LYS A 32 -20.48 -4.23 -5.41
C LYS A 32 -21.51 -4.56 -6.47
N LYS A 1 20.23 8.23 -2.65
CA LYS A 1 20.99 7.03 -3.10
C LYS A 1 20.11 6.19 -4.01
N LYS A 2 18.81 6.15 -3.71
CA LYS A 2 17.86 5.38 -4.51
C LYS A 2 16.56 6.15 -4.69
N HIS A 3 16.15 6.87 -3.64
CA HIS A 3 14.93 7.64 -3.69
C HIS A 3 14.87 8.63 -2.53
N THR A 4 13.78 8.57 -1.76
CA THR A 4 13.60 9.45 -0.61
C THR A 4 13.45 8.63 0.67
N ILE A 5 12.29 8.75 1.30
CA ILE A 5 12.02 8.01 2.53
C ILE A 5 11.00 6.91 2.27
N TRP A 6 10.21 7.08 1.21
CA TRP A 6 9.20 6.09 0.86
C TRP A 6 9.77 4.69 0.97
N GLU A 7 10.84 4.42 0.24
CA GLU A 7 11.46 3.10 0.26
C GLU A 7 11.89 2.73 1.68
N VAL A 8 11.76 3.67 2.61
CA VAL A 8 12.14 3.42 4.00
C VAL A 8 10.89 3.25 4.87
N ILE A 9 9.85 4.02 4.57
CA ILE A 9 8.61 3.96 5.33
C ILE A 9 7.50 3.41 4.44
N ALA A 10 7.42 3.92 3.22
CA ALA A 10 6.39 3.46 2.29
C ALA A 10 6.71 2.05 1.82
N GLY A 11 7.80 1.90 1.08
CA GLY A 11 8.20 0.59 0.60
C GLY A 11 8.24 -0.39 1.75
N LEU A 12 8.18 0.17 2.96
CA LEU A 12 8.20 -0.64 4.17
C LEU A 12 6.79 -0.74 4.76
N VAL A 13 5.96 0.27 4.48
CA VAL A 13 4.59 0.27 4.99
C VAL A 13 3.60 0.18 3.85
N ALA A 14 3.70 1.10 2.90
CA ALA A 14 2.81 1.11 1.74
C ALA A 14 2.63 -0.32 1.22
N LEU A 15 3.74 -1.02 1.04
CA LEU A 15 3.68 -2.40 0.55
C LEU A 15 2.96 -3.26 1.58
N LEU A 16 3.10 -2.89 2.85
CA LEU A 16 2.46 -3.64 3.93
C LEU A 16 1.12 -2.99 4.30
N THR A 17 0.72 -1.99 3.52
CA THR A 17 -0.54 -1.30 3.78
C THR A 17 -1.40 -1.27 2.52
N PHE A 18 -0.87 -0.68 1.45
CA PHE A 18 -1.58 -0.60 0.18
C PHE A 18 -2.32 -1.91 -0.09
N LEU A 19 -1.62 -3.02 0.02
CA LEU A 19 -2.21 -4.33 -0.21
C LEU A 19 -3.17 -4.69 0.92
N ALA A 20 -2.70 -4.58 2.15
CA ALA A 20 -3.52 -4.91 3.31
C ALA A 20 -4.91 -4.29 3.17
N PHE A 21 -4.95 -2.98 2.96
CA PHE A 21 -6.22 -2.28 2.81
C PHE A 21 -6.76 -2.45 1.40
N GLY A 22 -5.87 -2.44 0.41
CA GLY A 22 -6.27 -2.59 -0.98
C GLY A 22 -7.09 -3.87 -1.17
N PHE A 23 -6.61 -4.97 -0.59
CA PHE A 23 -7.30 -6.23 -0.71
C PHE A 23 -8.75 -6.09 -0.26
N TRP A 24 -9.03 -4.99 0.44
CA TRP A 24 -10.38 -4.73 0.93
C TRP A 24 -11.02 -3.61 0.14
N LEU A 25 -10.57 -2.37 0.41
CA LEU A 25 -11.09 -1.17 -0.26
C LEU A 25 -11.73 -1.50 -1.61
N PHE A 26 -10.96 -2.13 -2.49
CA PHE A 26 -11.49 -2.49 -3.81
C PHE A 26 -12.41 -3.71 -3.71
N LYS A 27 -11.85 -4.84 -3.30
CA LYS A 27 -12.63 -6.07 -3.19
C LYS A 27 -13.94 -5.84 -2.44
N TYR A 28 -14.08 -4.66 -1.82
CA TYR A 28 -15.31 -4.35 -1.08
C TYR A 28 -16.07 -3.21 -1.74
N LEU A 29 -15.38 -2.12 -2.02
CA LEU A 29 -16.03 -0.97 -2.65
C LEU A 29 -16.05 -1.11 -4.18
N GLN A 30 -14.95 -1.58 -4.73
CA GLN A 30 -14.85 -1.77 -6.18
C GLN A 30 -15.65 -3.00 -6.62
N LYS A 31 -16.02 -3.83 -5.64
CA LYS A 31 -16.78 -5.04 -5.94
C LYS A 31 -18.13 -5.00 -5.22
N LYS A 32 -19.01 -4.13 -5.70
CA LYS A 32 -20.34 -3.99 -5.11
C LYS A 32 -21.35 -3.50 -6.14
N LYS A 1 21.44 5.90 -7.23
CA LYS A 1 20.16 6.60 -6.91
C LYS A 1 19.07 5.55 -6.68
N LYS A 2 18.53 5.54 -5.46
CA LYS A 2 17.48 4.58 -5.12
C LYS A 2 16.11 5.27 -5.13
N HIS A 3 15.83 6.02 -4.08
CA HIS A 3 14.56 6.73 -3.97
C HIS A 3 14.57 7.68 -2.77
N THR A 4 13.40 8.23 -2.45
CA THR A 4 13.30 9.15 -1.32
C THR A 4 13.26 8.38 -0.01
N ILE A 5 12.10 8.37 0.65
CA ILE A 5 11.94 7.67 1.90
C ILE A 5 10.85 6.61 1.78
N TRP A 6 9.92 6.85 0.85
CA TRP A 6 8.84 5.90 0.64
C TRP A 6 9.37 4.47 0.68
N GLU A 7 10.21 4.12 -0.29
CA GLU A 7 10.79 2.78 -0.34
C GLU A 7 11.34 2.37 1.03
N VAL A 8 11.50 3.34 1.92
CA VAL A 8 12.03 3.04 3.26
C VAL A 8 10.89 2.91 4.27
N ILE A 9 9.88 3.77 4.16
CA ILE A 9 8.75 3.74 5.07
C ILE A 9 7.50 3.26 4.33
N ALA A 10 7.26 3.80 3.15
CA ALA A 10 6.11 3.41 2.36
C ALA A 10 6.29 1.98 1.85
N GLY A 11 7.25 1.78 0.97
CA GLY A 11 7.52 0.46 0.44
C GLY A 11 7.65 -0.54 1.59
N LEU A 12 7.80 0.01 2.80
CA LEU A 12 7.93 -0.81 3.99
C LEU A 12 6.62 -0.83 4.76
N VAL A 13 5.79 0.20 4.58
CA VAL A 13 4.50 0.27 5.27
C VAL A 13 3.36 0.13 4.28
N ALA A 14 3.36 0.96 3.24
CA ALA A 14 2.31 0.91 2.23
C ALA A 14 2.01 -0.55 1.86
N LEU A 15 3.07 -1.31 1.57
CA LEU A 15 2.91 -2.70 1.23
C LEU A 15 2.28 -3.45 2.39
N LEU A 16 2.58 -2.99 3.59
CA LEU A 16 2.05 -3.60 4.80
C LEU A 16 0.81 -2.85 5.27
N THR A 17 0.36 -1.89 4.46
CA THR A 17 -0.83 -1.10 4.80
C THR A 17 -1.65 -0.84 3.55
N PHE A 18 -1.16 0.05 2.69
CA PHE A 18 -1.87 0.39 1.47
C PHE A 18 -2.37 -0.87 0.77
N LEU A 19 -1.48 -1.85 0.62
CA LEU A 19 -1.84 -3.11 -0.03
C LEU A 19 -2.72 -3.95 0.88
N ALA A 20 -2.28 -4.14 2.13
CA ALA A 20 -3.04 -4.93 3.09
C ALA A 20 -4.53 -4.57 3.03
N PHE A 21 -4.82 -3.28 3.19
CA PHE A 21 -6.20 -2.81 3.16
C PHE A 21 -6.68 -2.62 1.72
N GLY A 22 -5.78 -2.14 0.87
CA GLY A 22 -6.12 -1.93 -0.54
C GLY A 22 -6.69 -3.20 -1.16
N PHE A 23 -6.01 -4.32 -0.92
CA PHE A 23 -6.45 -5.59 -1.47
C PHE A 23 -7.91 -5.84 -1.10
N TRP A 24 -8.40 -5.10 -0.12
CA TRP A 24 -9.78 -5.25 0.33
C TRP A 24 -10.61 -4.06 -0.13
N LEU A 25 -10.41 -2.92 0.54
CA LEU A 25 -11.13 -1.68 0.23
C LEU A 25 -11.70 -1.69 -1.18
N PHE A 26 -10.81 -1.86 -2.16
CA PHE A 26 -11.25 -1.87 -3.56
C PHE A 26 -11.93 -3.20 -3.90
N LYS A 27 -11.17 -4.28 -3.83
CA LYS A 27 -11.70 -5.60 -4.16
C LYS A 27 -13.04 -5.85 -3.46
N TYR A 28 -13.41 -4.98 -2.53
CA TYR A 28 -14.67 -5.13 -1.80
C TYR A 28 -15.64 -4.00 -2.14
N LEU A 29 -15.16 -2.76 -2.02
CA LEU A 29 -16.01 -1.61 -2.30
C LEU A 29 -15.99 -1.27 -3.79
N GLN A 30 -14.81 -1.33 -4.39
CA GLN A 30 -14.67 -1.02 -5.81
C GLN A 30 -15.21 -2.17 -6.66
N LYS A 31 -15.43 -3.32 -6.02
CA LYS A 31 -15.94 -4.50 -6.70
C LYS A 31 -17.28 -4.92 -6.10
N LYS A 32 -18.30 -4.11 -6.32
CA LYS A 32 -19.63 -4.40 -5.79
C LYS A 32 -20.71 -3.78 -6.65
N LYS A 1 20.20 7.12 -2.37
CA LYS A 1 19.87 7.96 -3.55
C LYS A 1 18.78 7.29 -4.38
N LYS A 2 18.47 6.05 -4.02
CA LYS A 2 17.44 5.31 -4.74
C LYS A 2 16.19 6.17 -4.95
N HIS A 3 15.76 6.83 -3.89
CA HIS A 3 14.58 7.69 -3.96
C HIS A 3 14.55 8.66 -2.79
N THR A 4 13.48 8.61 -2.00
CA THR A 4 13.34 9.48 -0.84
C THR A 4 13.24 8.67 0.44
N ILE A 5 12.09 8.78 1.11
CA ILE A 5 11.87 8.05 2.35
C ILE A 5 10.87 6.92 2.13
N TRP A 6 10.06 7.06 1.09
CA TRP A 6 9.07 6.04 0.79
C TRP A 6 9.67 4.64 0.94
N GLU A 7 10.62 4.31 0.09
CA GLU A 7 11.27 3.02 0.15
C GLU A 7 11.73 2.69 1.57
N VAL A 8 11.67 3.68 2.46
CA VAL A 8 12.09 3.48 3.85
C VAL A 8 10.88 3.31 4.77
N ILE A 9 9.80 4.04 4.48
CA ILE A 9 8.59 3.96 5.27
C ILE A 9 7.47 3.38 4.42
N ALA A 10 7.34 3.85 3.19
CA ALA A 10 6.31 3.36 2.29
C ALA A 10 6.62 1.94 1.87
N GLY A 11 7.69 1.77 1.09
CA GLY A 11 8.09 0.44 0.65
C GLY A 11 8.16 -0.49 1.85
N LEU A 12 8.15 0.11 3.03
CA LEU A 12 8.20 -0.65 4.27
C LEU A 12 6.80 -0.75 4.88
N VAL A 13 5.95 0.23 4.58
CA VAL A 13 4.59 0.25 5.11
C VAL A 13 3.58 0.14 3.97
N ALA A 14 3.64 1.08 3.04
CA ALA A 14 2.72 1.08 1.91
C ALA A 14 2.56 -0.34 1.37
N LEU A 15 3.68 -1.05 1.25
CA LEU A 15 3.63 -2.42 0.76
C LEU A 15 2.94 -3.31 1.78
N LEU A 16 3.10 -2.98 3.05
CA LEU A 16 2.48 -3.74 4.13
C LEU A 16 1.12 -3.14 4.48
N THR A 17 0.75 -2.09 3.75
CA THR A 17 -0.54 -1.43 3.98
C THR A 17 -1.38 -1.46 2.71
N PHE A 18 -0.89 -0.82 1.66
CA PHE A 18 -1.60 -0.78 0.39
C PHE A 18 -2.17 -2.16 0.05
N LEU A 19 -1.38 -3.19 0.28
CA LEU A 19 -1.82 -4.56 -0.02
C LEU A 19 -2.82 -5.05 1.02
N ALA A 20 -2.81 -4.41 2.19
CA ALA A 20 -3.73 -4.80 3.26
C ALA A 20 -5.05 -4.07 3.12
N PHE A 21 -4.97 -2.76 2.91
CA PHE A 21 -6.18 -1.94 2.76
C PHE A 21 -6.71 -2.03 1.33
N GLY A 22 -5.80 -2.17 0.38
CA GLY A 22 -6.19 -2.27 -1.02
C GLY A 22 -6.95 -3.57 -1.28
N PHE A 23 -6.37 -4.69 -0.85
CA PHE A 23 -7.01 -5.97 -1.05
C PHE A 23 -8.47 -5.92 -0.62
N TRP A 24 -8.77 -4.99 0.28
CA TRP A 24 -10.14 -4.84 0.77
C TRP A 24 -10.86 -3.70 0.04
N LEU A 25 -10.42 -2.48 0.31
CA LEU A 25 -11.01 -1.27 -0.29
C LEU A 25 -11.70 -1.58 -1.62
N PHE A 26 -10.94 -2.11 -2.57
CA PHE A 26 -11.49 -2.44 -3.88
C PHE A 26 -12.42 -3.64 -3.80
N LYS A 27 -11.86 -4.80 -3.46
CA LYS A 27 -12.64 -6.03 -3.37
C LYS A 27 -13.92 -5.85 -2.56
N TYR A 28 -14.07 -4.69 -1.92
CA TYR A 28 -15.27 -4.43 -1.11
C TYR A 28 -16.04 -3.23 -1.68
N LEU A 29 -15.32 -2.15 -1.97
CA LEU A 29 -15.97 -0.96 -2.51
C LEU A 29 -16.05 -1.02 -4.03
N GLN A 30 -14.98 -1.48 -4.66
CA GLN A 30 -14.95 -1.59 -6.12
C GLN A 30 -15.77 -2.79 -6.59
N LYS A 31 -16.12 -3.66 -5.64
CA LYS A 31 -16.91 -4.84 -5.95
C LYS A 31 -18.32 -4.73 -5.38
N LYS A 32 -18.41 -4.19 -4.16
CA LYS A 32 -19.69 -4.02 -3.51
C LYS A 32 -20.53 -5.29 -3.62
N LYS A 1 21.13 8.47 -1.81
CA LYS A 1 21.48 7.46 -2.85
C LYS A 1 20.20 6.97 -3.53
N LYS A 2 19.49 6.08 -2.86
CA LYS A 2 18.25 5.53 -3.41
C LYS A 2 17.12 6.55 -3.30
N HIS A 3 15.89 6.08 -3.44
CA HIS A 3 14.73 6.97 -3.35
C HIS A 3 14.79 7.81 -2.08
N THR A 4 13.73 8.57 -1.84
CA THR A 4 13.67 9.42 -0.65
C THR A 4 13.53 8.58 0.61
N ILE A 5 12.38 8.69 1.27
CA ILE A 5 12.14 7.93 2.49
C ILE A 5 11.07 6.86 2.24
N TRP A 6 10.28 7.07 1.20
CA TRP A 6 9.23 6.11 0.86
C TRP A 6 9.76 4.68 0.95
N GLU A 7 10.80 4.40 0.18
CA GLU A 7 11.38 3.06 0.18
C GLU A 7 11.82 2.65 1.59
N VAL A 8 11.77 3.60 2.52
CA VAL A 8 12.17 3.32 3.90
C VAL A 8 10.94 3.17 4.79
N ILE A 9 9.90 3.97 4.54
CA ILE A 9 8.68 3.92 5.32
C ILE A 9 7.55 3.39 4.45
N ALA A 10 7.44 3.91 3.24
CA ALA A 10 6.40 3.47 2.31
C ALA A 10 6.68 2.05 1.84
N GLY A 11 7.75 1.90 1.07
CA GLY A 11 8.12 0.57 0.57
C GLY A 11 8.16 -0.41 1.74
N LEU A 12 8.16 0.15 2.95
CA LEU A 12 8.18 -0.67 4.15
C LEU A 12 6.78 -0.75 4.77
N VAL A 13 5.96 0.27 4.50
CA VAL A 13 4.60 0.29 5.03
C VAL A 13 3.58 0.24 3.90
N ALA A 14 3.68 1.17 2.96
CA ALA A 14 2.77 1.20 1.83
C ALA A 14 2.56 -0.21 1.29
N LEU A 15 3.65 -0.94 1.11
CA LEU A 15 3.57 -2.31 0.60
C LEU A 15 2.84 -3.17 1.62
N LEU A 16 3.01 -2.83 2.90
CA LEU A 16 2.38 -3.58 3.98
C LEU A 16 1.04 -2.94 4.35
N THR A 17 0.67 -1.90 3.62
CA THR A 17 -0.58 -1.20 3.88
C THR A 17 -1.45 -1.17 2.62
N PHE A 18 -0.93 -0.54 1.56
CA PHE A 18 -1.66 -0.45 0.30
C PHE A 18 -2.36 -1.77 -0.01
N LEU A 19 -1.62 -2.87 0.09
CA LEU A 19 -2.19 -4.19 -0.19
C LEU A 19 -3.13 -4.61 0.93
N ALA A 20 -2.65 -4.55 2.17
CA ALA A 20 -3.46 -4.93 3.32
C ALA A 20 -4.88 -4.35 3.19
N PHE A 21 -4.96 -3.05 3.01
CA PHE A 21 -6.26 -2.38 2.88
C PHE A 21 -6.79 -2.52 1.45
N GLY A 22 -5.89 -2.41 0.48
CA GLY A 22 -6.29 -2.53 -0.92
C GLY A 22 -7.07 -3.81 -1.16
N PHE A 23 -6.55 -4.92 -0.65
CA PHE A 23 -7.20 -6.21 -0.81
C PHE A 23 -8.67 -6.12 -0.37
N TRP A 24 -8.98 -5.08 0.38
CA TRP A 24 -10.34 -4.87 0.86
C TRP A 24 -11.01 -3.73 0.11
N LEU A 25 -10.57 -2.51 0.42
CA LEU A 25 -11.12 -1.29 -0.20
C LEU A 25 -11.75 -1.59 -1.56
N PHE A 26 -10.96 -2.13 -2.47
CA PHE A 26 -11.47 -2.45 -3.80
C PHE A 26 -12.37 -3.68 -3.76
N LYS A 27 -11.81 -4.81 -3.37
CA LYS A 27 -12.55 -6.06 -3.30
C LYS A 27 -13.87 -5.89 -2.53
N TYR A 28 -14.06 -4.72 -1.92
CA TYR A 28 -15.30 -4.46 -1.16
C TYR A 28 -16.06 -3.29 -1.76
N LEU A 29 -15.37 -2.20 -2.05
CA LEU A 29 -16.01 -1.01 -2.61
C LEU A 29 -16.04 -1.09 -4.14
N GLN A 30 -14.97 -1.60 -4.72
CA GLN A 30 -14.88 -1.71 -6.17
C GLN A 30 -15.62 -2.95 -6.66
N LYS A 31 -15.96 -3.84 -5.73
CA LYS A 31 -16.67 -5.08 -6.07
C LYS A 31 -18.06 -5.10 -5.44
N LYS A 32 -18.13 -4.67 -4.18
CA LYS A 32 -19.41 -4.66 -3.46
C LYS A 32 -20.22 -5.91 -3.78
N LYS A 1 21.37 5.54 -4.87
CA LYS A 1 20.61 4.35 -5.39
C LYS A 1 19.47 4.04 -4.43
N LYS A 2 18.90 5.08 -3.83
CA LYS A 2 17.79 4.91 -2.90
C LYS A 2 16.80 6.06 -3.02
N HIS A 3 15.53 5.73 -3.10
CA HIS A 3 14.48 6.76 -3.22
C HIS A 3 14.48 7.65 -1.98
N THR A 4 13.52 8.56 -1.93
CA THR A 4 13.41 9.48 -0.79
C THR A 4 13.30 8.69 0.51
N ILE A 5 12.11 8.75 1.12
CA ILE A 5 11.87 8.04 2.37
C ILE A 5 10.88 6.92 2.15
N TRP A 6 10.06 7.05 1.11
CA TRP A 6 9.07 6.02 0.80
C TRP A 6 9.68 4.64 0.96
N GLU A 7 10.63 4.32 0.11
CA GLU A 7 11.29 3.01 0.16
C GLU A 7 11.72 2.69 1.60
N VAL A 8 11.70 3.68 2.47
CA VAL A 8 12.09 3.47 3.87
C VAL A 8 10.87 3.29 4.76
N ILE A 9 9.81 4.06 4.49
CA ILE A 9 8.58 3.98 5.27
C ILE A 9 7.48 3.39 4.42
N ALA A 10 7.36 3.87 3.19
CA ALA A 10 6.33 3.37 2.28
C ALA A 10 6.65 1.94 1.86
N GLY A 11 7.72 1.79 1.09
CA GLY A 11 8.12 0.46 0.65
C GLY A 11 8.20 -0.48 1.84
N LEU A 12 8.17 0.12 3.03
CA LEU A 12 8.22 -0.65 4.25
C LEU A 12 6.83 -0.75 4.87
N VAL A 13 5.98 0.23 4.57
CA VAL A 13 4.61 0.24 5.10
C VAL A 13 3.60 0.15 3.97
N ALA A 14 3.67 1.08 3.03
CA ALA A 14 2.75 1.08 1.90
C ALA A 14 2.58 -0.34 1.37
N LEU A 15 3.68 -1.07 1.28
CA LEU A 15 3.63 -2.45 0.80
C LEU A 15 2.91 -3.33 1.82
N LEU A 16 3.09 -2.98 3.10
CA LEU A 16 2.45 -3.72 4.18
C LEU A 16 1.09 -3.12 4.50
N THR A 17 0.74 -2.06 3.77
CA THR A 17 -0.54 -1.39 3.97
C THR A 17 -1.38 -1.42 2.70
N PHE A 18 -0.87 -0.79 1.64
CA PHE A 18 -1.58 -0.76 0.37
C PHE A 18 -2.14 -2.13 0.03
N LEU A 19 -1.36 -3.17 0.26
CA LEU A 19 -1.79 -4.53 -0.03
C LEU A 19 -2.81 -5.01 1.00
N ALA A 20 -2.81 -4.38 2.17
CA ALA A 20 -3.74 -4.75 3.23
C ALA A 20 -5.06 -4.02 3.07
N PHE A 21 -4.97 -2.71 2.86
CA PHE A 21 -6.18 -1.90 2.69
C PHE A 21 -6.69 -2.00 1.26
N GLY A 22 -5.77 -2.08 0.31
CA GLY A 22 -6.14 -2.19 -1.10
C GLY A 22 -6.92 -3.48 -1.35
N PHE A 23 -6.34 -4.60 -0.93
CA PHE A 23 -6.99 -5.89 -1.13
C PHE A 23 -8.46 -5.81 -0.74
N TRP A 24 -8.75 -5.06 0.32
CA TRP A 24 -10.12 -4.91 0.79
C TRP A 24 -10.84 -3.78 0.03
N LEU A 25 -10.38 -2.55 0.27
CA LEU A 25 -10.98 -1.36 -0.37
C LEU A 25 -11.68 -1.70 -1.68
N PHE A 26 -10.95 -2.29 -2.61
CA PHE A 26 -11.51 -2.62 -3.91
C PHE A 26 -12.51 -3.78 -3.82
N LYS A 27 -12.02 -4.96 -3.45
CA LYS A 27 -12.87 -6.14 -3.36
C LYS A 27 -14.09 -5.90 -2.47
N TYR A 28 -14.19 -4.72 -1.88
CA TYR A 28 -15.33 -4.40 -1.01
C TYR A 28 -16.06 -3.17 -1.54
N LEU A 29 -15.30 -2.17 -1.96
CA LEU A 29 -15.90 -0.94 -2.48
C LEU A 29 -16.01 -1.00 -4.00
N GLN A 30 -15.00 -1.57 -4.64
CA GLN A 30 -14.99 -1.68 -6.10
C GLN A 30 -15.82 -2.88 -6.55
N LYS A 31 -16.23 -3.71 -5.57
CA LYS A 31 -17.02 -4.89 -5.87
C LYS A 31 -18.37 -4.81 -5.15
N LYS A 32 -19.24 -3.92 -5.63
CA LYS A 32 -20.54 -3.75 -5.02
C LYS A 32 -21.54 -3.16 -6.01
N LYS A 1 22.15 8.64 -2.19
CA LYS A 1 20.77 9.16 -1.96
C LYS A 1 19.78 8.31 -2.75
N LYS A 2 19.23 7.29 -2.10
CA LYS A 2 18.27 6.41 -2.76
C LYS A 2 16.86 6.98 -2.64
N HIS A 3 16.23 7.23 -3.78
CA HIS A 3 14.87 7.77 -3.79
C HIS A 3 14.69 8.82 -2.70
N THR A 4 13.64 8.66 -1.90
CA THR A 4 13.37 9.59 -0.81
C THR A 4 13.26 8.83 0.52
N ILE A 5 12.04 8.76 1.04
CA ILE A 5 11.80 8.06 2.31
C ILE A 5 10.82 6.92 2.09
N TRP A 6 9.99 7.04 1.06
CA TRP A 6 9.01 6.00 0.75
C TRP A 6 9.65 4.62 0.92
N GLU A 7 10.63 4.31 0.09
CA GLU A 7 11.29 3.01 0.15
C GLU A 7 11.73 2.69 1.57
N VAL A 8 11.68 3.70 2.45
CA VAL A 8 12.08 3.50 3.85
C VAL A 8 10.87 3.32 4.74
N ILE A 9 9.80 4.08 4.47
CA ILE A 9 8.57 3.98 5.25
C ILE A 9 7.46 3.39 4.40
N ALA A 10 7.33 3.86 3.18
CA ALA A 10 6.30 3.36 2.28
C ALA A 10 6.63 1.93 1.85
N GLY A 11 7.70 1.78 1.07
CA GLY A 11 8.11 0.46 0.63
C GLY A 11 8.19 -0.48 1.82
N LEU A 12 8.17 0.11 3.01
CA LEU A 12 8.23 -0.65 4.23
C LEU A 12 6.84 -0.76 4.85
N VAL A 13 5.98 0.22 4.57
CA VAL A 13 4.62 0.22 5.11
C VAL A 13 3.60 0.12 3.98
N ALA A 14 3.67 1.04 3.02
CA ALA A 14 2.74 1.02 1.90
C ALA A 14 2.57 -0.40 1.38
N LEU A 15 3.68 -1.13 1.29
CA LEU A 15 3.61 -2.51 0.82
C LEU A 15 2.90 -3.37 1.84
N LEU A 16 3.08 -3.03 3.11
CA LEU A 16 2.44 -3.76 4.20
C LEU A 16 1.07 -3.16 4.52
N THR A 17 0.74 -2.07 3.81
CA THR A 17 -0.55 -1.40 4.02
C THR A 17 -1.38 -1.46 2.74
N PHE A 18 -0.88 -0.82 1.68
CA PHE A 18 -1.60 -0.81 0.41
C PHE A 18 -2.16 -2.19 0.08
N LEU A 19 -1.34 -3.23 0.32
CA LEU A 19 -1.78 -4.60 0.03
C LEU A 19 -2.79 -5.07 1.07
N ALA A 20 -2.80 -4.42 2.22
CA ALA A 20 -3.73 -4.80 3.28
C ALA A 20 -5.06 -4.06 3.11
N PHE A 21 -4.97 -2.76 2.90
CA PHE A 21 -6.17 -1.94 2.72
C PHE A 21 -6.68 -2.06 1.29
N GLY A 22 -5.76 -2.09 0.34
CA GLY A 22 -6.12 -2.21 -1.07
C GLY A 22 -6.89 -3.49 -1.33
N PHE A 23 -6.33 -4.61 -0.90
CA PHE A 23 -6.97 -5.90 -1.10
C PHE A 23 -8.44 -5.83 -0.71
N TRP A 24 -8.75 -5.01 0.29
CA TRP A 24 -10.12 -4.86 0.76
C TRP A 24 -10.83 -3.74 0.01
N LEU A 25 -10.37 -2.51 0.25
CA LEU A 25 -10.96 -1.32 -0.38
C LEU A 25 -11.65 -1.64 -1.70
N PHE A 26 -10.92 -2.26 -2.62
CA PHE A 26 -11.48 -2.60 -3.93
C PHE A 26 -12.49 -3.75 -3.82
N LYS A 27 -12.00 -4.93 -3.46
CA LYS A 27 -12.86 -6.11 -3.36
C LYS A 27 -14.08 -5.87 -2.47
N TYR A 28 -14.19 -4.68 -1.90
CA TYR A 28 -15.32 -4.34 -1.04
C TYR A 28 -16.06 -3.11 -1.57
N LEU A 29 -15.30 -2.10 -1.98
CA LEU A 29 -15.88 -0.88 -2.51
C LEU A 29 -15.99 -0.94 -4.04
N GLN A 30 -14.97 -1.51 -4.67
CA GLN A 30 -14.96 -1.63 -6.13
C GLN A 30 -15.80 -2.83 -6.56
N LYS A 31 -16.21 -3.64 -5.59
CA LYS A 31 -17.01 -4.83 -5.87
C LYS A 31 -18.35 -4.72 -5.15
N LYS A 32 -19.20 -3.82 -5.62
CA LYS A 32 -20.51 -3.63 -5.01
C LYS A 32 -21.50 -3.04 -6.02
N LYS A 1 19.90 4.12 -6.68
CA LYS A 1 19.88 5.45 -6.00
C LYS A 1 18.88 5.42 -4.86
N LYS A 2 18.01 4.42 -4.87
CA LYS A 2 16.99 4.29 -3.83
C LYS A 2 16.09 5.52 -3.77
N HIS A 3 14.79 5.30 -3.92
CA HIS A 3 13.84 6.40 -3.90
C HIS A 3 14.03 7.25 -2.65
N THR A 4 13.16 8.24 -2.48
CA THR A 4 13.25 9.14 -1.32
C THR A 4 13.22 8.33 -0.03
N ILE A 5 12.11 8.42 0.69
CA ILE A 5 11.97 7.69 1.95
C ILE A 5 10.88 6.63 1.81
N TRP A 6 9.95 6.86 0.90
CA TRP A 6 8.87 5.90 0.67
C TRP A 6 9.41 4.48 0.71
N GLU A 7 10.20 4.12 -0.29
CA GLU A 7 10.76 2.79 -0.35
C GLU A 7 11.34 2.37 1.01
N VAL A 8 11.52 3.34 1.91
CA VAL A 8 12.06 3.05 3.23
C VAL A 8 10.94 2.91 4.26
N ILE A 9 9.91 3.75 4.15
CA ILE A 9 8.79 3.70 5.08
C ILE A 9 7.54 3.23 4.34
N ALA A 10 7.31 3.78 3.15
CA ALA A 10 6.15 3.38 2.37
C ALA A 10 6.30 1.96 1.86
N GLY A 11 7.28 1.76 0.97
CA GLY A 11 7.52 0.43 0.44
C GLY A 11 7.65 -0.56 1.60
N LEU A 12 7.81 -0.01 2.81
CA LEU A 12 7.94 -0.82 3.99
C LEU A 12 6.62 -0.85 4.76
N VAL A 13 5.80 0.19 4.59
CA VAL A 13 4.52 0.26 5.28
C VAL A 13 3.37 0.13 4.28
N ALA A 14 3.39 0.96 3.25
CA ALA A 14 2.33 0.92 2.25
C ALA A 14 2.03 -0.53 1.87
N LEU A 15 3.07 -1.29 1.57
CA LEU A 15 2.89 -2.69 1.22
C LEU A 15 2.27 -3.44 2.39
N LEU A 16 2.57 -2.97 3.59
CA LEU A 16 2.03 -3.57 4.80
C LEU A 16 0.79 -2.82 5.26
N THR A 17 0.35 -1.87 4.45
CA THR A 17 -0.83 -1.08 4.78
C THR A 17 -1.65 -0.79 3.52
N PHE A 18 -1.15 0.10 2.68
CA PHE A 18 -1.83 0.45 1.44
C PHE A 18 -2.34 -0.80 0.73
N LEU A 19 -1.49 -1.81 0.65
CA LEU A 19 -1.85 -3.06 -0.01
C LEU A 19 -2.74 -3.91 0.92
N ALA A 20 -2.28 -4.10 2.15
CA ALA A 20 -3.04 -4.88 3.11
C ALA A 20 -4.52 -4.55 3.06
N PHE A 21 -4.84 -3.27 3.21
CA PHE A 21 -6.23 -2.82 3.16
C PHE A 21 -6.69 -2.63 1.73
N GLY A 22 -5.81 -2.12 0.88
CA GLY A 22 -6.15 -1.90 -0.52
C GLY A 22 -6.70 -3.18 -1.14
N PHE A 23 -6.02 -4.30 -0.90
CA PHE A 23 -6.45 -5.57 -1.45
C PHE A 23 -7.91 -5.84 -1.09
N TRP A 24 -8.41 -5.11 -0.10
CA TRP A 24 -9.79 -5.27 0.33
C TRP A 24 -10.63 -4.08 -0.12
N LEU A 25 -10.43 -2.94 0.54
CA LEU A 25 -11.17 -1.71 0.23
C LEU A 25 -11.72 -1.71 -1.19
N PHE A 26 -10.84 -1.87 -2.17
CA PHE A 26 -11.26 -1.89 -3.56
C PHE A 26 -11.93 -3.22 -3.90
N LYS A 27 -11.17 -4.30 -3.85
CA LYS A 27 -11.69 -5.62 -4.18
C LYS A 27 -13.03 -5.88 -3.48
N TYR A 28 -13.42 -5.00 -2.55
CA TYR A 28 -14.68 -5.17 -1.83
C TYR A 28 -15.65 -4.04 -2.16
N LEU A 29 -15.18 -2.81 -2.03
CA LEU A 29 -16.02 -1.64 -2.31
C LEU A 29 -16.00 -1.30 -3.80
N GLN A 30 -14.81 -1.31 -4.39
CA GLN A 30 -14.67 -1.00 -5.80
C GLN A 30 -15.25 -2.12 -6.67
N LYS A 31 -15.43 -3.30 -6.06
CA LYS A 31 -15.97 -4.45 -6.77
C LYS A 31 -17.39 -4.75 -6.31
N LYS A 32 -17.60 -4.74 -5.00
CA LYS A 32 -18.92 -5.02 -4.44
C LYS A 32 -19.49 -6.31 -5.01
N LYS A 1 21.87 7.61 -5.59
CA LYS A 1 20.60 8.23 -6.04
C LYS A 1 19.51 7.16 -6.12
N LYS A 2 19.02 6.75 -4.97
CA LYS A 2 17.97 5.73 -4.92
C LYS A 2 16.59 6.37 -4.98
N HIS A 3 16.20 7.01 -3.88
CA HIS A 3 14.90 7.66 -3.80
C HIS A 3 14.86 8.65 -2.65
N THR A 4 13.85 8.53 -1.80
CA THR A 4 13.70 9.41 -0.64
C THR A 4 13.56 8.59 0.64
N ILE A 5 12.38 8.66 1.25
CA ILE A 5 12.11 7.93 2.48
C ILE A 5 11.06 6.86 2.23
N TRP A 6 10.26 7.04 1.18
CA TRP A 6 9.23 6.08 0.85
C TRP A 6 9.77 4.66 0.94
N GLU A 7 10.83 4.38 0.19
CA GLU A 7 11.42 3.04 0.19
C GLU A 7 11.87 2.65 1.59
N VAL A 8 11.77 3.59 2.53
CA VAL A 8 12.17 3.33 3.91
C VAL A 8 10.93 3.18 4.81
N ILE A 9 9.90 3.98 4.53
CA ILE A 9 8.68 3.92 5.32
C ILE A 9 7.54 3.41 4.44
N ALA A 10 7.43 3.93 3.23
CA ALA A 10 6.39 3.49 2.30
C ALA A 10 6.68 2.07 1.83
N GLY A 11 7.76 1.92 1.06
CA GLY A 11 8.13 0.60 0.57
C GLY A 11 8.16 -0.38 1.73
N LEU A 12 8.14 0.16 2.94
CA LEU A 12 8.18 -0.65 4.14
C LEU A 12 6.78 -0.73 4.76
N VAL A 13 5.95 0.28 4.49
CA VAL A 13 4.59 0.31 5.02
C VAL A 13 3.57 0.24 3.89
N ALA A 14 3.68 1.16 2.94
CA ALA A 14 2.77 1.18 1.81
C ALA A 14 2.55 -0.23 1.29
N LEU A 15 3.64 -0.97 1.11
CA LEU A 15 3.54 -2.33 0.62
C LEU A 15 2.82 -3.19 1.65
N LEU A 16 2.98 -2.84 2.92
CA LEU A 16 2.33 -3.57 4.01
C LEU A 16 1.00 -2.92 4.37
N THR A 17 0.64 -1.87 3.63
CA THR A 17 -0.61 -1.16 3.87
C THR A 17 -1.48 -1.15 2.60
N PHE A 18 -0.94 -0.53 1.54
CA PHE A 18 -1.66 -0.46 0.28
C PHE A 18 -2.37 -1.78 -0.01
N LEU A 19 -1.63 -2.88 0.08
CA LEU A 19 -2.19 -4.20 -0.18
C LEU A 19 -3.14 -4.61 0.94
N ALA A 20 -2.66 -4.54 2.16
CA ALA A 20 -3.49 -4.91 3.31
C ALA A 20 -4.89 -4.33 3.18
N PHE A 21 -4.98 -3.02 2.99
CA PHE A 21 -6.28 -2.36 2.85
C PHE A 21 -6.80 -2.51 1.42
N GLY A 22 -5.90 -2.42 0.45
CA GLY A 22 -6.29 -2.54 -0.95
C GLY A 22 -7.07 -3.82 -1.18
N PHE A 23 -6.55 -4.93 -0.66
CA PHE A 23 -7.21 -6.22 -0.82
C PHE A 23 -8.67 -6.13 -0.39
N TRP A 24 -8.98 -5.08 0.37
CA TRP A 24 -10.34 -4.87 0.86
C TRP A 24 -11.00 -3.73 0.09
N LEU A 25 -10.59 -2.51 0.41
CA LEU A 25 -11.13 -1.30 -0.21
C LEU A 25 -11.76 -1.60 -1.58
N PHE A 26 -10.97 -2.16 -2.48
CA PHE A 26 -11.48 -2.49 -3.81
C PHE A 26 -12.38 -3.72 -3.76
N LYS A 27 -11.79 -4.86 -3.42
CA LYS A 27 -12.54 -6.11 -3.36
C LYS A 27 -13.86 -5.93 -2.61
N TYR A 28 -14.03 -4.78 -1.94
CA TYR A 28 -15.26 -4.52 -1.19
C TYR A 28 -16.01 -3.32 -1.77
N LEU A 29 -15.31 -2.22 -1.96
CA LEU A 29 -15.92 -1.01 -2.50
C LEU A 29 -15.97 -1.04 -4.02
N GLN A 30 -14.95 -1.65 -4.63
CA GLN A 30 -14.90 -1.72 -6.09
C GLN A 30 -15.68 -2.94 -6.59
N LYS A 31 -16.05 -3.82 -5.68
CA LYS A 31 -16.81 -5.02 -6.04
C LYS A 31 -18.21 -4.98 -5.43
N LYS A 32 -19.00 -4.00 -5.83
CA LYS A 32 -20.37 -3.86 -5.31
C LYS A 32 -21.32 -3.45 -6.43
N LYS A 1 21.13 8.11 -0.24
CA LYS A 1 20.49 9.08 -1.18
C LYS A 1 19.41 8.36 -1.98
N LYS A 2 19.34 7.04 -1.83
CA LYS A 2 18.36 6.25 -2.55
C LYS A 2 16.97 6.88 -2.44
N HIS A 3 16.40 7.23 -3.59
CA HIS A 3 15.07 7.85 -3.62
C HIS A 3 14.93 8.86 -2.48
N THR A 4 13.91 8.70 -1.66
CA THR A 4 13.66 9.59 -0.53
C THR A 4 13.52 8.79 0.76
N ILE A 5 12.29 8.75 1.28
CA ILE A 5 12.02 8.02 2.52
C ILE A 5 11.00 6.91 2.26
N TRP A 6 10.20 7.08 1.20
CA TRP A 6 9.21 6.09 0.86
C TRP A 6 9.79 4.67 0.98
N GLU A 7 10.81 4.39 0.17
CA GLU A 7 11.44 3.07 0.21
C GLU A 7 11.87 2.70 1.62
N VAL A 8 11.77 3.66 2.55
CA VAL A 8 12.16 3.42 3.93
C VAL A 8 10.92 3.24 4.81
N ILE A 9 9.87 4.02 4.54
CA ILE A 9 8.63 3.94 5.30
C ILE A 9 7.52 3.40 4.41
N ALA A 10 7.43 3.92 3.19
CA ALA A 10 6.40 3.46 2.26
C ALA A 10 6.71 2.04 1.80
N GLY A 11 7.79 1.89 1.04
CA GLY A 11 8.18 0.58 0.55
C GLY A 11 8.21 -0.40 1.72
N LEU A 12 8.18 0.15 2.92
CA LEU A 12 8.20 -0.66 4.13
C LEU A 12 6.80 -0.76 4.72
N VAL A 13 5.97 0.25 4.46
CA VAL A 13 4.59 0.26 4.97
C VAL A 13 3.60 0.17 3.82
N ALA A 14 3.70 1.09 2.87
CA ALA A 14 2.79 1.09 1.73
C ALA A 14 2.60 -0.34 1.22
N LEU A 15 3.71 -1.05 1.04
CA LEU A 15 3.63 -2.42 0.56
C LEU A 15 2.90 -3.28 1.60
N LEU A 16 3.05 -2.91 2.86
CA LEU A 16 2.40 -3.65 3.94
C LEU A 16 1.07 -3.00 4.31
N THR A 17 0.69 -1.98 3.56
CA THR A 17 -0.57 -1.27 3.80
C THR A 17 -1.43 -1.27 2.54
N PHE A 18 -0.90 -0.68 1.47
CA PHE A 18 -1.62 -0.62 0.20
C PHE A 18 -2.36 -1.92 -0.07
N LEU A 19 -1.65 -3.04 0.06
CA LEU A 19 -2.24 -4.35 -0.17
C LEU A 19 -3.20 -4.71 0.95
N ALA A 20 -2.73 -4.59 2.19
CA ALA A 20 -3.56 -4.89 3.35
C ALA A 20 -4.95 -4.28 3.20
N PHE A 21 -4.98 -2.96 2.97
CA PHE A 21 -6.25 -2.26 2.81
C PHE A 21 -6.79 -2.44 1.40
N GLY A 22 -5.89 -2.46 0.42
CA GLY A 22 -6.29 -2.62 -0.97
C GLY A 22 -7.10 -3.90 -1.15
N PHE A 23 -6.62 -4.99 -0.57
CA PHE A 23 -7.33 -6.26 -0.69
C PHE A 23 -8.77 -6.11 -0.25
N TRP A 24 -9.06 -5.00 0.44
CA TRP A 24 -10.40 -4.73 0.93
C TRP A 24 -11.03 -3.61 0.11
N LEU A 25 -10.58 -2.38 0.38
CA LEU A 25 -11.09 -1.19 -0.30
C LEU A 25 -11.73 -1.53 -1.65
N PHE A 26 -10.95 -2.17 -2.52
CA PHE A 26 -11.47 -2.55 -3.83
C PHE A 26 -12.40 -3.75 -3.73
N LYS A 27 -11.84 -4.89 -3.32
CA LYS A 27 -12.63 -6.11 -3.19
C LYS A 27 -13.94 -5.87 -2.44
N TYR A 28 -14.08 -4.68 -1.84
CA TYR A 28 -15.30 -4.35 -1.10
C TYR A 28 -16.02 -3.17 -1.75
N LEU A 29 -15.28 -2.10 -2.01
CA LEU A 29 -15.87 -0.92 -2.63
C LEU A 29 -15.94 -1.05 -4.15
N GLN A 30 -14.87 -1.61 -4.73
CA GLN A 30 -14.82 -1.79 -6.17
C GLN A 30 -15.64 -3.00 -6.59
N LYS A 31 -16.03 -3.81 -5.61
CA LYS A 31 -16.83 -5.00 -5.88
C LYS A 31 -18.18 -4.91 -5.18
N LYS A 32 -19.00 -3.97 -5.63
CA LYS A 32 -20.33 -3.78 -5.04
C LYS A 32 -21.31 -3.26 -6.08
N LYS A 1 21.73 7.43 -3.26
CA LYS A 1 21.98 5.96 -3.13
C LYS A 1 20.64 5.23 -3.10
N LYS A 2 19.65 5.84 -2.47
CA LYS A 2 18.33 5.25 -2.37
C LYS A 2 17.23 6.30 -2.54
N HIS A 3 16.04 5.86 -2.88
CA HIS A 3 14.91 6.78 -3.06
C HIS A 3 14.78 7.70 -1.85
N THR A 4 13.74 8.53 -1.86
CA THR A 4 13.51 9.45 -0.76
C THR A 4 13.38 8.70 0.56
N ILE A 5 12.18 8.72 1.13
CA ILE A 5 11.93 8.03 2.39
C ILE A 5 10.94 6.89 2.17
N TRP A 6 10.11 7.02 1.14
CA TRP A 6 9.13 5.99 0.83
C TRP A 6 9.74 4.60 1.01
N GLU A 7 10.66 4.25 0.12
CA GLU A 7 11.31 2.94 0.20
C GLU A 7 11.75 2.63 1.63
N VAL A 8 11.76 3.65 2.50
CA VAL A 8 12.15 3.46 3.89
C VAL A 8 10.94 3.29 4.80
N ILE A 9 9.87 4.04 4.50
CA ILE A 9 8.65 3.96 5.29
C ILE A 9 7.52 3.38 4.44
N ALA A 10 7.40 3.85 3.20
CA ALA A 10 6.37 3.35 2.31
C ALA A 10 6.67 1.92 1.90
N GLY A 11 7.74 1.74 1.13
CA GLY A 11 8.13 0.40 0.72
C GLY A 11 8.18 -0.51 1.92
N LEU A 12 8.18 0.10 3.10
CA LEU A 12 8.21 -0.65 4.35
C LEU A 12 6.82 -0.74 4.94
N VAL A 13 5.97 0.25 4.63
CA VAL A 13 4.60 0.28 5.14
C VAL A 13 3.60 0.18 3.99
N ALA A 14 3.69 1.12 3.05
CA ALA A 14 2.78 1.12 1.91
C ALA A 14 2.62 -0.29 1.37
N LEU A 15 3.73 -1.02 1.29
CA LEU A 15 3.68 -2.40 0.81
C LEU A 15 2.96 -3.28 1.82
N LEU A 16 3.12 -2.94 3.09
CA LEU A 16 2.47 -3.68 4.15
C LEU A 16 1.10 -3.07 4.48
N THR A 17 0.74 -2.04 3.73
CA THR A 17 -0.53 -1.35 3.94
C THR A 17 -1.36 -1.38 2.66
N PHE A 18 -0.84 -0.74 1.61
CA PHE A 18 -1.53 -0.72 0.33
C PHE A 18 -2.10 -2.08 -0.02
N LEU A 19 -1.33 -3.13 0.23
CA LEU A 19 -1.76 -4.49 -0.06
C LEU A 19 -2.80 -4.96 0.96
N ALA A 20 -2.80 -4.32 2.13
CA ALA A 20 -3.75 -4.70 3.18
C ALA A 20 -5.07 -3.95 3.00
N PHE A 21 -4.97 -2.64 2.79
CA PHE A 21 -6.16 -1.82 2.60
C PHE A 21 -6.67 -1.92 1.16
N GLY A 22 -5.73 -2.05 0.22
CA GLY A 22 -6.09 -2.16 -1.18
C GLY A 22 -6.86 -3.44 -1.44
N PHE A 23 -6.29 -4.56 -1.03
CA PHE A 23 -6.93 -5.85 -1.22
C PHE A 23 -8.41 -5.77 -0.84
N TRP A 24 -8.71 -5.04 0.22
CA TRP A 24 -10.08 -4.88 0.68
C TRP A 24 -10.79 -3.78 -0.10
N LEU A 25 -10.36 -2.54 0.13
CA LEU A 25 -10.95 -1.37 -0.53
C LEU A 25 -11.65 -1.73 -1.83
N PHE A 26 -10.91 -2.35 -2.74
CA PHE A 26 -11.48 -2.72 -4.03
C PHE A 26 -12.46 -3.88 -3.89
N LYS A 27 -11.98 -5.02 -3.41
CA LYS A 27 -12.84 -6.19 -3.26
C LYS A 27 -13.92 -5.98 -2.21
N TYR A 28 -14.38 -4.75 -2.06
CA TYR A 28 -15.44 -4.45 -1.10
C TYR A 28 -16.26 -3.24 -1.58
N LEU A 29 -15.58 -2.15 -1.89
CA LEU A 29 -16.26 -0.95 -2.37
C LEU A 29 -16.45 -1.01 -3.87
N GLN A 30 -15.46 -1.55 -4.56
CA GLN A 30 -15.52 -1.67 -6.02
C GLN A 30 -16.23 -2.96 -6.41
N LYS A 31 -16.57 -3.78 -5.41
CA LYS A 31 -17.26 -5.04 -5.65
C LYS A 31 -18.60 -5.06 -4.91
N LYS A 32 -19.58 -4.36 -5.46
CA LYS A 32 -20.90 -4.31 -4.85
C LYS A 32 -21.98 -4.09 -5.91
N LYS A 1 22.19 5.56 -5.72
CA LYS A 1 21.31 6.65 -5.23
C LYS A 1 19.90 6.11 -5.03
N LYS A 2 19.43 6.15 -3.79
CA LYS A 2 18.10 5.65 -3.47
C LYS A 2 17.08 6.79 -3.57
N HIS A 3 15.80 6.41 -3.56
CA HIS A 3 14.72 7.40 -3.65
C HIS A 3 14.80 8.38 -2.47
N THR A 4 13.70 8.51 -1.74
CA THR A 4 13.66 9.42 -0.59
C THR A 4 13.50 8.61 0.70
N ILE A 5 12.32 8.75 1.33
CA ILE A 5 12.04 8.03 2.55
C ILE A 5 11.02 6.93 2.29
N TRP A 6 10.21 7.12 1.25
CA TRP A 6 9.22 6.11 0.90
C TRP A 6 9.80 4.71 1.02
N GLU A 7 10.76 4.41 0.16
CA GLU A 7 11.39 3.09 0.18
C GLU A 7 11.82 2.70 1.59
N VAL A 8 11.78 3.67 2.51
CA VAL A 8 12.18 3.41 3.89
C VAL A 8 10.94 3.23 4.78
N ILE A 9 9.90 4.03 4.52
CA ILE A 9 8.67 3.94 5.31
C ILE A 9 7.55 3.42 4.42
N ALA A 10 7.44 3.95 3.22
CA ALA A 10 6.41 3.50 2.29
C ALA A 10 6.70 2.09 1.82
N GLY A 11 7.78 1.93 1.06
CA GLY A 11 8.15 0.61 0.57
C GLY A 11 8.19 -0.36 1.74
N LEU A 12 8.17 0.19 2.95
CA LEU A 12 8.19 -0.61 4.16
C LEU A 12 6.79 -0.71 4.75
N VAL A 13 5.95 0.30 4.47
CA VAL A 13 4.59 0.32 4.98
C VAL A 13 3.59 0.21 3.84
N ALA A 14 3.69 1.11 2.88
CA ALA A 14 2.78 1.10 1.74
C ALA A 14 2.61 -0.33 1.24
N LEU A 15 3.71 -1.03 1.06
CA LEU A 15 3.65 -2.42 0.59
C LEU A 15 2.93 -3.27 1.62
N LEU A 16 3.07 -2.89 2.89
CA LEU A 16 2.43 -3.62 3.98
C LEU A 16 1.08 -2.97 4.34
N THR A 17 0.70 -1.97 3.56
CA THR A 17 -0.57 -1.27 3.80
C THR A 17 -1.42 -1.27 2.54
N PHE A 18 -0.89 -0.68 1.47
CA PHE A 18 -1.61 -0.62 0.20
C PHE A 18 -2.34 -1.93 -0.07
N LEU A 19 -1.62 -3.04 0.07
CA LEU A 19 -2.22 -4.35 -0.16
C LEU A 19 -3.19 -4.70 0.96
N ALA A 20 -2.72 -4.59 2.20
CA ALA A 20 -3.56 -4.90 3.35
C ALA A 20 -4.94 -4.28 3.20
N PHE A 21 -4.98 -2.97 2.97
CA PHE A 21 -6.25 -2.26 2.80
C PHE A 21 -6.78 -2.45 1.38
N GLY A 22 -5.88 -2.45 0.40
CA GLY A 22 -6.28 -2.62 -0.99
C GLY A 22 -7.09 -3.89 -1.17
N PHE A 23 -6.60 -4.99 -0.61
CA PHE A 23 -7.29 -6.27 -0.73
C PHE A 23 -8.75 -6.11 -0.29
N TRP A 24 -9.03 -5.03 0.42
CA TRP A 24 -10.37 -4.77 0.90
C TRP A 24 -11.01 -3.65 0.10
N LEU A 25 -10.57 -2.41 0.37
CA LEU A 25 -11.08 -1.22 -0.30
C LEU A 25 -11.72 -1.56 -1.65
N PHE A 26 -10.96 -2.18 -2.53
CA PHE A 26 -11.48 -2.55 -3.84
C PHE A 26 -12.41 -3.75 -3.75
N LYS A 27 -11.85 -4.89 -3.36
CA LYS A 27 -12.63 -6.12 -3.25
C LYS A 27 -13.94 -5.89 -2.48
N TYR A 28 -14.07 -4.71 -1.86
CA TYR A 28 -15.27 -4.39 -1.11
C TYR A 28 -16.01 -3.21 -1.74
N LEU A 29 -15.29 -2.13 -2.00
CA LEU A 29 -15.89 -0.94 -2.59
C LEU A 29 -15.96 -1.07 -4.10
N GLN A 30 -14.86 -1.52 -4.71
CA GLN A 30 -14.82 -1.69 -6.16
C GLN A 30 -15.68 -2.87 -6.59
N LYS A 31 -16.05 -3.72 -5.64
CA LYS A 31 -16.88 -4.89 -5.93
C LYS A 31 -18.27 -4.71 -5.35
N LYS A 32 -18.33 -4.25 -4.11
CA LYS A 32 -19.62 -4.04 -3.45
C LYS A 32 -20.54 -5.23 -3.67
N LYS A 1 21.03 8.48 -7.45
CA LYS A 1 20.22 8.48 -6.19
C LYS A 1 19.17 7.37 -6.27
N LYS A 2 18.75 6.89 -5.10
CA LYS A 2 17.75 5.83 -5.05
C LYS A 2 16.35 6.42 -5.11
N HIS A 3 15.93 7.06 -4.03
CA HIS A 3 14.61 7.66 -3.97
C HIS A 3 14.53 8.70 -2.85
N THR A 4 13.52 8.55 -1.99
CA THR A 4 13.34 9.48 -0.88
C THR A 4 13.23 8.69 0.43
N ILE A 5 12.04 8.75 1.05
CA ILE A 5 11.80 8.06 2.30
C ILE A 5 10.79 6.93 2.09
N TRP A 6 10.00 7.05 1.03
CA TRP A 6 9.00 6.03 0.74
C TRP A 6 9.60 4.63 0.89
N GLU A 7 10.68 4.38 0.15
CA GLU A 7 11.33 3.08 0.21
C GLU A 7 11.79 2.75 1.62
N VAL A 8 11.63 3.72 2.53
CA VAL A 8 12.03 3.52 3.92
C VAL A 8 10.81 3.35 4.81
N ILE A 9 9.75 4.10 4.52
CA ILE A 9 8.52 4.03 5.29
C ILE A 9 7.42 3.41 4.43
N ALA A 10 7.30 3.89 3.19
CA ALA A 10 6.28 3.37 2.29
C ALA A 10 6.64 1.95 1.86
N GLY A 11 7.72 1.81 1.09
CA GLY A 11 8.14 0.50 0.64
C GLY A 11 8.21 -0.45 1.83
N LEU A 12 8.19 0.13 3.02
CA LEU A 12 8.24 -0.64 4.24
C LEU A 12 6.85 -0.77 4.86
N VAL A 13 5.99 0.22 4.58
CA VAL A 13 4.62 0.21 5.11
C VAL A 13 3.61 0.10 3.98
N ALA A 14 3.68 1.04 3.03
CA ALA A 14 2.76 1.02 1.91
C ALA A 14 2.59 -0.40 1.38
N LEU A 15 3.70 -1.12 1.29
CA LEU A 15 3.63 -2.50 0.81
C LEU A 15 2.92 -3.37 1.83
N LEU A 16 3.09 -3.03 3.10
CA LEU A 16 2.44 -3.77 4.18
C LEU A 16 1.07 -3.16 4.49
N THR A 17 0.74 -2.08 3.81
CA THR A 17 -0.54 -1.40 4.00
C THR A 17 -1.37 -1.44 2.73
N PHE A 18 -0.86 -0.83 1.68
CA PHE A 18 -1.57 -0.80 0.39
C PHE A 18 -2.14 -2.18 0.06
N LEU A 19 -1.35 -3.22 0.31
CA LEU A 19 -1.79 -4.59 0.02
C LEU A 19 -2.81 -5.06 1.05
N ALA A 20 -2.81 -4.42 2.22
CA ALA A 20 -3.74 -4.78 3.27
C ALA A 20 -5.06 -4.04 3.10
N PHE A 21 -4.97 -2.74 2.89
CA PHE A 21 -6.16 -1.92 2.71
C PHE A 21 -6.67 -2.03 1.28
N GLY A 22 -5.75 -2.15 0.33
CA GLY A 22 -6.13 -2.28 -1.07
C GLY A 22 -6.90 -3.57 -1.32
N PHE A 23 -6.33 -4.68 -0.88
CA PHE A 23 -6.98 -5.97 -1.05
C PHE A 23 -8.45 -5.88 -0.67
N TRP A 24 -8.74 -5.04 0.32
CA TRP A 24 -10.10 -4.88 0.78
C TRP A 24 -10.82 -3.77 0.01
N LEU A 25 -10.37 -2.53 0.22
CA LEU A 25 -10.96 -1.36 -0.43
C LEU A 25 -11.64 -1.71 -1.75
N PHE A 26 -10.91 -2.37 -2.64
CA PHE A 26 -11.47 -2.73 -3.93
C PHE A 26 -12.49 -3.86 -3.80
N LYS A 27 -12.00 -5.04 -3.43
CA LYS A 27 -12.88 -6.21 -3.30
C LYS A 27 -14.07 -5.94 -2.39
N TYR A 28 -14.20 -4.72 -1.88
CA TYR A 28 -15.32 -4.37 -1.01
C TYR A 28 -16.03 -3.11 -1.51
N LEU A 29 -15.26 -2.16 -2.03
CA LEU A 29 -15.84 -0.92 -2.54
C LEU A 29 -15.91 -0.92 -4.06
N GLN A 30 -14.87 -1.44 -4.70
CA GLN A 30 -14.82 -1.48 -6.16
C GLN A 30 -15.86 -2.46 -6.71
N LYS A 31 -16.25 -3.42 -5.89
CA LYS A 31 -17.24 -4.41 -6.32
C LYS A 31 -18.66 -3.90 -6.08
N LYS A 32 -18.77 -2.64 -5.67
CA LYS A 32 -20.07 -2.05 -5.41
C LYS A 32 -20.59 -1.33 -6.66
N LYS A 1 20.30 7.25 -7.53
CA LYS A 1 19.02 7.99 -7.42
C LYS A 1 17.87 7.00 -7.35
N LYS A 2 17.85 6.20 -6.29
CA LYS A 2 16.79 5.20 -6.11
C LYS A 2 15.44 5.89 -5.99
N HIS A 3 15.20 6.55 -4.87
CA HIS A 3 13.95 7.24 -4.64
C HIS A 3 14.07 8.24 -3.50
N THR A 4 13.13 8.18 -2.56
CA THR A 4 13.14 9.08 -1.41
C THR A 4 13.12 8.27 -0.11
N ILE A 5 12.02 8.39 0.63
CA ILE A 5 11.86 7.67 1.89
C ILE A 5 10.77 6.63 1.77
N TRP A 6 9.86 6.84 0.82
CA TRP A 6 8.77 5.89 0.60
C TRP A 6 9.29 4.47 0.65
N GLU A 7 10.25 4.17 -0.22
CA GLU A 7 10.82 2.83 -0.28
C GLU A 7 11.37 2.42 1.08
N VAL A 8 11.46 3.37 2.01
CA VAL A 8 11.98 3.09 3.34
C VAL A 8 10.83 2.95 4.35
N ILE A 9 9.81 3.79 4.19
CA ILE A 9 8.67 3.76 5.10
C ILE A 9 7.44 3.26 4.35
N ALA A 10 7.20 3.80 3.16
CA ALA A 10 6.06 3.38 2.36
C ALA A 10 6.26 1.96 1.84
N GLY A 11 7.24 1.79 0.98
CA GLY A 11 7.53 0.46 0.44
C GLY A 11 7.68 -0.52 1.59
N LEU A 12 7.79 0.03 2.80
CA LEU A 12 7.93 -0.80 3.98
C LEU A 12 6.62 -0.86 4.75
N VAL A 13 5.78 0.18 4.58
CA VAL A 13 4.49 0.23 5.27
C VAL A 13 3.34 0.10 4.27
N ALA A 14 3.35 0.95 3.25
CA ALA A 14 2.31 0.91 2.23
C ALA A 14 2.01 -0.54 1.84
N LEU A 15 3.07 -1.30 1.58
CA LEU A 15 2.92 -2.70 1.22
C LEU A 15 2.29 -3.47 2.37
N LEU A 16 2.59 -3.00 3.58
CA LEU A 16 2.05 -3.63 4.78
C LEU A 16 0.82 -2.88 5.26
N THR A 17 0.37 -1.93 4.45
CA THR A 17 -0.81 -1.14 4.80
C THR A 17 -1.66 -0.87 3.56
N PHE A 18 -1.16 0.02 2.69
CA PHE A 18 -1.87 0.37 1.47
C PHE A 18 -2.36 -0.89 0.78
N LEU A 19 -1.48 -1.86 0.61
CA LEU A 19 -1.83 -3.11 -0.05
C LEU A 19 -2.71 -3.97 0.86
N ALA A 20 -2.26 -4.16 2.09
CA ALA A 20 -3.02 -4.96 3.05
C ALA A 20 -4.51 -4.60 3.01
N PHE A 21 -4.80 -3.32 3.19
CA PHE A 21 -6.19 -2.85 3.17
C PHE A 21 -6.67 -2.65 1.74
N GLY A 22 -5.77 -2.20 0.88
CA GLY A 22 -6.11 -1.97 -0.53
C GLY A 22 -6.67 -3.25 -1.15
N PHE A 23 -6.01 -4.37 -0.89
CA PHE A 23 -6.46 -5.64 -1.43
C PHE A 23 -7.91 -5.88 -1.06
N TRP A 24 -8.39 -5.13 -0.08
CA TRP A 24 -9.78 -5.27 0.37
C TRP A 24 -10.60 -4.08 -0.11
N LEU A 25 -10.41 -2.93 0.56
CA LEU A 25 -11.13 -1.69 0.23
C LEU A 25 -11.65 -1.70 -1.20
N PHE A 26 -10.75 -1.86 -2.16
CA PHE A 26 -11.15 -1.87 -3.56
C PHE A 26 -11.86 -3.18 -3.90
N LYS A 27 -11.14 -4.28 -3.79
CA LYS A 27 -11.69 -5.59 -4.11
C LYS A 27 -13.02 -5.83 -3.39
N TYR A 28 -13.40 -4.91 -2.50
CA TYR A 28 -14.66 -5.05 -1.75
C TYR A 28 -15.60 -3.90 -2.03
N LEU A 29 -15.06 -2.68 -2.09
CA LEU A 29 -15.88 -1.50 -2.35
C LEU A 29 -15.84 -1.16 -3.84
N GLN A 30 -14.65 -1.24 -4.44
CA GLN A 30 -14.49 -0.93 -5.85
C GLN A 30 -15.08 -2.05 -6.71
N LYS A 31 -15.22 -3.23 -6.11
CA LYS A 31 -15.76 -4.38 -6.84
C LYS A 31 -17.18 -4.68 -6.36
N LYS A 32 -17.39 -4.67 -5.06
CA LYS A 32 -18.70 -4.93 -4.49
C LYS A 32 -19.24 -6.26 -5.01
N LYS A 1 22.51 6.92 -2.88
CA LYS A 1 21.81 7.22 -4.16
C LYS A 1 20.35 6.79 -4.06
N LYS A 2 20.05 5.96 -3.06
CA LYS A 2 18.69 5.49 -2.86
C LYS A 2 17.70 6.63 -3.01
N HIS A 3 16.42 6.28 -3.11
CA HIS A 3 15.37 7.29 -3.27
C HIS A 3 15.37 8.26 -2.09
N THR A 4 14.23 8.37 -1.41
CA THR A 4 14.12 9.25 -0.26
C THR A 4 13.86 8.45 1.01
N ILE A 5 12.69 8.63 1.60
CA ILE A 5 12.32 7.91 2.81
C ILE A 5 11.28 6.85 2.49
N TRP A 6 10.53 7.07 1.42
CA TRP A 6 9.49 6.12 1.02
C TRP A 6 10.03 4.68 1.10
N GLU A 7 11.11 4.41 0.40
CA GLU A 7 11.71 3.08 0.40
C GLU A 7 12.14 2.68 1.81
N VAL A 8 11.91 3.57 2.78
CA VAL A 8 12.27 3.30 4.16
C VAL A 8 11.02 3.17 5.03
N ILE A 9 9.99 3.96 4.70
CA ILE A 9 8.74 3.92 5.45
C ILE A 9 7.62 3.43 4.53
N ALA A 10 7.60 3.95 3.31
CA ALA A 10 6.58 3.54 2.34
C ALA A 10 6.87 2.13 1.84
N GLY A 11 7.97 1.97 1.12
CA GLY A 11 8.34 0.66 0.61
C GLY A 11 8.33 -0.34 1.75
N LEU A 12 8.26 0.18 2.97
CA LEU A 12 8.24 -0.66 4.15
C LEU A 12 6.81 -0.74 4.70
N VAL A 13 6.02 0.30 4.45
CA VAL A 13 4.63 0.33 4.92
C VAL A 13 3.66 0.27 3.75
N ALA A 14 3.80 1.19 2.81
CA ALA A 14 2.92 1.23 1.65
C ALA A 14 2.72 -0.19 1.11
N LEU A 15 3.81 -0.92 0.96
CA LEU A 15 3.71 -2.29 0.46
C LEU A 15 2.94 -3.15 1.46
N LEU A 16 3.07 -2.80 2.74
CA LEU A 16 2.39 -3.52 3.80
C LEU A 16 1.06 -2.84 4.15
N THR A 17 0.72 -1.80 3.39
CA THR A 17 -0.53 -1.08 3.62
C THR A 17 -1.36 -1.03 2.34
N PHE A 18 -0.80 -0.46 1.30
CA PHE A 18 -1.50 -0.36 0.01
C PHE A 18 -2.26 -1.65 -0.28
N LEU A 19 -1.60 -2.78 -0.07
CA LEU A 19 -2.22 -4.08 -0.30
C LEU A 19 -3.23 -4.40 0.78
N ALA A 20 -2.78 -4.38 2.03
CA ALA A 20 -3.66 -4.67 3.16
C ALA A 20 -5.02 -3.99 2.97
N PHE A 21 -4.99 -2.67 2.79
CA PHE A 21 -6.22 -1.91 2.59
C PHE A 21 -6.75 -2.12 1.18
N GLY A 22 -5.86 -2.04 0.20
CA GLY A 22 -6.25 -2.23 -1.18
C GLY A 22 -7.12 -3.47 -1.34
N PHE A 23 -6.59 -4.61 -0.89
CA PHE A 23 -7.32 -5.87 -0.98
C PHE A 23 -8.79 -5.65 -0.63
N TRP A 24 -9.05 -5.33 0.63
CA TRP A 24 -10.42 -5.09 1.08
C TRP A 24 -11.08 -4.02 0.20
N LEU A 25 -10.58 -2.79 0.30
CA LEU A 25 -11.11 -1.66 -0.46
C LEU A 25 -11.83 -2.11 -1.72
N PHE A 26 -11.09 -2.65 -2.67
CA PHE A 26 -11.70 -3.09 -3.92
C PHE A 26 -12.69 -4.23 -3.68
N LYS A 27 -12.21 -5.32 -3.13
CA LYS A 27 -13.05 -6.49 -2.87
C LYS A 27 -14.22 -6.16 -1.92
N TYR A 28 -14.58 -4.88 -1.83
CA TYR A 28 -15.69 -4.48 -0.97
C TYR A 28 -16.41 -3.28 -1.57
N LEU A 29 -15.65 -2.28 -2.01
CA LEU A 29 -16.25 -1.09 -2.61
C LEU A 29 -16.37 -1.27 -4.13
N GLN A 30 -15.40 -1.97 -4.71
CA GLN A 30 -15.42 -2.20 -6.16
C GLN A 30 -16.24 -3.44 -6.50
N LYS A 31 -16.71 -4.15 -5.48
CA LYS A 31 -17.51 -5.35 -5.67
C LYS A 31 -18.94 -5.11 -5.19
N LYS A 32 -19.30 -3.85 -4.97
CA LYS A 32 -20.63 -3.52 -4.51
C LYS A 32 -21.49 -3.03 -5.67
N LYS A 1 21.13 3.67 -5.39
CA LYS A 1 20.30 4.81 -4.90
C LYS A 1 19.36 4.32 -3.81
N LYS A 2 18.31 5.09 -3.54
CA LYS A 2 17.34 4.72 -2.51
C LYS A 2 16.13 5.65 -2.55
N HIS A 3 15.88 6.21 -3.72
CA HIS A 3 14.74 7.12 -3.88
C HIS A 3 14.72 8.16 -2.77
N THR A 4 13.61 8.20 -2.03
CA THR A 4 13.47 9.15 -0.93
C THR A 4 13.32 8.40 0.39
N ILE A 5 12.17 8.60 1.04
CA ILE A 5 11.90 7.95 2.31
C ILE A 5 10.88 6.83 2.11
N TRP A 6 10.09 6.95 1.04
CA TRP A 6 9.08 5.94 0.74
C TRP A 6 9.66 4.54 0.91
N GLU A 7 10.73 4.25 0.20
CA GLU A 7 11.36 2.94 0.28
C GLU A 7 11.85 2.65 1.70
N VAL A 8 11.62 3.60 2.61
CA VAL A 8 12.04 3.45 4.00
C VAL A 8 10.83 3.34 4.91
N ILE A 9 9.76 4.06 4.57
CA ILE A 9 8.53 4.03 5.35
C ILE A 9 7.40 3.45 4.50
N ALA A 10 7.32 3.87 3.25
CA ALA A 10 6.30 3.36 2.36
C ALA A 10 6.62 1.92 1.95
N GLY A 11 7.70 1.75 1.20
CA GLY A 11 8.11 0.42 0.78
C GLY A 11 8.16 -0.50 1.99
N LEU A 12 8.13 0.10 3.17
CA LEU A 12 8.16 -0.64 4.41
C LEU A 12 6.76 -0.73 5.00
N VAL A 13 5.92 0.26 4.70
CA VAL A 13 4.55 0.28 5.20
C VAL A 13 3.55 0.22 4.05
N ALA A 14 3.63 1.18 3.14
CA ALA A 14 2.73 1.20 1.99
C ALA A 14 2.60 -0.20 1.41
N LEU A 15 3.71 -0.91 1.30
CA LEU A 15 3.69 -2.26 0.76
C LEU A 15 2.99 -3.19 1.74
N LEU A 16 3.14 -2.88 3.03
CA LEU A 16 2.51 -3.68 4.08
C LEU A 16 1.15 -3.09 4.44
N THR A 17 0.75 -2.05 3.71
CA THR A 17 -0.53 -1.39 3.94
C THR A 17 -1.36 -1.37 2.67
N PHE A 18 -0.85 -0.69 1.64
CA PHE A 18 -1.55 -0.61 0.37
C PHE A 18 -2.11 -1.97 -0.04
N LEU A 19 -1.32 -3.02 0.19
CA LEU A 19 -1.75 -4.37 -0.17
C LEU A 19 -2.77 -4.90 0.83
N ALA A 20 -2.78 -4.32 2.03
CA ALA A 20 -3.70 -4.75 3.07
C ALA A 20 -5.03 -4.01 2.93
N PHE A 21 -4.96 -2.70 2.78
CA PHE A 21 -6.16 -1.88 2.64
C PHE A 21 -6.68 -1.94 1.20
N GLY A 22 -5.75 -2.00 0.25
CA GLY A 22 -6.12 -2.07 -1.15
C GLY A 22 -6.88 -3.35 -1.45
N PHE A 23 -6.28 -4.48 -1.11
CA PHE A 23 -6.90 -5.76 -1.34
C PHE A 23 -8.37 -5.72 -0.96
N TRP A 24 -8.66 -5.04 0.14
CA TRP A 24 -10.04 -4.93 0.62
C TRP A 24 -10.77 -3.81 -0.12
N LEU A 25 -10.39 -2.57 0.18
CA LEU A 25 -10.99 -1.38 -0.43
C LEU A 25 -11.68 -1.71 -1.76
N PHE A 26 -10.94 -2.31 -2.68
CA PHE A 26 -11.50 -2.65 -3.98
C PHE A 26 -12.46 -3.85 -3.87
N LYS A 27 -11.94 -4.99 -3.46
CA LYS A 27 -12.76 -6.19 -3.34
C LYS A 27 -13.83 -6.05 -2.26
N TYR A 28 -14.32 -4.84 -2.07
CA TYR A 28 -15.34 -4.57 -1.07
C TYR A 28 -16.14 -3.34 -1.45
N LEU A 29 -15.43 -2.29 -1.85
CA LEU A 29 -16.06 -1.05 -2.24
C LEU A 29 -16.26 -1.00 -3.76
N GLN A 30 -15.36 -1.65 -4.49
CA GLN A 30 -15.44 -1.68 -5.95
C GLN A 30 -16.17 -2.94 -6.42
N LYS A 31 -16.46 -3.83 -5.48
CA LYS A 31 -17.15 -5.08 -5.79
C LYS A 31 -18.52 -5.12 -5.13
N LYS A 32 -19.00 -3.96 -4.69
CA LYS A 32 -20.30 -3.88 -4.04
C LYS A 32 -21.39 -3.56 -5.07
N LYS A 1 22.81 7.79 -1.07
CA LYS A 1 21.46 8.39 -0.89
C LYS A 1 20.45 7.64 -1.74
N LYS A 2 19.81 6.64 -1.16
CA LYS A 2 18.82 5.84 -1.88
C LYS A 2 17.48 6.54 -1.88
N HIS A 3 17.02 6.93 -3.07
CA HIS A 3 15.73 7.60 -3.20
C HIS A 3 15.54 8.62 -2.08
N THR A 4 14.41 8.51 -1.39
CA THR A 4 14.11 9.41 -0.27
C THR A 4 13.90 8.62 1.01
N ILE A 5 12.66 8.63 1.50
CA ILE A 5 12.32 7.91 2.72
C ILE A 5 11.28 6.83 2.42
N TRP A 6 10.54 7.02 1.34
CA TRP A 6 9.51 6.05 0.96
C TRP A 6 10.05 4.62 1.11
N GLU A 7 11.10 4.31 0.36
CA GLU A 7 11.68 2.97 0.42
C GLU A 7 12.10 2.60 1.85
N VAL A 8 11.93 3.56 2.77
CA VAL A 8 12.28 3.31 4.18
C VAL A 8 11.02 3.19 5.02
N ILE A 9 9.99 3.97 4.68
CA ILE A 9 8.73 3.93 5.41
C ILE A 9 7.63 3.42 4.49
N ALA A 10 7.59 3.92 3.27
CA ALA A 10 6.59 3.49 2.31
C ALA A 10 6.87 2.06 1.86
N GLY A 11 7.98 1.87 1.14
CA GLY A 11 8.35 0.54 0.68
C GLY A 11 8.32 -0.42 1.85
N LEU A 12 8.25 0.14 3.06
CA LEU A 12 8.19 -0.66 4.26
C LEU A 12 6.77 -0.72 4.81
N VAL A 13 5.98 0.31 4.50
CA VAL A 13 4.60 0.36 4.95
C VAL A 13 3.64 0.30 3.78
N ALA A 14 3.80 1.21 2.82
CA ALA A 14 2.93 1.23 1.65
C ALA A 14 2.74 -0.18 1.12
N LEU A 15 3.83 -0.92 0.99
CA LEU A 15 3.74 -2.30 0.51
C LEU A 15 2.96 -3.15 1.51
N LEU A 16 3.07 -2.78 2.78
CA LEU A 16 2.37 -3.51 3.84
C LEU A 16 1.04 -2.83 4.17
N THR A 17 0.71 -1.79 3.39
CA THR A 17 -0.54 -1.06 3.60
C THR A 17 -1.36 -1.04 2.31
N PHE A 18 -0.78 -0.46 1.27
CA PHE A 18 -1.46 -0.38 -0.02
C PHE A 18 -2.22 -1.66 -0.32
N LEU A 19 -1.56 -2.79 -0.07
CA LEU A 19 -2.18 -4.09 -0.31
C LEU A 19 -3.22 -4.39 0.76
N ALA A 20 -2.79 -4.40 2.02
CA ALA A 20 -3.70 -4.66 3.13
C ALA A 20 -5.03 -3.97 2.91
N PHE A 21 -4.99 -2.66 2.74
CA PHE A 21 -6.21 -1.89 2.51
C PHE A 21 -6.74 -2.13 1.11
N GLY A 22 -5.85 -2.00 0.12
CA GLY A 22 -6.22 -2.21 -1.27
C GLY A 22 -7.09 -3.44 -1.40
N PHE A 23 -6.55 -4.58 -0.96
CA PHE A 23 -7.29 -5.84 -1.04
C PHE A 23 -8.76 -5.62 -0.71
N TRP A 24 -9.04 -5.28 0.54
CA TRP A 24 -10.41 -5.05 0.98
C TRP A 24 -11.06 -3.98 0.10
N LEU A 25 -10.55 -2.74 0.23
CA LEU A 25 -11.07 -1.60 -0.54
C LEU A 25 -11.82 -2.03 -1.79
N PHE A 26 -11.11 -2.65 -2.72
CA PHE A 26 -11.74 -3.08 -3.96
C PHE A 26 -12.71 -4.22 -3.72
N LYS A 27 -12.21 -5.32 -3.15
CA LYS A 27 -13.03 -6.49 -2.89
C LYS A 27 -14.18 -6.18 -1.92
N TYR A 28 -14.54 -4.92 -1.80
CA TYR A 28 -15.63 -4.51 -0.91
C TYR A 28 -16.38 -3.33 -1.51
N LEU A 29 -15.63 -2.30 -1.89
CA LEU A 29 -16.23 -1.11 -2.48
C LEU A 29 -16.46 -1.30 -3.98
N GLN A 30 -15.50 -1.95 -4.63
CA GLN A 30 -15.60 -2.21 -6.06
C GLN A 30 -16.39 -3.48 -6.32
N LYS A 31 -16.75 -4.17 -5.24
CA LYS A 31 -17.53 -5.40 -5.34
C LYS A 31 -18.85 -5.28 -4.59
N LYS A 32 -19.82 -4.63 -5.23
CA LYS A 32 -21.13 -4.45 -4.60
C LYS A 32 -22.22 -4.38 -5.66
N LYS A 1 22.40 8.01 -5.99
CA LYS A 1 21.37 8.46 -5.03
C LYS A 1 20.12 7.59 -5.18
N LYS A 2 19.34 7.50 -4.11
CA LYS A 2 18.12 6.70 -4.14
C LYS A 2 16.90 7.58 -4.40
N HIS A 3 15.80 7.26 -3.75
CA HIS A 3 14.56 8.02 -3.92
C HIS A 3 14.40 9.02 -2.77
N THR A 4 13.71 8.58 -1.71
CA THR A 4 13.50 9.44 -0.55
C THR A 4 13.35 8.58 0.70
N ILE A 5 12.24 8.75 1.40
CA ILE A 5 11.98 8.00 2.62
C ILE A 5 10.96 6.89 2.34
N TRP A 6 10.15 7.08 1.32
CA TRP A 6 9.15 6.08 0.96
C TRP A 6 9.74 4.68 1.03
N GLU A 7 10.72 4.41 0.18
CA GLU A 7 11.36 3.11 0.16
C GLU A 7 11.83 2.70 1.56
N VAL A 8 11.76 3.63 2.50
CA VAL A 8 12.18 3.36 3.87
C VAL A 8 10.97 3.15 4.78
N ILE A 9 9.92 3.92 4.55
CA ILE A 9 8.70 3.81 5.35
C ILE A 9 7.56 3.29 4.48
N ALA A 10 7.44 3.83 3.28
CA ALA A 10 6.38 3.39 2.37
C ALA A 10 6.69 1.98 1.86
N GLY A 11 7.75 1.86 1.06
CA GLY A 11 8.14 0.57 0.54
C GLY A 11 8.21 -0.44 1.67
N LEU A 12 8.22 0.09 2.90
CA LEU A 12 8.28 -0.76 4.08
C LEU A 12 6.89 -0.88 4.71
N VAL A 13 6.05 0.14 4.49
CA VAL A 13 4.69 0.12 5.03
C VAL A 13 3.66 0.09 3.92
N ALA A 14 3.73 1.06 3.02
CA ALA A 14 2.79 1.12 1.91
C ALA A 14 2.59 -0.27 1.32
N LEU A 15 3.68 -1.00 1.17
CA LEU A 15 3.60 -2.36 0.62
C LEU A 15 2.90 -3.27 1.61
N LEU A 16 3.09 -2.99 2.89
CA LEU A 16 2.47 -3.78 3.95
C LEU A 16 1.13 -3.17 4.33
N THR A 17 0.77 -2.07 3.69
CA THR A 17 -0.48 -1.39 3.96
C THR A 17 -1.35 -1.35 2.71
N PHE A 18 -0.86 -0.70 1.67
CA PHE A 18 -1.60 -0.59 0.41
C PHE A 18 -2.18 -1.95 0.02
N LEU A 19 -1.39 -3.00 0.20
CA LEU A 19 -1.83 -4.35 -0.15
C LEU A 19 -2.82 -4.89 0.88
N ALA A 20 -2.85 -4.25 2.05
CA ALA A 20 -3.76 -4.67 3.11
C ALA A 20 -5.07 -3.91 3.00
N PHE A 21 -4.96 -2.59 2.87
CA PHE A 21 -6.14 -1.73 2.76
C PHE A 21 -6.70 -1.82 1.35
N GLY A 22 -5.80 -1.77 0.36
CA GLY A 22 -6.21 -1.85 -1.03
C GLY A 22 -7.03 -3.13 -1.25
N PHE A 23 -6.52 -4.24 -0.73
CA PHE A 23 -7.22 -5.50 -0.87
C PHE A 23 -8.70 -5.32 -0.57
N TRP A 24 -9.01 -5.08 0.69
CA TRP A 24 -10.39 -4.88 1.09
C TRP A 24 -11.05 -3.81 0.24
N LEU A 25 -10.59 -2.57 0.42
CA LEU A 25 -11.13 -1.42 -0.34
C LEU A 25 -11.77 -1.84 -1.64
N PHE A 26 -10.95 -2.28 -2.58
CA PHE A 26 -11.46 -2.70 -3.87
C PHE A 26 -12.33 -3.94 -3.74
N LYS A 27 -11.82 -4.97 -3.08
CA LYS A 27 -12.57 -6.21 -2.91
C LYS A 27 -13.82 -6.01 -2.04
N TYR A 28 -14.31 -4.77 -1.97
CA TYR A 28 -15.50 -4.47 -1.18
C TYR A 28 -16.27 -3.32 -1.82
N LEU A 29 -15.55 -2.24 -2.16
CA LEU A 29 -16.20 -1.09 -2.77
C LEU A 29 -16.27 -1.24 -4.29
N GLN A 30 -15.23 -1.83 -4.87
CA GLN A 30 -15.18 -2.03 -6.31
C GLN A 30 -15.86 -3.35 -6.69
N LYS A 31 -16.29 -4.10 -5.68
CA LYS A 31 -16.96 -5.39 -5.91
C LYS A 31 -18.40 -5.33 -5.40
N LYS A 32 -18.90 -4.12 -5.13
CA LYS A 32 -20.26 -3.96 -4.65
C LYS A 32 -21.20 -3.67 -5.81
N LYS A 1 19.31 4.54 -6.64
CA LYS A 1 19.24 5.27 -5.35
C LYS A 1 18.12 4.68 -4.49
N LYS A 2 18.25 4.84 -3.17
CA LYS A 2 17.26 4.31 -2.25
C LYS A 2 16.07 5.27 -2.14
N HIS A 3 15.85 6.04 -3.20
CA HIS A 3 14.75 7.00 -3.21
C HIS A 3 14.72 7.81 -1.93
N THR A 4 13.71 8.67 -1.80
CA THR A 4 13.56 9.51 -0.63
C THR A 4 13.44 8.65 0.64
N ILE A 5 12.29 8.78 1.31
CA ILE A 5 12.04 8.02 2.53
C ILE A 5 11.01 6.94 2.26
N TRP A 6 10.22 7.12 1.21
CA TRP A 6 9.21 6.15 0.87
C TRP A 6 9.76 4.72 0.99
N GLU A 7 10.79 4.43 0.21
CA GLU A 7 11.39 3.11 0.25
C GLU A 7 11.82 2.72 1.66
N VAL A 8 11.75 3.69 2.59
CA VAL A 8 12.13 3.44 3.98
C VAL A 8 10.89 3.25 4.85
N ILE A 9 9.84 4.04 4.56
CA ILE A 9 8.61 3.96 5.32
C ILE A 9 7.50 3.41 4.44
N ALA A 10 7.41 3.91 3.22
CA ALA A 10 6.39 3.45 2.27
C ALA A 10 6.71 2.03 1.83
N GLY A 11 7.79 1.88 1.07
CA GLY A 11 8.19 0.56 0.60
C GLY A 11 8.22 -0.40 1.77
N LEU A 12 8.18 0.15 2.97
CA LEU A 12 8.20 -0.65 4.17
C LEU A 12 6.78 -0.75 4.77
N VAL A 13 5.95 0.26 4.48
CA VAL A 13 4.58 0.27 4.99
C VAL A 13 3.58 0.18 3.84
N ALA A 14 3.69 1.10 2.88
CA ALA A 14 2.80 1.08 1.73
C ALA A 14 2.62 -0.34 1.23
N LEU A 15 3.73 -1.04 1.04
CA LEU A 15 3.67 -2.41 0.57
C LEU A 15 2.94 -3.28 1.59
N LEU A 16 3.08 -2.91 2.86
CA LEU A 16 2.45 -3.64 3.94
C LEU A 16 1.10 -3.01 4.31
N THR A 17 0.71 -1.99 3.54
CA THR A 17 -0.55 -1.30 3.78
C THR A 17 -1.41 -1.30 2.52
N PHE A 18 -0.88 -0.71 1.45
CA PHE A 18 -1.60 -0.64 0.19
C PHE A 18 -2.34 -1.95 -0.08
N LEU A 19 -1.63 -3.06 0.03
CA LEU A 19 -2.23 -4.38 -0.20
C LEU A 19 -3.19 -4.73 0.93
N ALA A 20 -2.72 -4.60 2.17
CA ALA A 20 -3.55 -4.93 3.33
C ALA A 20 -4.93 -4.30 3.18
N PHE A 21 -4.97 -2.99 2.95
CA PHE A 21 -6.23 -2.28 2.80
C PHE A 21 -6.77 -2.45 1.38
N GLY A 22 -5.88 -2.47 0.40
CA GLY A 22 -6.28 -2.62 -0.99
C GLY A 22 -7.09 -3.89 -1.17
N PHE A 23 -6.61 -5.00 -0.61
CA PHE A 23 -7.31 -6.27 -0.72
C PHE A 23 -8.76 -6.11 -0.27
N TRP A 24 -9.03 -5.01 0.42
CA TRP A 24 -10.38 -4.74 0.90
C TRP A 24 -11.01 -3.61 0.10
N LEU A 25 -10.57 -2.39 0.38
CA LEU A 25 -11.08 -1.19 -0.29
C LEU A 25 -11.71 -1.52 -1.64
N PHE A 26 -10.95 -2.15 -2.52
CA PHE A 26 -11.47 -2.52 -3.83
C PHE A 26 -12.39 -3.72 -3.73
N LYS A 27 -11.84 -4.86 -3.32
CA LYS A 27 -12.62 -6.08 -3.21
C LYS A 27 -13.92 -5.84 -2.44
N TYR A 28 -14.07 -4.66 -1.84
CA TYR A 28 -15.28 -4.33 -1.09
C TYR A 28 -16.01 -3.15 -1.71
N LEU A 29 -15.27 -2.09 -2.01
CA LEU A 29 -15.87 -0.89 -2.59
C LEU A 29 -15.91 -0.99 -4.11
N GLN A 30 -14.92 -1.63 -4.70
CA GLN A 30 -14.85 -1.78 -6.15
C GLN A 30 -15.63 -3.01 -6.60
N LYS A 31 -16.06 -3.83 -5.64
CA LYS A 31 -16.81 -5.05 -5.95
C LYS A 31 -18.23 -4.95 -5.41
N LYS A 32 -18.68 -3.72 -5.12
CA LYS A 32 -20.03 -3.52 -4.61
C LYS A 32 -20.98 -3.15 -5.74
N LYS A 1 20.18 6.37 -7.04
CA LYS A 1 20.46 5.38 -5.95
C LYS A 1 19.26 4.44 -5.80
N LYS A 2 18.21 4.92 -5.15
CA LYS A 2 17.02 4.11 -4.94
C LYS A 2 15.76 4.98 -5.04
N HIS A 3 15.51 5.75 -3.98
CA HIS A 3 14.34 6.63 -3.96
C HIS A 3 14.38 7.54 -2.73
N THR A 4 13.30 8.28 -2.50
CA THR A 4 13.23 9.19 -1.37
C THR A 4 13.20 8.41 -0.06
N ILE A 5 12.05 8.42 0.61
CA ILE A 5 11.90 7.70 1.87
C ILE A 5 10.81 6.65 1.75
N TRP A 6 9.89 6.86 0.81
CA TRP A 6 8.81 5.90 0.59
C TRP A 6 9.34 4.48 0.66
N GLU A 7 10.20 4.12 -0.29
CA GLU A 7 10.77 2.78 -0.31
C GLU A 7 11.32 2.38 1.05
N VAL A 8 11.47 3.38 1.95
CA VAL A 8 12.00 3.09 3.28
C VAL A 8 10.86 2.98 4.30
N ILE A 9 9.84 3.81 4.15
CA ILE A 9 8.70 3.77 5.06
C ILE A 9 7.46 3.28 4.32
N ALA A 10 7.23 3.81 3.13
CA ALA A 10 6.08 3.39 2.34
C ALA A 10 6.26 1.96 1.85
N GLY A 11 7.24 1.76 0.97
CA GLY A 11 7.50 0.42 0.46
C GLY A 11 7.64 -0.55 1.62
N LEU A 12 7.77 0.01 2.82
CA LEU A 12 7.91 -0.79 4.02
C LEU A 12 6.59 -0.83 4.78
N VAL A 13 5.77 0.21 4.59
CA VAL A 13 4.46 0.29 5.26
C VAL A 13 3.33 0.12 4.26
N ALA A 14 3.34 0.94 3.22
CA ALA A 14 2.30 0.87 2.20
C ALA A 14 2.01 -0.58 1.85
N LEU A 15 3.06 -1.34 1.57
CA LEU A 15 2.91 -2.75 1.24
C LEU A 15 2.28 -3.48 2.41
N LEU A 16 2.58 -3.01 3.61
CA LEU A 16 2.04 -3.60 4.83
C LEU A 16 0.81 -2.84 5.29
N THR A 17 0.34 -1.91 4.45
CA THR A 17 -0.83 -1.12 4.78
C THR A 17 -1.68 -0.86 3.54
N PHE A 18 -1.17 0.00 2.66
CA PHE A 18 -1.89 0.31 1.43
C PHE A 18 -2.39 -0.97 0.76
N LEU A 19 -1.47 -1.92 0.56
CA LEU A 19 -1.83 -3.18 -0.07
C LEU A 19 -2.71 -4.01 0.85
N ALA A 20 -2.27 -4.17 2.10
CA ALA A 20 -3.03 -4.95 3.07
C ALA A 20 -4.51 -4.59 3.02
N PHE A 21 -4.80 -3.31 3.18
CA PHE A 21 -6.19 -2.84 3.15
C PHE A 21 -6.67 -2.66 1.71
N GLY A 22 -5.76 -2.22 0.84
CA GLY A 22 -6.10 -2.01 -0.56
C GLY A 22 -6.67 -3.28 -1.17
N PHE A 23 -6.02 -4.41 -0.91
CA PHE A 23 -6.47 -5.68 -1.44
C PHE A 23 -7.94 -5.91 -1.05
N TRP A 24 -8.40 -5.17 -0.06
CA TRP A 24 -9.77 -5.29 0.39
C TRP A 24 -10.60 -4.11 -0.10
N LEU A 25 -10.40 -2.96 0.54
CA LEU A 25 -11.13 -1.73 0.19
C LEU A 25 -11.66 -1.75 -1.24
N PHE A 26 -10.75 -1.90 -2.19
CA PHE A 26 -11.16 -1.93 -3.60
C PHE A 26 -11.88 -3.23 -3.93
N LYS A 27 -11.16 -4.34 -3.81
CA LYS A 27 -11.73 -5.65 -4.12
C LYS A 27 -13.05 -5.88 -3.37
N TYR A 28 -13.41 -4.95 -2.47
CA TYR A 28 -14.67 -5.08 -1.72
C TYR A 28 -15.60 -3.90 -1.97
N LEU A 29 -15.03 -2.72 -2.14
CA LEU A 29 -15.85 -1.52 -2.38
C LEU A 29 -15.81 -1.12 -3.85
N GLN A 30 -14.63 -1.20 -4.45
CA GLN A 30 -14.47 -0.84 -5.85
C GLN A 30 -15.17 -1.85 -6.76
N LYS A 31 -15.35 -3.07 -6.25
CA LYS A 31 -16.00 -4.12 -7.03
C LYS A 31 -17.47 -4.26 -6.61
N LYS A 32 -17.69 -4.29 -5.30
CA LYS A 32 -19.04 -4.44 -4.78
C LYS A 32 -19.61 -3.07 -4.38
N LYS A 1 20.50 9.14 -1.26
CA LYS A 1 20.99 8.49 -2.52
C LYS A 1 19.87 7.66 -3.11
N LYS A 2 19.28 6.79 -2.30
CA LYS A 2 18.20 5.93 -2.76
C LYS A 2 16.85 6.64 -2.62
N HIS A 3 16.28 7.05 -3.75
CA HIS A 3 14.99 7.73 -3.74
C HIS A 3 14.92 8.73 -2.58
N THR A 4 13.90 8.59 -1.74
CA THR A 4 13.73 9.47 -0.60
C THR A 4 13.58 8.65 0.69
N ILE A 5 12.38 8.68 1.27
CA ILE A 5 12.11 7.95 2.49
C ILE A 5 11.06 6.87 2.23
N TRP A 6 10.26 7.06 1.20
CA TRP A 6 9.24 6.09 0.86
C TRP A 6 9.79 4.66 0.96
N GLU A 7 10.80 4.37 0.16
CA GLU A 7 11.40 3.05 0.17
C GLU A 7 11.84 2.66 1.57
N VAL A 8 11.78 3.60 2.51
CA VAL A 8 12.18 3.33 3.88
C VAL A 8 10.95 3.18 4.77
N ILE A 9 9.91 3.98 4.52
CA ILE A 9 8.68 3.92 5.30
C ILE A 9 7.55 3.39 4.43
N ALA A 10 7.44 3.93 3.22
CA ALA A 10 6.40 3.49 2.30
C ALA A 10 6.68 2.08 1.81
N GLY A 11 7.75 1.92 1.03
CA GLY A 11 8.11 0.60 0.53
C GLY A 11 8.15 -0.38 1.69
N LEU A 12 8.15 0.16 2.90
CA LEU A 12 8.17 -0.66 4.10
C LEU A 12 6.77 -0.75 4.72
N VAL A 13 5.95 0.28 4.47
CA VAL A 13 4.59 0.30 5.00
C VAL A 13 3.57 0.23 3.87
N ALA A 14 3.68 1.16 2.93
CA ALA A 14 2.76 1.18 1.80
C ALA A 14 2.53 -0.24 1.28
N LEU A 15 3.62 -0.97 1.08
CA LEU A 15 3.51 -2.34 0.60
C LEU A 15 2.79 -3.19 1.64
N LEU A 16 2.96 -2.85 2.91
CA LEU A 16 2.32 -3.58 3.99
C LEU A 16 0.99 -2.94 4.35
N THR A 17 0.64 -1.87 3.63
CA THR A 17 -0.63 -1.16 3.88
C THR A 17 -1.48 -1.16 2.62
N PHE A 18 -0.97 -0.55 1.55
CA PHE A 18 -1.70 -0.48 0.29
C PHE A 18 -2.40 -1.81 0.01
N LEU A 19 -1.64 -2.90 0.07
CA LEU A 19 -2.20 -4.22 -0.19
C LEU A 19 -3.15 -4.64 0.93
N ALA A 20 -2.68 -4.54 2.17
CA ALA A 20 -3.50 -4.91 3.32
C ALA A 20 -4.91 -4.32 3.18
N PHE A 21 -4.99 -3.01 2.99
CA PHE A 21 -6.28 -2.35 2.85
C PHE A 21 -6.81 -2.49 1.43
N GLY A 22 -5.89 -2.45 0.46
CA GLY A 22 -6.28 -2.57 -0.94
C GLY A 22 -7.07 -3.86 -1.17
N PHE A 23 -6.57 -4.96 -0.62
CA PHE A 23 -7.23 -6.25 -0.78
C PHE A 23 -8.69 -6.14 -0.32
N TRP A 24 -8.98 -5.10 0.44
CA TRP A 24 -10.33 -4.88 0.92
C TRP A 24 -11.00 -3.76 0.15
N LEU A 25 -10.60 -2.52 0.44
CA LEU A 25 -11.16 -1.33 -0.22
C LEU A 25 -11.76 -1.66 -1.58
N PHE A 26 -10.95 -2.20 -2.47
CA PHE A 26 -11.43 -2.55 -3.81
C PHE A 26 -12.35 -3.77 -3.75
N LYS A 27 -11.80 -4.90 -3.33
CA LYS A 27 -12.58 -6.13 -3.27
C LYS A 27 -13.87 -5.94 -2.46
N TYR A 28 -14.05 -4.76 -1.87
CA TYR A 28 -15.26 -4.48 -1.08
C TYR A 28 -16.03 -3.28 -1.63
N LEU A 29 -15.29 -2.29 -2.13
CA LEU A 29 -15.94 -1.10 -2.68
C LEU A 29 -15.92 -1.10 -4.21
N GLN A 30 -14.81 -1.54 -4.78
CA GLN A 30 -14.68 -1.59 -6.23
C GLN A 30 -15.57 -2.68 -6.81
N LYS A 31 -15.90 -3.68 -5.99
CA LYS A 31 -16.75 -4.77 -6.44
C LYS A 31 -18.18 -4.57 -5.98
N LYS A 32 -18.34 -4.21 -4.71
CA LYS A 32 -19.66 -3.98 -4.15
C LYS A 32 -20.00 -2.49 -4.13
N LYS A 1 20.07 9.23 -5.36
CA LYS A 1 20.40 7.84 -5.77
C LYS A 1 19.13 7.00 -5.82
N LYS A 2 18.89 6.22 -4.77
CA LYS A 2 17.71 5.38 -4.71
C LYS A 2 16.44 6.22 -4.86
N HIS A 3 16.03 6.86 -3.77
CA HIS A 3 14.83 7.69 -3.79
C HIS A 3 14.82 8.64 -2.60
N THR A 4 13.74 8.59 -1.83
CA THR A 4 13.61 9.44 -0.65
C THR A 4 13.48 8.60 0.61
N ILE A 5 12.34 8.71 1.29
CA ILE A 5 12.09 7.95 2.50
C ILE A 5 11.05 6.87 2.24
N TRP A 6 10.23 7.08 1.21
CA TRP A 6 9.20 6.11 0.88
C TRP A 6 9.75 4.67 0.95
N GLU A 7 10.79 4.41 0.17
CA GLU A 7 11.39 3.09 0.15
C GLU A 7 11.86 2.68 1.55
N VAL A 8 11.78 3.61 2.49
CA VAL A 8 12.19 3.33 3.87
C VAL A 8 10.97 3.17 4.77
N ILE A 9 9.92 3.95 4.52
CA ILE A 9 8.70 3.88 5.31
C ILE A 9 7.56 3.37 4.44
N ALA A 10 7.44 3.90 3.25
CA ALA A 10 6.39 3.47 2.32
C ALA A 10 6.68 2.07 1.82
N GLY A 11 7.74 1.92 1.04
CA GLY A 11 8.10 0.61 0.52
C GLY A 11 8.17 -0.39 1.66
N LEU A 12 8.15 0.14 2.88
CA LEU A 12 8.20 -0.69 4.07
C LEU A 12 6.81 -0.79 4.70
N VAL A 13 5.98 0.23 4.47
CA VAL A 13 4.62 0.25 5.02
C VAL A 13 3.59 0.20 3.89
N ALA A 14 3.69 1.14 2.96
CA ALA A 14 2.75 1.18 1.84
C ALA A 14 2.54 -0.23 1.30
N LEU A 15 3.62 -0.96 1.09
CA LEU A 15 3.52 -2.32 0.58
C LEU A 15 2.80 -3.19 1.61
N LEU A 16 2.99 -2.86 2.89
CA LEU A 16 2.35 -3.61 3.96
C LEU A 16 1.02 -2.97 4.36
N THR A 17 0.66 -1.90 3.64
CA THR A 17 -0.60 -1.19 3.91
C THR A 17 -1.46 -1.16 2.66
N PHE A 18 -0.96 -0.54 1.61
CA PHE A 18 -1.70 -0.45 0.35
C PHE A 18 -2.41 -1.76 0.05
N LEU A 19 -1.65 -2.86 0.11
CA LEU A 19 -2.22 -4.18 -0.17
C LEU A 19 -3.15 -4.61 0.95
N ALA A 20 -2.66 -4.53 2.19
CA ALA A 20 -3.47 -4.93 3.34
C ALA A 20 -4.88 -4.35 3.24
N PHE A 21 -4.97 -3.03 3.06
CA PHE A 21 -6.27 -2.38 2.95
C PHE A 21 -6.81 -2.48 1.52
N GLY A 22 -5.91 -2.43 0.55
CA GLY A 22 -6.32 -2.52 -0.85
C GLY A 22 -7.10 -3.81 -1.10
N PHE A 23 -6.57 -4.92 -0.60
CA PHE A 23 -7.24 -6.21 -0.78
C PHE A 23 -8.68 -6.12 -0.33
N TRP A 24 -8.98 -5.07 0.44
CA TRP A 24 -10.34 -4.87 0.93
C TRP A 24 -11.01 -3.73 0.17
N LEU A 25 -10.60 -2.50 0.49
CA LEU A 25 -11.16 -1.30 -0.14
C LEU A 25 -11.78 -1.61 -1.50
N PHE A 26 -10.97 -2.14 -2.41
CA PHE A 26 -11.45 -2.47 -3.73
C PHE A 26 -12.36 -3.70 -3.69
N LYS A 27 -11.78 -4.84 -3.36
CA LYS A 27 -12.55 -6.08 -3.30
C LYS A 27 -13.86 -5.90 -2.55
N TYR A 28 -14.02 -4.76 -1.88
CA TYR A 28 -15.26 -4.48 -1.14
C TYR A 28 -16.03 -3.33 -1.76
N LEU A 29 -15.33 -2.27 -2.17
CA LEU A 29 -15.98 -1.12 -2.77
C LEU A 29 -15.93 -1.18 -4.29
N GLN A 30 -14.79 -1.58 -4.83
CA GLN A 30 -14.62 -1.65 -6.29
C GLN A 30 -15.55 -2.71 -6.89
N LYS A 31 -16.07 -3.59 -6.06
CA LYS A 31 -16.96 -4.64 -6.53
C LYS A 31 -18.42 -4.19 -6.44
N LYS A 32 -18.62 -2.95 -6.02
CA LYS A 32 -19.97 -2.40 -5.88
C LYS A 32 -20.41 -1.74 -7.18
N LYS A 1 20.08 7.12 -4.93
CA LYS A 1 20.31 5.86 -5.69
C LYS A 1 19.18 4.88 -5.41
N LYS A 2 17.96 5.41 -5.32
CA LYS A 2 16.80 4.56 -5.06
C LYS A 2 15.51 5.39 -5.14
N HIS A 3 15.24 6.14 -4.07
CA HIS A 3 14.03 6.97 -4.03
C HIS A 3 14.06 7.87 -2.80
N THR A 4 12.95 8.56 -2.56
CA THR A 4 12.85 9.46 -1.42
C THR A 4 12.88 8.67 -0.12
N ILE A 5 11.73 8.61 0.56
CA ILE A 5 11.62 7.88 1.83
C ILE A 5 10.59 6.78 1.70
N TRP A 6 9.65 6.95 0.78
CA TRP A 6 8.61 5.95 0.58
C TRP A 6 9.21 4.55 0.63
N GLU A 7 10.04 4.24 -0.34
CA GLU A 7 10.68 2.93 -0.39
C GLU A 7 11.26 2.55 0.96
N VAL A 8 11.40 3.52 1.85
CA VAL A 8 11.95 3.27 3.18
C VAL A 8 10.84 3.09 4.21
N ILE A 9 9.78 3.88 4.09
CA ILE A 9 8.65 3.79 5.01
C ILE A 9 7.43 3.25 4.29
N ALA A 10 7.15 3.78 3.10
CA ALA A 10 6.01 3.32 2.33
C ALA A 10 6.25 1.91 1.83
N GLY A 11 7.22 1.75 0.92
CA GLY A 11 7.53 0.43 0.40
C GLY A 11 7.72 -0.55 1.55
N LEU A 12 7.85 0.02 2.75
CA LEU A 12 8.03 -0.79 3.94
C LEU A 12 6.73 -0.89 4.73
N VAL A 13 5.86 0.12 4.56
CA VAL A 13 4.58 0.13 5.27
C VAL A 13 3.42 -0.05 4.28
N ALA A 14 3.38 0.77 3.25
CA ALA A 14 2.32 0.68 2.26
C ALA A 14 2.08 -0.78 1.89
N LEU A 15 3.16 -1.49 1.57
CA LEU A 15 3.05 -2.90 1.23
C LEU A 15 2.47 -3.67 2.40
N LEU A 16 2.77 -3.20 3.61
CA LEU A 16 2.29 -3.82 4.82
C LEU A 16 1.02 -3.12 5.31
N THR A 17 0.52 -2.19 4.50
CA THR A 17 -0.69 -1.45 4.84
C THR A 17 -1.54 -1.21 3.60
N PHE A 18 -1.10 -0.29 2.76
CA PHE A 18 -1.83 0.03 1.54
C PHE A 18 -2.29 -1.25 0.84
N LEU A 19 -1.38 -2.21 0.72
CA LEU A 19 -1.70 -3.48 0.07
C LEU A 19 -2.51 -4.37 1.01
N ALA A 20 -2.34 -4.15 2.32
CA ALA A 20 -3.07 -4.93 3.31
C ALA A 20 -4.55 -4.57 3.30
N PHE A 21 -4.85 -3.28 3.34
CA PHE A 21 -6.23 -2.82 3.35
C PHE A 21 -6.73 -2.64 1.92
N GLY A 22 -5.81 -2.29 1.02
CA GLY A 22 -6.17 -2.10 -0.38
C GLY A 22 -6.76 -3.36 -0.97
N PHE A 23 -6.13 -4.49 -0.68
CA PHE A 23 -6.61 -5.77 -1.19
C PHE A 23 -8.10 -5.93 -0.88
N TRP A 24 -8.59 -5.12 0.06
CA TRP A 24 -9.99 -5.18 0.44
C TRP A 24 -10.73 -3.97 -0.07
N LEU A 25 -10.43 -2.80 0.52
CA LEU A 25 -11.07 -1.54 0.14
C LEU A 25 -11.58 -1.57 -1.29
N PHE A 26 -10.68 -1.79 -2.24
CA PHE A 26 -11.06 -1.84 -3.64
C PHE A 26 -11.80 -3.12 -3.98
N LYS A 27 -11.16 -4.26 -3.73
CA LYS A 27 -11.78 -5.54 -4.03
C LYS A 27 -13.15 -5.69 -3.38
N TYR A 28 -13.55 -4.68 -2.59
CA TYR A 28 -14.85 -4.71 -1.94
C TYR A 28 -15.68 -3.50 -2.31
N LEU A 29 -15.07 -2.31 -2.21
CA LEU A 29 -15.77 -1.07 -2.54
C LEU A 29 -15.73 -0.82 -4.06
N GLN A 30 -14.57 -1.04 -4.66
CA GLN A 30 -14.42 -0.82 -6.10
C GLN A 30 -14.99 -2.01 -6.88
N LYS A 31 -15.35 -3.07 -6.16
CA LYS A 31 -15.91 -4.26 -6.81
C LYS A 31 -17.33 -4.52 -6.33
N LYS A 32 -17.55 -4.42 -5.03
CA LYS A 32 -18.87 -4.65 -4.46
C LYS A 32 -19.42 -6.01 -4.90
N LYS A 1 21.02 6.71 -5.02
CA LYS A 1 21.23 5.71 -3.93
C LYS A 1 19.88 5.28 -3.37
N LYS A 2 19.02 6.25 -3.10
CA LYS A 2 17.70 5.95 -2.55
C LYS A 2 16.71 7.07 -2.92
N HIS A 3 15.60 6.67 -3.52
CA HIS A 3 14.57 7.64 -3.92
C HIS A 3 14.40 8.71 -2.84
N THR A 4 13.86 8.30 -1.70
CA THR A 4 13.65 9.22 -0.59
C THR A 4 13.34 8.46 0.69
N ILE A 5 12.26 8.82 1.36
CA ILE A 5 11.88 8.15 2.59
C ILE A 5 10.90 7.01 2.28
N TRP A 6 10.10 7.19 1.24
CA TRP A 6 9.13 6.17 0.86
C TRP A 6 9.74 4.78 0.98
N GLU A 7 10.66 4.46 0.09
CA GLU A 7 11.31 3.15 0.11
C GLU A 7 11.75 2.78 1.53
N VAL A 8 11.72 3.75 2.43
CA VAL A 8 12.12 3.50 3.82
C VAL A 8 10.90 3.32 4.72
N ILE A 9 9.84 4.09 4.45
CA ILE A 9 8.62 4.01 5.24
C ILE A 9 7.49 3.45 4.36
N ALA A 10 7.39 3.95 3.15
CA ALA A 10 6.35 3.48 2.22
C ALA A 10 6.66 2.07 1.77
N GLY A 11 7.73 1.91 1.00
CA GLY A 11 8.13 0.60 0.53
C GLY A 11 8.18 -0.37 1.70
N LEU A 12 8.17 0.20 2.90
CA LEU A 12 8.20 -0.59 4.12
C LEU A 12 6.81 -0.70 4.73
N VAL A 13 5.97 0.30 4.45
CA VAL A 13 4.60 0.30 4.97
C VAL A 13 3.59 0.20 3.84
N ALA A 14 3.68 1.13 2.89
CA ALA A 14 2.76 1.11 1.75
C ALA A 14 2.58 -0.31 1.24
N LEU A 15 3.68 -1.02 1.06
CA LEU A 15 3.63 -2.39 0.58
C LEU A 15 2.94 -3.26 1.62
N LEU A 16 3.10 -2.89 2.90
CA LEU A 16 2.48 -3.63 3.98
C LEU A 16 1.14 -3.01 4.37
N THR A 17 0.73 -2.00 3.60
CA THR A 17 -0.53 -1.31 3.86
C THR A 17 -1.42 -1.33 2.62
N PHE A 18 -0.91 -0.73 1.54
CA PHE A 18 -1.66 -0.68 0.29
C PHE A 18 -2.37 -2.01 0.03
N LEU A 19 -1.63 -3.10 0.12
CA LEU A 19 -2.20 -4.43 -0.10
C LEU A 19 -3.18 -4.79 1.00
N ALA A 20 -2.71 -4.77 2.25
CA ALA A 20 -3.56 -5.09 3.38
C ALA A 20 -4.93 -4.44 3.23
N PHE A 21 -4.93 -3.12 3.06
CA PHE A 21 -6.19 -2.37 2.91
C PHE A 21 -6.75 -2.55 1.49
N GLY A 22 -5.87 -2.50 0.51
CA GLY A 22 -6.30 -2.66 -0.88
C GLY A 22 -7.12 -3.92 -1.06
N PHE A 23 -6.58 -5.04 -0.59
CA PHE A 23 -7.27 -6.32 -0.71
C PHE A 23 -8.72 -6.17 -0.28
N TRP A 24 -9.00 -5.12 0.48
CA TRP A 24 -10.36 -4.87 0.95
C TRP A 24 -10.98 -3.72 0.17
N LEU A 25 -10.49 -2.51 0.45
CA LEU A 25 -11.00 -1.29 -0.21
C LEU A 25 -11.63 -1.60 -1.56
N PHE A 26 -10.85 -2.16 -2.47
CA PHE A 26 -11.36 -2.47 -3.80
C PHE A 26 -12.30 -3.67 -3.76
N LYS A 27 -11.80 -4.81 -3.30
CA LYS A 27 -12.61 -6.02 -3.24
C LYS A 27 -13.93 -5.79 -2.50
N TYR A 28 -14.11 -4.58 -1.94
CA TYR A 28 -15.34 -4.27 -1.22
C TYR A 28 -16.03 -3.06 -1.83
N LEU A 29 -15.27 -2.01 -2.11
CA LEU A 29 -15.84 -0.79 -2.69
C LEU A 29 -15.88 -0.88 -4.21
N GLN A 30 -14.84 -1.45 -4.80
CA GLN A 30 -14.77 -1.57 -6.25
C GLN A 30 -15.54 -2.80 -6.73
N LYS A 31 -16.03 -3.60 -5.78
CA LYS A 31 -16.79 -4.80 -6.12
C LYS A 31 -18.23 -4.71 -5.61
N LYS A 32 -18.66 -3.50 -5.28
CA LYS A 32 -20.02 -3.30 -4.79
C LYS A 32 -20.94 -2.88 -5.92
N LYS A 1 22.78 5.24 0.29
CA LYS A 1 22.08 6.40 -0.31
C LYS A 1 21.16 5.93 -1.44
N LYS A 2 19.87 5.83 -1.14
CA LYS A 2 18.91 5.37 -2.13
C LYS A 2 17.60 6.16 -2.01
N HIS A 3 17.09 6.64 -3.14
CA HIS A 3 15.85 7.40 -3.15
C HIS A 3 15.81 8.37 -1.96
N THR A 4 14.74 8.30 -1.19
CA THR A 4 14.59 9.17 -0.02
C THR A 4 14.29 8.35 1.23
N ILE A 5 13.09 8.52 1.76
CA ILE A 5 12.68 7.79 2.95
C ILE A 5 11.58 6.79 2.60
N TRP A 6 10.87 7.06 1.51
CA TRP A 6 9.79 6.18 1.08
C TRP A 6 10.23 4.72 1.17
N GLU A 7 11.32 4.39 0.49
CA GLU A 7 11.83 3.03 0.49
C GLU A 7 12.15 2.57 1.92
N VAL A 8 12.03 3.49 2.87
CA VAL A 8 12.32 3.17 4.27
C VAL A 8 11.02 3.08 5.08
N ILE A 9 10.08 3.96 4.76
CA ILE A 9 8.79 3.98 5.45
C ILE A 9 7.69 3.56 4.49
N ALA A 10 7.71 4.10 3.28
CA ALA A 10 6.70 3.75 2.28
C ALA A 10 6.93 2.34 1.79
N GLY A 11 8.04 2.12 1.10
CA GLY A 11 8.36 0.79 0.59
C GLY A 11 8.25 -0.21 1.74
N LEU A 12 8.19 0.32 2.95
CA LEU A 12 8.09 -0.51 4.13
C LEU A 12 6.65 -0.53 4.63
N VAL A 13 5.90 0.54 4.35
CA VAL A 13 4.50 0.63 4.79
C VAL A 13 3.56 0.53 3.59
N ALA A 14 3.79 1.37 2.57
CA ALA A 14 2.93 1.34 1.39
C ALA A 14 2.67 -0.11 0.97
N LEU A 15 3.74 -0.87 0.80
CA LEU A 15 3.58 -2.27 0.41
C LEU A 15 2.74 -3.00 1.45
N LEU A 16 2.82 -2.54 2.69
CA LEU A 16 2.07 -3.14 3.78
C LEU A 16 0.81 -2.33 4.08
N THR A 17 0.46 -1.41 3.18
CA THR A 17 -0.72 -0.58 3.37
C THR A 17 -1.55 -0.48 2.09
N PHE A 18 -0.90 -0.72 0.95
CA PHE A 18 -1.59 -0.64 -0.33
C PHE A 18 -2.41 -1.90 -0.58
N LEU A 19 -1.79 -3.05 -0.35
CA LEU A 19 -2.46 -4.32 -0.54
C LEU A 19 -3.31 -4.68 0.67
N ALA A 20 -2.71 -4.59 1.85
CA ALA A 20 -3.42 -4.90 3.08
C ALA A 20 -4.83 -4.31 3.05
N PHE A 21 -4.93 -3.07 2.59
CA PHE A 21 -6.21 -2.40 2.52
C PHE A 21 -6.83 -2.59 1.14
N GLY A 22 -6.00 -2.54 0.11
CA GLY A 22 -6.48 -2.72 -1.26
C GLY A 22 -7.27 -4.01 -1.37
N PHE A 23 -6.75 -5.08 -0.78
CA PHE A 23 -7.43 -6.37 -0.83
C PHE A 23 -8.86 -6.24 -0.33
N TRP A 24 -9.12 -5.15 0.40
CA TRP A 24 -10.44 -4.91 0.94
C TRP A 24 -11.14 -3.81 0.16
N LEU A 25 -10.71 -2.57 0.38
CA LEU A 25 -11.29 -1.40 -0.29
C LEU A 25 -11.99 -1.77 -1.59
N PHE A 26 -11.25 -2.38 -2.51
CA PHE A 26 -11.83 -2.77 -3.79
C PHE A 26 -12.73 -4.00 -3.63
N LYS A 27 -12.12 -5.12 -3.27
CA LYS A 27 -12.87 -6.36 -3.10
C LYS A 27 -14.15 -6.13 -2.30
N TYR A 28 -14.25 -4.99 -1.64
CA TYR A 28 -15.44 -4.68 -0.83
C TYR A 28 -16.23 -3.52 -1.44
N LEU A 29 -15.54 -2.44 -1.76
CA LEU A 29 -16.19 -1.27 -2.33
C LEU A 29 -16.35 -1.42 -3.83
N GLN A 30 -15.28 -1.84 -4.50
CA GLN A 30 -15.31 -2.03 -5.94
C GLN A 30 -16.17 -3.22 -6.31
N LYS A 31 -16.66 -3.93 -5.29
CA LYS A 31 -17.49 -5.11 -5.51
C LYS A 31 -18.90 -4.88 -4.97
N LYS A 32 -19.20 -3.62 -4.63
CA LYS A 32 -20.52 -3.29 -4.10
C LYS A 32 -21.61 -4.00 -4.88
N LYS A 1 19.16 4.73 -7.89
CA LYS A 1 19.75 4.09 -6.68
C LYS A 1 18.65 3.82 -5.66
N LYS A 2 17.97 4.89 -5.25
CA LYS A 2 16.88 4.76 -4.27
C LYS A 2 15.97 5.98 -4.34
N HIS A 3 14.70 5.74 -4.59
CA HIS A 3 13.71 6.82 -4.67
C HIS A 3 13.96 7.86 -3.57
N THR A 4 13.27 7.70 -2.45
CA THR A 4 13.45 8.63 -1.32
C THR A 4 13.30 7.86 -0.02
N ILE A 5 12.30 8.24 0.78
CA ILE A 5 12.06 7.57 2.05
C ILE A 5 10.94 6.56 1.89
N TRP A 6 10.05 6.82 0.94
CA TRP A 6 8.93 5.92 0.69
C TRP A 6 9.41 4.48 0.69
N GLU A 7 10.38 4.18 -0.17
CA GLU A 7 10.91 2.82 -0.26
C GLU A 7 11.53 2.38 1.06
N VAL A 8 11.46 3.25 2.06
CA VAL A 8 12.01 2.96 3.37
C VAL A 8 10.90 2.89 4.42
N ILE A 9 9.87 3.73 4.25
CA ILE A 9 8.75 3.76 5.17
C ILE A 9 7.49 3.33 4.43
N ALA A 10 7.31 3.83 3.22
CA ALA A 10 6.14 3.48 2.43
C ALA A 10 6.30 2.06 1.88
N GLY A 11 7.26 1.87 1.00
CA GLY A 11 7.50 0.56 0.43
C GLY A 11 7.61 -0.46 1.56
N LEU A 12 7.75 0.05 2.77
CA LEU A 12 7.86 -0.81 3.95
C LEU A 12 6.54 -0.84 4.70
N VAL A 13 5.74 0.23 4.56
CA VAL A 13 4.45 0.30 5.23
C VAL A 13 3.32 0.21 4.22
N ALA A 14 3.35 1.08 3.21
CA ALA A 14 2.31 1.07 2.19
C ALA A 14 1.99 -0.36 1.77
N LEU A 15 3.03 -1.15 1.51
CA LEU A 15 2.83 -2.53 1.12
C LEU A 15 2.18 -3.31 2.26
N LEU A 16 2.48 -2.87 3.48
CA LEU A 16 1.93 -3.50 4.67
C LEU A 16 0.73 -2.71 5.17
N THR A 17 0.27 -1.76 4.36
CA THR A 17 -0.86 -0.93 4.73
C THR A 17 -1.71 -0.61 3.51
N PHE A 18 -1.17 0.23 2.62
CA PHE A 18 -1.89 0.59 1.40
C PHE A 18 -2.40 -0.64 0.68
N LEU A 19 -1.53 -1.65 0.57
CA LEU A 19 -1.90 -2.90 -0.10
C LEU A 19 -2.72 -3.79 0.83
N ALA A 20 -2.24 -3.94 2.06
CA ALA A 20 -2.92 -4.78 3.05
C ALA A 20 -4.42 -4.52 3.02
N PHE A 21 -4.82 -3.26 3.18
CA PHE A 21 -6.22 -2.91 3.18
C PHE A 21 -6.72 -2.68 1.74
N GLY A 22 -5.84 -2.15 0.90
CA GLY A 22 -6.19 -1.90 -0.49
C GLY A 22 -6.72 -3.17 -1.16
N PHE A 23 -6.02 -4.27 -0.93
CA PHE A 23 -6.41 -5.55 -1.51
C PHE A 23 -7.87 -5.85 -1.15
N TRP A 24 -8.37 -5.17 -0.14
CA TRP A 24 -9.74 -5.36 0.29
C TRP A 24 -10.61 -4.19 -0.14
N LEU A 25 -10.45 -3.06 0.56
CA LEU A 25 -11.21 -1.84 0.28
C LEU A 25 -11.76 -1.82 -1.14
N PHE A 26 -10.86 -1.93 -2.12
CA PHE A 26 -11.29 -1.92 -3.51
C PHE A 26 -11.93 -3.25 -3.90
N LYS A 27 -11.14 -4.31 -3.88
CA LYS A 27 -11.64 -5.63 -4.24
C LYS A 27 -12.97 -5.94 -3.55
N TYR A 28 -13.36 -5.10 -2.59
CA TYR A 28 -14.61 -5.31 -1.87
C TYR A 28 -15.58 -4.16 -2.11
N LEU A 29 -15.10 -2.93 -1.94
CA LEU A 29 -15.94 -1.76 -2.12
C LEU A 29 -15.98 -1.36 -3.60
N GLN A 30 -14.83 -1.44 -4.26
CA GLN A 30 -14.74 -1.08 -5.68
C GLN A 30 -15.28 -2.21 -6.55
N LYS A 31 -15.49 -3.37 -5.94
CA LYS A 31 -16.01 -4.52 -6.67
C LYS A 31 -17.35 -4.96 -6.07
N LYS A 32 -18.37 -4.11 -6.24
CA LYS A 32 -19.69 -4.42 -5.71
C LYS A 32 -20.77 -3.79 -6.58
N LYS A 1 20.89 7.52 -1.28
CA LYS A 1 19.87 8.59 -1.42
C LYS A 1 18.76 8.11 -2.36
N LYS A 2 18.66 6.80 -2.52
CA LYS A 2 17.65 6.22 -3.40
C LYS A 2 16.29 6.87 -3.13
N HIS A 3 15.62 7.25 -4.21
CA HIS A 3 14.30 7.89 -4.10
C HIS A 3 14.28 8.87 -2.93
N THR A 4 13.30 8.72 -2.05
CA THR A 4 13.18 9.59 -0.89
C THR A 4 13.11 8.77 0.39
N ILE A 5 11.95 8.80 1.06
CA ILE A 5 11.77 8.06 2.29
C ILE A 5 10.76 6.93 2.08
N TRP A 6 9.91 7.09 1.08
CA TRP A 6 8.91 6.08 0.78
C TRP A 6 9.52 4.68 0.84
N GLU A 7 10.55 4.45 0.04
CA GLU A 7 11.20 3.15 0.02
C GLU A 7 11.73 2.78 1.39
N VAL A 8 11.62 3.71 2.34
CA VAL A 8 12.09 3.47 3.71
C VAL A 8 10.91 3.26 4.65
N ILE A 9 9.84 4.01 4.43
CA ILE A 9 8.64 3.90 5.25
C ILE A 9 7.49 3.33 4.43
N ALA A 10 7.32 3.86 3.23
CA ALA A 10 6.25 3.38 2.35
C ALA A 10 6.57 1.97 1.84
N GLY A 11 7.61 1.87 1.02
CA GLY A 11 8.01 0.57 0.50
C GLY A 11 8.14 -0.42 1.65
N LEU A 12 8.16 0.12 2.86
CA LEU A 12 8.28 -0.70 4.05
C LEU A 12 6.91 -0.84 4.73
N VAL A 13 6.04 0.15 4.53
CA VAL A 13 4.71 0.12 5.13
C VAL A 13 3.64 0.08 4.04
N ALA A 14 3.67 1.04 3.13
CA ALA A 14 2.70 1.08 2.05
C ALA A 14 2.49 -0.32 1.48
N LEU A 15 3.59 -1.04 1.29
CA LEU A 15 3.50 -2.40 0.76
C LEU A 15 2.83 -3.30 1.78
N LEU A 16 3.06 -3.01 3.06
CA LEU A 16 2.47 -3.80 4.13
C LEU A 16 1.11 -3.22 4.51
N THR A 17 0.75 -2.11 3.89
CA THR A 17 -0.53 -1.45 4.16
C THR A 17 -1.40 -1.45 2.91
N PHE A 18 -0.95 -0.76 1.87
CA PHE A 18 -1.70 -0.69 0.62
C PHE A 18 -2.26 -2.06 0.27
N LEU A 19 -1.41 -3.08 0.32
CA LEU A 19 -1.84 -4.45 -0.01
C LEU A 19 -2.74 -5.02 1.09
N ALA A 20 -2.65 -4.44 2.27
CA ALA A 20 -3.47 -4.92 3.39
C ALA A 20 -4.87 -4.31 3.32
N PHE A 21 -4.93 -2.99 3.13
CA PHE A 21 -6.20 -2.30 3.04
C PHE A 21 -6.75 -2.40 1.62
N GLY A 22 -5.84 -2.39 0.65
CA GLY A 22 -6.24 -2.47 -0.75
C GLY A 22 -7.02 -3.76 -1.01
N PHE A 23 -6.49 -4.87 -0.51
CA PHE A 23 -7.14 -6.16 -0.69
C PHE A 23 -8.62 -6.07 -0.33
N TRP A 24 -8.98 -5.02 0.41
CA TRP A 24 -10.36 -4.82 0.81
C TRP A 24 -10.98 -3.67 0.06
N LEU A 25 -10.50 -2.45 0.34
CA LEU A 25 -11.02 -1.24 -0.30
C LEU A 25 -11.62 -1.54 -1.66
N PHE A 26 -10.85 -2.19 -2.53
CA PHE A 26 -11.34 -2.53 -3.86
C PHE A 26 -12.34 -3.68 -3.82
N LYS A 27 -11.85 -4.84 -3.44
CA LYS A 27 -12.69 -6.05 -3.38
C LYS A 27 -14.02 -5.76 -2.69
N TYR A 28 -14.13 -4.60 -2.05
CA TYR A 28 -15.36 -4.23 -1.35
C TYR A 28 -16.00 -3.00 -1.98
N LEU A 29 -15.19 -1.96 -2.18
CA LEU A 29 -15.71 -0.72 -2.77
C LEU A 29 -15.72 -0.81 -4.29
N GLN A 30 -14.63 -1.32 -4.86
CA GLN A 30 -14.52 -1.45 -6.31
C GLN A 30 -15.42 -2.57 -6.82
N LYS A 31 -15.81 -3.47 -5.92
CA LYS A 31 -16.68 -4.59 -6.29
C LYS A 31 -18.09 -4.34 -5.79
N LYS A 32 -18.41 -3.09 -5.46
CA LYS A 32 -19.73 -2.74 -4.97
C LYS A 32 -20.81 -3.48 -5.77
N LYS A 1 17.55 4.83 -6.90
CA LYS A 1 16.63 3.70 -6.60
C LYS A 1 16.14 3.82 -5.16
N LYS A 2 17.02 4.30 -4.29
CA LYS A 2 16.66 4.46 -2.88
C LYS A 2 15.58 5.52 -2.72
N HIS A 3 15.42 6.35 -3.74
CA HIS A 3 14.42 7.41 -3.70
C HIS A 3 14.63 8.31 -2.49
N THR A 4 13.57 8.48 -1.69
CA THR A 4 13.64 9.32 -0.50
C THR A 4 13.47 8.47 0.76
N ILE A 5 12.37 8.69 1.45
CA ILE A 5 12.09 7.94 2.67
C ILE A 5 11.05 6.87 2.38
N TRP A 6 10.24 7.09 1.36
CA TRP A 6 9.21 6.12 0.98
C TRP A 6 9.78 4.70 1.02
N GLU A 7 10.83 4.47 0.25
CA GLU A 7 11.45 3.15 0.19
C GLU A 7 11.96 2.73 1.57
N VAL A 8 11.75 3.58 2.56
CA VAL A 8 12.19 3.29 3.92
C VAL A 8 10.99 3.13 4.85
N ILE A 9 9.93 3.91 4.60
CA ILE A 9 8.71 3.83 5.40
C ILE A 9 7.57 3.34 4.53
N ALA A 10 7.48 3.87 3.32
CA ALA A 10 6.41 3.46 2.40
C ALA A 10 6.70 2.07 1.87
N GLY A 11 7.76 1.95 1.07
CA GLY A 11 8.13 0.66 0.52
C GLY A 11 8.19 -0.37 1.64
N LEU A 12 8.20 0.14 2.88
CA LEU A 12 8.25 -0.71 4.05
C LEU A 12 6.85 -0.84 4.66
N VAL A 13 6.02 0.18 4.46
CA VAL A 13 4.66 0.16 5.00
C VAL A 13 3.63 0.11 3.87
N ALA A 14 3.70 1.09 2.97
CA ALA A 14 2.77 1.13 1.85
C ALA A 14 2.58 -0.26 1.26
N LEU A 15 3.67 -1.00 1.12
CA LEU A 15 3.58 -2.36 0.58
C LEU A 15 2.89 -3.26 1.58
N LEU A 16 3.09 -2.98 2.86
CA LEU A 16 2.47 -3.75 3.93
C LEU A 16 1.14 -3.13 4.33
N THR A 17 0.76 -2.06 3.64
CA THR A 17 -0.50 -1.37 3.91
C THR A 17 -1.37 -1.34 2.67
N PHE A 18 -0.87 -0.69 1.62
CA PHE A 18 -1.62 -0.60 0.37
C PHE A 18 -2.20 -1.96 -0.02
N LEU A 19 -1.41 -3.01 0.17
CA LEU A 19 -1.85 -4.36 -0.17
C LEU A 19 -2.84 -4.88 0.86
N ALA A 20 -2.87 -4.25 2.03
CA ALA A 20 -3.78 -4.66 3.09
C ALA A 20 -5.09 -3.89 2.99
N PHE A 21 -4.98 -2.57 2.86
CA PHE A 21 -6.15 -1.72 2.74
C PHE A 21 -6.71 -1.82 1.34
N GLY A 22 -5.82 -1.77 0.34
CA GLY A 22 -6.25 -1.87 -1.04
C GLY A 22 -7.06 -3.13 -1.25
N PHE A 23 -6.55 -4.25 -0.75
CA PHE A 23 -7.25 -5.53 -0.87
C PHE A 23 -8.73 -5.33 -0.57
N TRP A 24 -9.03 -5.09 0.70
CA TRP A 24 -10.41 -4.89 1.10
C TRP A 24 -11.06 -3.82 0.26
N LEU A 25 -10.60 -2.57 0.43
CA LEU A 25 -11.15 -1.43 -0.32
C LEU A 25 -11.79 -1.85 -1.63
N PHE A 26 -10.98 -2.30 -2.57
CA PHE A 26 -11.50 -2.71 -3.86
C PHE A 26 -12.37 -3.96 -3.74
N LYS A 27 -11.86 -4.99 -3.08
CA LYS A 27 -12.60 -6.23 -2.93
C LYS A 27 -13.87 -6.04 -2.10
N TYR A 28 -14.27 -4.79 -1.89
CA TYR A 28 -15.48 -4.50 -1.12
C TYR A 28 -16.26 -3.35 -1.77
N LEU A 29 -15.55 -2.29 -2.12
CA LEU A 29 -16.20 -1.14 -2.76
C LEU A 29 -16.28 -1.33 -4.27
N GLN A 30 -15.20 -1.81 -4.87
CA GLN A 30 -15.16 -2.04 -6.31
C GLN A 30 -15.85 -3.35 -6.67
N LYS A 31 -16.25 -4.10 -5.63
CA LYS A 31 -16.92 -5.39 -5.85
C LYS A 31 -18.36 -5.33 -5.30
N LYS A 32 -18.84 -4.12 -5.05
CA LYS A 32 -20.19 -3.94 -4.53
C LYS A 32 -21.17 -4.89 -5.23
N LYS A 1 22.38 6.11 -1.40
CA LYS A 1 21.29 6.98 -1.92
C LYS A 1 20.16 6.10 -2.45
N LYS A 2 18.94 6.38 -2.00
CA LYS A 2 17.78 5.62 -2.45
C LYS A 2 16.52 6.47 -2.38
N HIS A 3 16.09 6.97 -3.54
CA HIS A 3 14.90 7.81 -3.61
C HIS A 3 14.84 8.76 -2.43
N THR A 4 13.73 8.69 -1.68
CA THR A 4 13.55 9.55 -0.52
C THR A 4 13.44 8.71 0.76
N ILE A 5 12.25 8.73 1.37
CA ILE A 5 12.02 7.96 2.58
C ILE A 5 11.00 6.86 2.31
N TRP A 6 10.17 7.06 1.29
CA TRP A 6 9.17 6.07 0.94
C TRP A 6 9.75 4.66 1.02
N GLU A 7 10.74 4.39 0.17
CA GLU A 7 11.36 3.08 0.15
C GLU A 7 11.83 2.67 1.54
N VAL A 8 11.78 3.61 2.49
CA VAL A 8 12.20 3.32 3.87
C VAL A 8 10.99 3.12 4.77
N ILE A 9 9.93 3.90 4.55
CA ILE A 9 8.72 3.80 5.34
C ILE A 9 7.58 3.29 4.47
N ALA A 10 7.45 3.83 3.28
CA ALA A 10 6.39 3.39 2.36
C ALA A 10 6.69 2.00 1.86
N GLY A 11 7.74 1.87 1.05
CA GLY A 11 8.12 0.56 0.52
C GLY A 11 8.19 -0.45 1.67
N LEU A 12 8.21 0.08 2.88
CA LEU A 12 8.27 -0.76 4.07
C LEU A 12 6.88 -0.88 4.71
N VAL A 13 6.04 0.14 4.48
CA VAL A 13 4.69 0.13 5.03
C VAL A 13 3.64 0.10 3.92
N ALA A 14 3.72 1.07 3.01
CA ALA A 14 2.78 1.12 1.91
C ALA A 14 2.57 -0.27 1.31
N LEU A 15 3.67 -1.01 1.17
CA LEU A 15 3.58 -2.35 0.62
C LEU A 15 2.88 -3.27 1.62
N LEU A 16 3.08 -2.98 2.91
CA LEU A 16 2.46 -3.76 3.97
C LEU A 16 1.11 -3.15 4.35
N THR A 17 0.76 -2.05 3.69
CA THR A 17 -0.50 -1.37 3.97
C THR A 17 -1.37 -1.35 2.71
N PHE A 18 -0.87 -0.69 1.67
CA PHE A 18 -1.61 -0.60 0.42
C PHE A 18 -2.19 -1.96 0.02
N LEU A 19 -1.40 -3.01 0.22
CA LEU A 19 -1.83 -4.36 -0.13
C LEU A 19 -2.83 -4.89 0.89
N ALA A 20 -2.87 -4.26 2.06
CA ALA A 20 -3.77 -4.68 3.11
C ALA A 20 -5.09 -3.91 3.01
N PHE A 21 -4.98 -2.59 2.88
CA PHE A 21 -6.16 -1.75 2.76
C PHE A 21 -6.71 -1.84 1.35
N GLY A 22 -5.82 -1.76 0.36
CA GLY A 22 -6.22 -1.85 -1.03
C GLY A 22 -7.04 -3.12 -1.24
N PHE A 23 -6.53 -4.23 -0.73
CA PHE A 23 -7.22 -5.50 -0.87
C PHE A 23 -8.71 -5.33 -0.57
N TRP A 24 -9.02 -5.08 0.69
CA TRP A 24 -10.40 -4.89 1.10
C TRP A 24 -11.06 -3.82 0.24
N LEU A 25 -10.59 -2.58 0.39
CA LEU A 25 -11.14 -1.44 -0.35
C LEU A 25 -11.77 -1.88 -1.67
N PHE A 26 -10.94 -2.32 -2.60
CA PHE A 26 -11.46 -2.74 -3.89
C PHE A 26 -12.33 -4.00 -3.76
N LYS A 27 -11.83 -4.99 -3.05
CA LYS A 27 -12.57 -6.23 -2.88
C LYS A 27 -13.83 -6.02 -2.01
N TYR A 28 -14.33 -4.80 -1.98
CA TYR A 28 -15.53 -4.48 -1.19
C TYR A 28 -16.27 -3.32 -1.82
N LEU A 29 -15.55 -2.27 -2.17
CA LEU A 29 -16.17 -1.09 -2.79
C LEU A 29 -16.26 -1.27 -4.30
N GLN A 30 -15.16 -1.72 -4.90
CA GLN A 30 -15.13 -1.94 -6.35
C GLN A 30 -15.90 -3.21 -6.70
N LYS A 31 -16.36 -3.91 -5.66
CA LYS A 31 -17.11 -5.14 -5.84
C LYS A 31 -18.57 -4.92 -5.46
N LYS A 32 -18.78 -4.40 -4.25
CA LYS A 32 -20.13 -4.14 -3.76
C LYS A 32 -21.02 -5.37 -3.93
N LYS A 1 20.28 7.45 -2.23
CA LYS A 1 19.98 8.29 -3.43
C LYS A 1 18.96 7.58 -4.31
N LYS A 2 18.63 6.35 -3.95
CA LYS A 2 17.65 5.57 -4.70
C LYS A 2 16.34 6.32 -4.80
N HIS A 3 15.97 7.03 -3.75
CA HIS A 3 14.73 7.79 -3.72
C HIS A 3 14.70 8.74 -2.53
N THR A 4 13.63 8.66 -1.74
CA THR A 4 13.48 9.51 -0.57
C THR A 4 13.37 8.65 0.69
N ILE A 5 12.22 8.72 1.35
CA ILE A 5 11.99 7.96 2.56
C ILE A 5 10.96 6.87 2.31
N TRP A 6 10.14 7.06 1.28
CA TRP A 6 9.12 6.08 0.94
C TRP A 6 9.70 4.66 0.99
N GLU A 7 10.73 4.43 0.20
CA GLU A 7 11.36 3.12 0.17
C GLU A 7 11.84 2.69 1.55
N VAL A 8 11.74 3.61 2.51
CA VAL A 8 12.17 3.32 3.89
C VAL A 8 10.95 3.12 4.79
N ILE A 9 9.90 3.91 4.56
CA ILE A 9 8.69 3.81 5.35
C ILE A 9 7.55 3.29 4.48
N ALA A 10 7.41 3.84 3.29
CA ALA A 10 6.37 3.40 2.37
C ALA A 10 6.67 2.01 1.85
N GLY A 11 7.74 1.89 1.06
CA GLY A 11 8.12 0.60 0.53
C GLY A 11 8.21 -0.41 1.65
N LEU A 12 8.20 0.11 2.88
CA LEU A 12 8.26 -0.74 4.06
C LEU A 12 6.89 -0.87 4.70
N VAL A 13 6.03 0.14 4.48
CA VAL A 13 4.68 0.12 5.03
C VAL A 13 3.64 0.09 3.92
N ALA A 14 3.71 1.05 3.01
CA ALA A 14 2.76 1.10 1.91
C ALA A 14 2.56 -0.28 1.33
N LEU A 15 3.65 -1.02 1.18
CA LEU A 15 3.56 -2.38 0.64
C LEU A 15 2.86 -3.28 1.64
N LEU A 16 3.06 -2.99 2.92
CA LEU A 16 2.44 -3.77 3.99
C LEU A 16 1.09 -3.17 4.36
N THR A 17 0.74 -2.07 3.71
CA THR A 17 -0.52 -1.39 3.97
C THR A 17 -1.38 -1.36 2.71
N PHE A 18 -0.88 -0.70 1.67
CA PHE A 18 -1.62 -0.61 0.41
C PHE A 18 -2.19 -1.96 0.02
N LEU A 19 -1.40 -3.02 0.22
CA LEU A 19 -1.83 -4.36 -0.13
C LEU A 19 -2.82 -4.90 0.91
N ALA A 20 -2.84 -4.28 2.07
CA ALA A 20 -3.75 -4.71 3.14
C ALA A 20 -5.07 -3.96 3.04
N PHE A 21 -4.99 -2.65 2.89
CA PHE A 21 -6.18 -1.82 2.77
C PHE A 21 -6.72 -1.90 1.36
N GLY A 22 -5.82 -1.79 0.38
CA GLY A 22 -6.22 -1.87 -1.02
C GLY A 22 -7.04 -3.14 -1.24
N PHE A 23 -6.52 -4.25 -0.75
CA PHE A 23 -7.23 -5.52 -0.90
C PHE A 23 -8.71 -5.33 -0.62
N TRP A 24 -9.03 -5.07 0.64
CA TRP A 24 -10.42 -4.86 1.03
C TRP A 24 -11.05 -3.77 0.17
N LEU A 25 -10.60 -2.53 0.38
CA LEU A 25 -11.13 -1.37 -0.36
C LEU A 25 -11.77 -1.79 -1.67
N PHE A 26 -10.96 -2.30 -2.59
CA PHE A 26 -11.48 -2.72 -3.88
C PHE A 26 -12.35 -3.97 -3.75
N LYS A 27 -11.82 -4.99 -3.09
CA LYS A 27 -12.56 -6.24 -2.91
C LYS A 27 -13.76 -6.03 -1.99
N TYR A 28 -14.34 -4.83 -2.02
CA TYR A 28 -15.51 -4.51 -1.20
C TYR A 28 -16.22 -3.31 -1.79
N LEU A 29 -15.44 -2.30 -2.17
CA LEU A 29 -16.01 -1.08 -2.74
C LEU A 29 -16.09 -1.18 -4.25
N GLN A 30 -15.10 -1.84 -4.85
CA GLN A 30 -15.07 -2.01 -6.30
C GLN A 30 -15.85 -3.26 -6.71
N LYS A 31 -16.37 -3.96 -5.70
CA LYS A 31 -17.13 -5.19 -5.94
C LYS A 31 -18.60 -4.97 -5.61
N LYS A 32 -18.96 -3.74 -5.32
CA LYS A 32 -20.35 -3.41 -4.98
C LYS A 32 -21.09 -2.88 -6.21
N LYS A 1 21.78 7.08 -3.35
CA LYS A 1 20.54 7.87 -3.52
C LYS A 1 19.59 7.13 -4.46
N LYS A 2 18.66 6.38 -3.88
CA LYS A 2 17.70 5.62 -4.68
C LYS A 2 16.38 6.39 -4.79
N HIS A 3 16.01 7.07 -3.72
CA HIS A 3 14.77 7.83 -3.69
C HIS A 3 14.74 8.78 -2.51
N THR A 4 13.65 8.73 -1.74
CA THR A 4 13.51 9.59 -0.57
C THR A 4 13.39 8.75 0.69
N ILE A 5 12.22 8.79 1.32
CA ILE A 5 11.98 8.03 2.54
C ILE A 5 10.95 6.94 2.28
N TRP A 6 10.14 7.12 1.24
CA TRP A 6 9.13 6.13 0.90
C TRP A 6 9.72 4.73 0.96
N GLU A 7 10.75 4.49 0.17
CA GLU A 7 11.39 3.17 0.14
C GLU A 7 11.88 2.77 1.53
N VAL A 8 11.74 3.68 2.49
CA VAL A 8 12.16 3.41 3.87
C VAL A 8 10.95 3.21 4.78
N ILE A 9 9.89 3.99 4.53
CA ILE A 9 8.68 3.89 5.32
C ILE A 9 7.54 3.36 4.45
N ALA A 10 7.42 3.90 3.24
CA ALA A 10 6.38 3.45 2.33
C ALA A 10 6.69 2.05 1.81
N GLY A 11 7.76 1.93 1.03
CA GLY A 11 8.15 0.64 0.51
C GLY A 11 8.22 -0.37 1.64
N LEU A 12 8.21 0.16 2.87
CA LEU A 12 8.27 -0.69 4.05
C LEU A 12 6.88 -0.82 4.67
N VAL A 13 6.04 0.19 4.46
CA VAL A 13 4.68 0.17 5.00
C VAL A 13 3.65 0.13 3.89
N ALA A 14 3.73 1.07 2.96
CA ALA A 14 2.80 1.10 1.83
C ALA A 14 2.60 -0.31 1.29
N LEU A 15 3.70 -1.02 1.08
CA LEU A 15 3.62 -2.38 0.57
C LEU A 15 2.90 -3.27 1.58
N LEU A 16 3.07 -2.94 2.86
CA LEU A 16 2.44 -3.70 3.93
C LEU A 16 1.09 -3.08 4.31
N THR A 17 0.73 -2.01 3.62
CA THR A 17 -0.53 -1.32 3.88
C THR A 17 -1.40 -1.27 2.64
N PHE A 18 -0.88 -0.64 1.59
CA PHE A 18 -1.62 -0.53 0.33
C PHE A 18 -2.33 -1.84 0.02
N LEU A 19 -1.62 -2.96 0.15
CA LEU A 19 -2.20 -4.27 -0.12
C LEU A 19 -3.16 -4.66 0.99
N ALA A 20 -2.68 -4.60 2.23
CA ALA A 20 -3.50 -4.98 3.37
C ALA A 20 -4.90 -4.37 3.26
N PHE A 21 -4.95 -3.06 3.05
CA PHE A 21 -6.23 -2.36 2.91
C PHE A 21 -6.77 -2.53 1.50
N GLY A 22 -5.87 -2.46 0.53
CA GLY A 22 -6.27 -2.61 -0.87
C GLY A 22 -7.08 -3.88 -1.07
N PHE A 23 -6.61 -4.97 -0.46
CA PHE A 23 -7.29 -6.25 -0.58
C PHE A 23 -8.76 -6.12 -0.20
N TRP A 24 -9.08 -5.04 0.52
CA TRP A 24 -10.44 -4.79 0.95
C TRP A 24 -11.06 -3.66 0.14
N LEU A 25 -10.53 -2.45 0.33
CA LEU A 25 -11.02 -1.26 -0.37
C LEU A 25 -11.68 -1.62 -1.70
N PHE A 26 -10.93 -2.32 -2.55
CA PHE A 26 -11.46 -2.71 -3.85
C PHE A 26 -12.49 -3.83 -3.72
N LYS A 27 -12.02 -5.00 -3.30
CA LYS A 27 -12.88 -6.16 -3.16
C LYS A 27 -14.20 -5.79 -2.49
N TYR A 28 -14.26 -4.62 -1.88
CA TYR A 28 -15.47 -4.18 -1.19
C TYR A 28 -16.08 -2.95 -1.87
N LEU A 29 -15.25 -1.95 -2.13
CA LEU A 29 -15.73 -0.73 -2.77
C LEU A 29 -15.77 -0.88 -4.28
N GLN A 30 -14.82 -1.63 -4.82
CA GLN A 30 -14.76 -1.84 -6.26
C GLN A 30 -15.64 -3.03 -6.67
N LYS A 31 -16.63 -3.33 -5.83
CA LYS A 31 -17.54 -4.43 -6.10
C LYS A 31 -18.99 -3.98 -5.99
N LYS A 32 -19.29 -3.18 -4.97
CA LYS A 32 -20.65 -2.69 -4.76
C LYS A 32 -21.28 -2.29 -6.08
N LYS A 1 21.55 4.72 -5.09
CA LYS A 1 20.43 5.52 -5.68
C LYS A 1 19.29 5.61 -4.69
N LYS A 2 18.61 4.50 -4.47
CA LYS A 2 17.49 4.45 -3.53
C LYS A 2 16.55 5.63 -3.77
N HIS A 3 15.55 5.76 -2.91
CA HIS A 3 14.57 6.85 -3.04
C HIS A 3 14.59 7.71 -1.78
N THR A 4 13.67 8.68 -1.72
CA THR A 4 13.59 9.56 -0.56
C THR A 4 13.45 8.76 0.73
N ILE A 5 12.26 8.80 1.31
CA ILE A 5 11.99 8.06 2.54
C ILE A 5 10.99 6.95 2.28
N TRP A 6 10.16 7.13 1.25
CA TRP A 6 9.17 6.12 0.90
C TRP A 6 9.77 4.72 1.02
N GLU A 7 10.69 4.41 0.12
CA GLU A 7 11.34 3.10 0.13
C GLU A 7 11.76 2.71 1.56
N VAL A 8 11.79 3.70 2.45
CA VAL A 8 12.18 3.43 3.84
C VAL A 8 10.95 3.23 4.73
N ILE A 9 9.90 4.02 4.49
CA ILE A 9 8.68 3.92 5.27
C ILE A 9 7.55 3.39 4.40
N ALA A 10 7.43 3.91 3.19
CA ALA A 10 6.40 3.47 2.28
C ALA A 10 6.69 2.05 1.80
N GLY A 11 7.76 1.90 1.02
CA GLY A 11 8.12 0.58 0.53
C GLY A 11 8.18 -0.40 1.69
N LEU A 12 8.17 0.16 2.89
CA LEU A 12 8.21 -0.65 4.10
C LEU A 12 6.81 -0.75 4.70
N VAL A 13 5.97 0.25 4.44
CA VAL A 13 4.60 0.27 4.97
C VAL A 13 3.59 0.16 3.83
N ALA A 14 3.68 1.08 2.87
CA ALA A 14 2.77 1.06 1.73
C ALA A 14 2.58 -0.36 1.22
N LEU A 15 3.69 -1.07 1.03
CA LEU A 15 3.62 -2.44 0.56
C LEU A 15 2.91 -3.30 1.60
N LEU A 16 3.06 -2.93 2.87
CA LEU A 16 2.43 -3.66 3.97
C LEU A 16 1.10 -3.02 4.34
N THR A 17 0.69 -2.00 3.58
CA THR A 17 -0.56 -1.31 3.83
C THR A 17 -1.43 -1.31 2.57
N PHE A 18 -0.91 -0.71 1.50
CA PHE A 18 -1.64 -0.66 0.24
C PHE A 18 -2.38 -1.96 -0.02
N LEU A 19 -1.66 -3.07 0.11
CA LEU A 19 -2.25 -4.39 -0.12
C LEU A 19 -3.22 -4.74 1.01
N ALA A 20 -2.75 -4.60 2.25
CA ALA A 20 -3.59 -4.91 3.40
C ALA A 20 -4.97 -4.28 3.26
N PHE A 21 -4.99 -2.97 3.02
CA PHE A 21 -6.26 -2.26 2.86
C PHE A 21 -6.80 -2.43 1.44
N GLY A 22 -5.90 -2.48 0.46
CA GLY A 22 -6.30 -2.64 -0.92
C GLY A 22 -7.12 -3.91 -1.10
N PHE A 23 -6.63 -5.01 -0.55
CA PHE A 23 -7.33 -6.29 -0.66
C PHE A 23 -8.78 -6.12 -0.22
N TRP A 24 -9.04 -5.04 0.51
CA TRP A 24 -10.38 -4.75 0.98
C TRP A 24 -11.00 -3.64 0.15
N LEU A 25 -10.59 -2.40 0.44
CA LEU A 25 -11.08 -1.22 -0.27
C LEU A 25 -11.72 -1.57 -1.60
N PHE A 26 -10.94 -2.19 -2.48
CA PHE A 26 -11.46 -2.57 -3.79
C PHE A 26 -12.40 -3.76 -3.69
N LYS A 27 -11.84 -4.92 -3.33
CA LYS A 27 -12.65 -6.12 -3.22
C LYS A 27 -13.95 -5.87 -2.44
N TYR A 28 -14.03 -4.69 -1.80
CA TYR A 28 -15.22 -4.35 -1.03
C TYR A 28 -15.94 -3.15 -1.64
N LEU A 29 -15.18 -2.20 -2.17
CA LEU A 29 -15.78 -1.01 -2.78
C LEU A 29 -15.75 -1.07 -4.30
N GLN A 30 -14.71 -1.65 -4.86
CA GLN A 30 -14.57 -1.75 -6.32
C GLN A 30 -15.59 -2.73 -6.91
N LYS A 31 -16.04 -3.67 -6.09
CA LYS A 31 -17.00 -4.67 -6.56
C LYS A 31 -18.43 -4.24 -6.23
N LYS A 32 -18.58 -3.00 -5.79
CA LYS A 32 -19.89 -2.48 -5.43
C LYS A 32 -19.98 -0.99 -5.74
N LYS A 1 22.18 6.07 -2.99
CA LYS A 1 21.00 6.90 -3.37
C LYS A 1 20.07 6.06 -4.23
N LYS A 2 18.79 6.03 -3.86
CA LYS A 2 17.79 5.27 -4.60
C LYS A 2 16.50 6.07 -4.74
N HIS A 3 16.14 6.79 -3.69
CA HIS A 3 14.92 7.59 -3.70
C HIS A 3 14.90 8.57 -2.53
N THR A 4 13.80 8.56 -1.79
CA THR A 4 13.66 9.44 -0.63
C THR A 4 13.52 8.62 0.65
N ILE A 5 12.35 8.70 1.27
CA ILE A 5 12.08 7.96 2.50
C ILE A 5 11.04 6.88 2.24
N TRP A 6 10.23 7.07 1.20
CA TRP A 6 9.20 6.10 0.85
C TRP A 6 9.76 4.68 0.95
N GLU A 7 10.79 4.40 0.17
CA GLU A 7 11.39 3.08 0.17
C GLU A 7 11.84 2.68 1.58
N VAL A 8 11.76 3.62 2.51
CA VAL A 8 12.16 3.36 3.89
C VAL A 8 10.93 3.19 4.79
N ILE A 9 9.89 3.99 4.52
CA ILE A 9 8.67 3.93 5.31
C ILE A 9 7.53 3.40 4.42
N ALA A 10 7.42 3.93 3.22
CA ALA A 10 6.38 3.50 2.30
C ALA A 10 6.67 2.08 1.81
N GLY A 11 7.74 1.94 1.04
CA GLY A 11 8.10 0.62 0.53
C GLY A 11 8.15 -0.37 1.69
N LEU A 12 8.14 0.18 2.91
CA LEU A 12 8.17 -0.65 4.10
C LEU A 12 6.77 -0.74 4.72
N VAL A 13 5.95 0.28 4.47
CA VAL A 13 4.58 0.30 5.00
C VAL A 13 3.57 0.23 3.87
N ALA A 14 3.67 1.15 2.92
CA ALA A 14 2.74 1.16 1.79
C ALA A 14 2.53 -0.25 1.28
N LEU A 15 3.62 -0.98 1.08
CA LEU A 15 3.53 -2.35 0.60
C LEU A 15 2.81 -3.20 1.63
N LEU A 16 2.98 -2.85 2.90
CA LEU A 16 2.34 -3.59 3.98
C LEU A 16 1.00 -2.95 4.35
N THR A 17 0.64 -1.89 3.63
CA THR A 17 -0.62 -1.19 3.88
C THR A 17 -1.48 -1.19 2.62
N PHE A 18 -0.96 -0.57 1.56
CA PHE A 18 -1.69 -0.51 0.29
C PHE A 18 -2.40 -1.84 0.01
N LEU A 19 -1.64 -2.93 0.08
CA LEU A 19 -2.20 -4.25 -0.17
C LEU A 19 -3.15 -4.66 0.96
N ALA A 20 -2.67 -4.58 2.19
CA ALA A 20 -3.49 -4.95 3.34
C ALA A 20 -4.90 -4.37 3.21
N PHE A 21 -4.98 -3.06 3.01
CA PHE A 21 -6.27 -2.39 2.87
C PHE A 21 -6.80 -2.53 1.45
N GLY A 22 -5.90 -2.47 0.47
CA GLY A 22 -6.30 -2.60 -0.92
C GLY A 22 -7.08 -3.88 -1.15
N PHE A 23 -6.56 -4.98 -0.61
CA PHE A 23 -7.23 -6.26 -0.76
C PHE A 23 -8.69 -6.16 -0.32
N TRP A 24 -8.98 -5.12 0.45
CA TRP A 24 -10.34 -4.91 0.92
C TRP A 24 -11.01 -3.78 0.15
N LEU A 25 -10.59 -2.55 0.44
CA LEU A 25 -11.13 -1.36 -0.21
C LEU A 25 -11.75 -1.67 -1.56
N PHE A 26 -10.93 -2.18 -2.48
CA PHE A 26 -11.43 -2.52 -3.81
C PHE A 26 -12.34 -3.73 -3.77
N LYS A 27 -11.79 -4.86 -3.34
CA LYS A 27 -12.56 -6.10 -3.27
C LYS A 27 -13.87 -5.91 -2.49
N TYR A 28 -14.08 -4.71 -1.93
CA TYR A 28 -15.28 -4.43 -1.17
C TYR A 28 -15.99 -3.18 -1.67
N LEU A 29 -15.22 -2.21 -2.15
CA LEU A 29 -15.79 -0.96 -2.63
C LEU A 29 -15.83 -0.93 -4.15
N GLN A 30 -14.88 -1.62 -4.78
CA GLN A 30 -14.79 -1.67 -6.24
C GLN A 30 -15.61 -2.82 -6.80
N LYS A 31 -16.07 -3.71 -5.93
CA LYS A 31 -16.87 -4.85 -6.35
C LYS A 31 -18.34 -4.63 -5.99
N LYS A 32 -18.94 -3.61 -6.60
CA LYS A 32 -20.33 -3.27 -6.35
C LYS A 32 -21.04 -2.93 -7.65
N LYS A 1 20.87 8.40 -5.17
CA LYS A 1 19.82 8.81 -6.15
C LYS A 1 18.74 7.74 -6.20
N LYS A 2 18.66 6.93 -5.14
CA LYS A 2 17.67 5.87 -5.08
C LYS A 2 16.25 6.45 -5.14
N HIS A 3 15.86 7.12 -4.07
CA HIS A 3 14.54 7.73 -4.00
C HIS A 3 14.46 8.74 -2.86
N THR A 4 13.44 8.60 -2.01
CA THR A 4 13.27 9.52 -0.88
C THR A 4 13.16 8.72 0.42
N ILE A 5 11.99 8.76 1.03
CA ILE A 5 11.75 8.06 2.28
C ILE A 5 10.74 6.93 2.07
N TRP A 6 9.94 7.05 1.02
CA TRP A 6 8.94 6.04 0.72
C TRP A 6 9.55 4.64 0.85
N GLU A 7 10.62 4.40 0.11
CA GLU A 7 11.28 3.09 0.15
C GLU A 7 11.75 2.76 1.56
N VAL A 8 11.60 3.72 2.47
CA VAL A 8 12.02 3.52 3.86
C VAL A 8 10.80 3.33 4.77
N ILE A 9 9.72 4.07 4.46
CA ILE A 9 8.50 3.99 5.25
C ILE A 9 7.39 3.39 4.39
N ALA A 10 7.26 3.87 3.16
CA ALA A 10 6.24 3.36 2.25
C ALA A 10 6.58 1.95 1.81
N GLY A 11 7.65 1.83 1.04
CA GLY A 11 8.08 0.51 0.58
C GLY A 11 8.17 -0.45 1.75
N LEU A 12 8.14 0.14 2.96
CA LEU A 12 8.21 -0.66 4.17
C LEU A 12 6.82 -0.78 4.80
N VAL A 13 5.95 0.20 4.52
CA VAL A 13 4.59 0.18 5.07
C VAL A 13 3.57 0.07 3.94
N ALA A 14 3.63 0.99 2.99
CA ALA A 14 2.69 0.98 1.87
C ALA A 14 2.52 -0.45 1.35
N LEU A 15 3.64 -1.17 1.24
CA LEU A 15 3.58 -2.54 0.77
C LEU A 15 2.88 -3.41 1.81
N LEU A 16 3.05 -3.06 3.08
CA LEU A 16 2.43 -3.81 4.16
C LEU A 16 1.06 -3.21 4.49
N THR A 17 0.71 -2.13 3.79
CA THR A 17 -0.58 -1.47 4.01
C THR A 17 -1.42 -1.53 2.74
N PHE A 18 -0.93 -0.91 1.67
CA PHE A 18 -1.65 -0.90 0.42
C PHE A 18 -2.21 -2.29 0.09
N LEU A 19 -1.40 -3.32 0.35
CA LEU A 19 -1.83 -4.69 0.08
C LEU A 19 -2.82 -5.16 1.14
N ALA A 20 -2.80 -4.53 2.31
CA ALA A 20 -3.70 -4.90 3.39
C ALA A 20 -5.05 -4.19 3.23
N PHE A 21 -5.00 -2.90 2.98
CA PHE A 21 -6.21 -2.10 2.82
C PHE A 21 -6.74 -2.24 1.39
N GLY A 22 -5.83 -2.15 0.42
CA GLY A 22 -6.22 -2.25 -0.98
C GLY A 22 -6.94 -3.56 -1.25
N PHE A 23 -6.42 -4.65 -0.69
CA PHE A 23 -7.03 -5.95 -0.88
C PHE A 23 -8.48 -5.92 -0.40
N TRP A 24 -8.84 -4.84 0.29
CA TRP A 24 -10.19 -4.69 0.79
C TRP A 24 -10.89 -3.54 0.06
N LEU A 25 -10.54 -2.32 0.43
CA LEU A 25 -11.12 -1.11 -0.16
C LEU A 25 -11.70 -1.38 -1.53
N PHE A 26 -10.88 -1.87 -2.44
CA PHE A 26 -11.36 -2.16 -3.80
C PHE A 26 -12.20 -3.43 -3.82
N LYS A 27 -11.61 -4.53 -3.39
CA LYS A 27 -12.31 -5.81 -3.39
C LYS A 27 -13.59 -5.75 -2.55
N TYR A 28 -13.89 -4.58 -2.00
CA TYR A 28 -15.11 -4.42 -1.19
C TYR A 28 -15.96 -3.27 -1.74
N LEU A 29 -15.31 -2.15 -2.07
CA LEU A 29 -16.03 -1.00 -2.59
C LEU A 29 -16.04 -1.01 -4.12
N GLN A 30 -14.91 -1.35 -4.71
CA GLN A 30 -14.81 -1.40 -6.17
C GLN A 30 -15.47 -2.67 -6.71
N LYS A 31 -15.68 -3.64 -5.83
CA LYS A 31 -16.30 -4.90 -6.22
C LYS A 31 -17.67 -5.05 -5.54
N LYS A 32 -18.61 -4.20 -5.92
CA LYS A 32 -19.94 -4.25 -5.35
C LYS A 32 -20.99 -3.77 -6.35
N LYS A 1 21.33 8.52 -1.37
CA LYS A 1 22.01 7.52 -2.24
C LYS A 1 20.98 6.56 -2.81
N LYS A 2 19.93 6.29 -2.05
CA LYS A 2 18.88 5.38 -2.49
C LYS A 2 17.71 6.16 -3.09
N HIS A 3 17.01 6.89 -2.22
CA HIS A 3 15.86 7.68 -2.66
C HIS A 3 15.38 8.58 -1.53
N THR A 4 14.11 9.00 -1.57
CA THR A 4 13.56 9.85 -0.53
C THR A 4 13.41 9.05 0.77
N ILE A 5 12.16 8.83 1.19
CA ILE A 5 11.90 8.07 2.42
C ILE A 5 10.93 6.93 2.14
N TRP A 6 10.13 7.07 1.10
CA TRP A 6 9.17 6.02 0.75
C TRP A 6 9.79 4.62 0.94
N GLU A 7 10.68 4.25 0.05
CA GLU A 7 11.32 2.95 0.14
C GLU A 7 11.78 2.65 1.56
N VAL A 8 11.80 3.67 2.43
CA VAL A 8 12.23 3.46 3.82
C VAL A 8 11.02 3.29 4.74
N ILE A 9 9.92 3.97 4.41
CA ILE A 9 8.70 3.88 5.21
C ILE A 9 7.56 3.31 4.35
N ALA A 10 7.45 3.80 3.12
CA ALA A 10 6.41 3.32 2.22
C ALA A 10 6.70 1.87 1.80
N GLY A 11 7.78 1.70 1.04
CA GLY A 11 8.15 0.36 0.60
C GLY A 11 8.19 -0.57 1.79
N LEU A 12 8.17 0.03 2.98
CA LEU A 12 8.20 -0.74 4.22
C LEU A 12 6.79 -0.82 4.81
N VAL A 13 5.97 0.19 4.52
CA VAL A 13 4.60 0.23 5.04
C VAL A 13 3.60 0.15 3.90
N ALA A 14 3.71 1.07 2.95
CA ALA A 14 2.80 1.09 1.81
C ALA A 14 2.61 -0.33 1.29
N LEU A 15 3.71 -1.05 1.11
CA LEU A 15 3.64 -2.42 0.62
C LEU A 15 2.91 -3.28 1.65
N LEU A 16 3.06 -2.92 2.92
CA LEU A 16 2.42 -3.66 4.00
C LEU A 16 1.08 -3.01 4.36
N THR A 17 0.69 -2.00 3.60
CA THR A 17 -0.56 -1.29 3.85
C THR A 17 -1.41 -1.27 2.58
N PHE A 18 -0.89 -0.67 1.52
CA PHE A 18 -1.60 -0.59 0.25
C PHE A 18 -2.33 -1.89 -0.03
N LEU A 19 -1.62 -3.01 0.09
CA LEU A 19 -2.22 -4.31 -0.16
C LEU A 19 -3.18 -4.69 0.96
N ALA A 20 -2.72 -4.57 2.20
CA ALA A 20 -3.56 -4.90 3.35
C ALA A 20 -4.94 -4.28 3.20
N PHE A 21 -4.98 -2.97 2.99
CA PHE A 21 -6.25 -2.26 2.83
C PHE A 21 -6.78 -2.44 1.41
N GLY A 22 -5.88 -2.43 0.44
CA GLY A 22 -6.27 -2.58 -0.95
C GLY A 22 -7.08 -3.85 -1.15
N PHE A 23 -6.60 -4.95 -0.58
CA PHE A 23 -7.29 -6.22 -0.70
C PHE A 23 -8.75 -6.08 -0.25
N TRP A 24 -9.03 -4.99 0.44
CA TRP A 24 -10.38 -4.73 0.91
C TRP A 24 -11.01 -3.59 0.12
N LEU A 25 -10.57 -2.37 0.40
CA LEU A 25 -11.09 -1.17 -0.27
C LEU A 25 -11.72 -1.50 -1.62
N PHE A 26 -10.95 -2.12 -2.50
CA PHE A 26 -11.46 -2.49 -3.82
C PHE A 26 -12.38 -3.70 -3.72
N LYS A 27 -11.82 -4.84 -3.32
CA LYS A 27 -12.60 -6.06 -3.21
C LYS A 27 -13.92 -5.83 -2.46
N TYR A 28 -14.07 -4.66 -1.84
CA TYR A 28 -15.30 -4.34 -1.11
C TYR A 28 -16.05 -3.20 -1.79
N LEU A 29 -15.36 -2.11 -2.06
CA LEU A 29 -15.99 -0.96 -2.69
C LEU A 29 -16.01 -1.11 -4.21
N GLN A 30 -14.89 -1.54 -4.77
CA GLN A 30 -14.79 -1.72 -6.21
C GLN A 30 -15.60 -2.93 -6.66
N LYS A 31 -15.96 -3.78 -5.69
CA LYS A 31 -16.74 -4.98 -5.99
C LYS A 31 -18.12 -4.89 -5.35
N LYS A 32 -19.06 -4.27 -6.05
CA LYS A 32 -20.42 -4.11 -5.54
C LYS A 32 -21.44 -4.42 -6.64
N LYS A 1 20.93 8.08 -0.20
CA LYS A 1 21.30 6.66 0.02
C LYS A 1 20.74 5.82 -1.12
N LYS A 2 19.51 6.10 -1.53
CA LYS A 2 18.87 5.35 -2.61
C LYS A 2 17.68 6.13 -3.16
N HIS A 3 17.00 6.85 -2.28
CA HIS A 3 15.82 7.63 -2.69
C HIS A 3 15.37 8.53 -1.54
N THR A 4 14.11 8.96 -1.58
CA THR A 4 13.59 9.82 -0.52
C THR A 4 13.42 9.03 0.78
N ILE A 5 12.18 8.83 1.21
CA ILE A 5 11.91 8.09 2.44
C ILE A 5 10.94 6.94 2.16
N TRP A 6 10.15 7.07 1.12
CA TRP A 6 9.19 6.02 0.77
C TRP A 6 9.81 4.63 0.97
N GLU A 7 10.71 4.26 0.08
CA GLU A 7 11.36 2.95 0.18
C GLU A 7 11.80 2.66 1.61
N VAL A 8 11.83 3.69 2.46
CA VAL A 8 12.24 3.48 3.86
C VAL A 8 11.02 3.31 4.76
N ILE A 9 9.92 4.00 4.43
CA ILE A 9 8.69 3.90 5.21
C ILE A 9 7.57 3.33 4.35
N ALA A 10 7.46 3.81 3.12
CA ALA A 10 6.42 3.33 2.21
C ALA A 10 6.73 1.90 1.79
N GLY A 11 7.80 1.72 1.04
CA GLY A 11 8.18 0.38 0.61
C GLY A 11 8.22 -0.55 1.80
N LEU A 12 8.19 0.04 2.98
CA LEU A 12 8.19 -0.72 4.22
C LEU A 12 6.78 -0.79 4.81
N VAL A 13 5.97 0.21 4.52
CA VAL A 13 4.59 0.25 5.02
C VAL A 13 3.60 0.16 3.87
N ALA A 14 3.71 1.07 2.91
CA ALA A 14 2.82 1.07 1.76
C ALA A 14 2.62 -0.35 1.25
N LEU A 15 3.73 -1.07 1.10
CA LEU A 15 3.66 -2.45 0.62
C LEU A 15 2.93 -3.30 1.65
N LEU A 16 3.07 -2.93 2.92
CA LEU A 16 2.42 -3.65 4.00
C LEU A 16 1.09 -3.00 4.36
N THR A 17 0.69 -2.00 3.58
CA THR A 17 -0.56 -1.29 3.81
C THR A 17 -1.41 -1.28 2.54
N PHE A 18 -0.87 -0.68 1.48
CA PHE A 18 -1.59 -0.62 0.21
C PHE A 18 -2.33 -1.92 -0.06
N LEU A 19 -1.62 -3.04 0.07
CA LEU A 19 -2.22 -4.34 -0.16
C LEU A 19 -3.19 -4.70 0.97
N ALA A 20 -2.72 -4.58 2.21
CA ALA A 20 -3.56 -4.89 3.36
C ALA A 20 -4.94 -4.27 3.19
N PHE A 21 -4.98 -2.96 2.97
CA PHE A 21 -6.24 -2.26 2.79
C PHE A 21 -6.78 -2.44 1.38
N GLY A 22 -5.87 -2.44 0.40
CA GLY A 22 -6.26 -2.59 -0.99
C GLY A 22 -7.09 -3.86 -1.18
N PHE A 23 -6.60 -4.96 -0.61
CA PHE A 23 -7.30 -6.23 -0.74
C PHE A 23 -8.75 -6.09 -0.29
N TRP A 24 -9.03 -5.00 0.42
CA TRP A 24 -10.38 -4.73 0.90
C TRP A 24 -11.01 -3.60 0.10
N LEU A 25 -10.56 -2.37 0.38
CA LEU A 25 -11.08 -1.17 -0.29
C LEU A 25 -11.72 -1.50 -1.63
N PHE A 26 -10.96 -2.13 -2.52
CA PHE A 26 -11.48 -2.50 -3.83
C PHE A 26 -12.41 -3.70 -3.73
N LYS A 27 -11.86 -4.84 -3.33
CA LYS A 27 -12.65 -6.07 -3.22
C LYS A 27 -13.95 -5.83 -2.45
N TYR A 28 -14.08 -4.65 -1.83
CA TYR A 28 -15.30 -4.33 -1.08
C TYR A 28 -16.07 -3.20 -1.74
N LEU A 29 -15.38 -2.10 -2.03
CA LEU A 29 -16.01 -0.95 -2.67
C LEU A 29 -16.05 -1.11 -4.18
N GLN A 30 -14.93 -1.57 -4.75
CA GLN A 30 -14.85 -1.75 -6.18
C GLN A 30 -15.65 -2.97 -6.62
N LYS A 31 -16.01 -3.81 -5.65
CA LYS A 31 -16.78 -5.02 -5.93
C LYS A 31 -18.12 -4.97 -5.20
N LYS A 32 -19.00 -4.09 -5.66
CA LYS A 32 -20.32 -3.96 -5.04
C LYS A 32 -21.33 -3.43 -6.06
N LYS A 1 21.50 6.48 -0.58
CA LYS A 1 20.32 7.40 -0.58
C LYS A 1 19.33 6.94 -1.65
N LYS A 2 18.98 5.66 -1.60
CA LYS A 2 18.03 5.12 -2.56
C LYS A 2 16.71 5.88 -2.52
N HIS A 3 16.32 6.44 -3.66
CA HIS A 3 15.07 7.20 -3.75
C HIS A 3 14.85 8.06 -2.50
N THR A 4 13.63 8.58 -2.35
CA THR A 4 13.32 9.42 -1.19
C THR A 4 13.26 8.59 0.09
N ILE A 5 12.08 8.50 0.71
CA ILE A 5 11.90 7.74 1.94
C ILE A 5 10.83 6.67 1.75
N TRP A 6 9.92 6.89 0.82
CA TRP A 6 8.87 5.92 0.56
C TRP A 6 9.40 4.48 0.64
N GLU A 7 10.20 4.10 -0.33
CA GLU A 7 10.75 2.74 -0.35
C GLU A 7 11.36 2.38 1.00
N VAL A 8 11.51 3.35 1.89
CA VAL A 8 12.08 3.08 3.22
C VAL A 8 10.97 2.95 4.25
N ILE A 9 9.90 3.73 4.09
CA ILE A 9 8.77 3.69 5.01
C ILE A 9 7.52 3.19 4.29
N ALA A 10 7.30 3.72 3.09
CA ALA A 10 6.14 3.31 2.31
C ALA A 10 6.31 1.88 1.83
N GLY A 11 7.28 1.66 0.95
CA GLY A 11 7.54 0.32 0.44
C GLY A 11 7.67 -0.65 1.61
N LEU A 12 7.80 -0.07 2.80
CA LEU A 12 7.92 -0.88 4.00
C LEU A 12 6.60 -0.89 4.77
N VAL A 13 5.79 0.15 4.58
CA VAL A 13 4.49 0.23 5.26
C VAL A 13 3.36 0.09 4.26
N ALA A 14 3.37 0.92 3.22
CA ALA A 14 2.33 0.86 2.20
C ALA A 14 2.02 -0.59 1.85
N LEU A 15 3.07 -1.36 1.59
CA LEU A 15 2.89 -2.77 1.25
C LEU A 15 2.25 -3.50 2.42
N LEU A 16 2.55 -3.02 3.63
CA LEU A 16 2.00 -3.61 4.83
C LEU A 16 0.78 -2.84 5.29
N THR A 17 0.34 -1.89 4.46
CA THR A 17 -0.83 -1.08 4.77
C THR A 17 -1.66 -0.82 3.52
N PHE A 18 -1.15 0.04 2.66
CA PHE A 18 -1.85 0.38 1.42
C PHE A 18 -2.36 -0.89 0.74
N LEU A 19 -1.48 -1.88 0.61
CA LEU A 19 -1.85 -3.14 -0.03
C LEU A 19 -2.75 -3.96 0.90
N ALA A 20 -2.30 -4.14 2.14
CA ALA A 20 -3.08 -4.92 3.11
C ALA A 20 -4.56 -4.54 3.05
N PHE A 21 -4.84 -3.25 3.19
CA PHE A 21 -6.22 -2.78 3.15
C PHE A 21 -6.68 -2.60 1.72
N GLY A 22 -5.79 -2.14 0.85
CA GLY A 22 -6.13 -1.94 -0.56
C GLY A 22 -6.69 -3.21 -1.16
N PHE A 23 -6.03 -4.33 -0.90
CA PHE A 23 -6.48 -5.61 -1.44
C PHE A 23 -7.94 -5.85 -1.07
N TRP A 24 -8.42 -5.09 -0.09
CA TRP A 24 -9.80 -5.22 0.35
C TRP A 24 -10.63 -4.03 -0.12
N LEU A 25 -10.42 -2.89 0.53
CA LEU A 25 -11.14 -1.65 0.21
C LEU A 25 -11.69 -1.66 -1.21
N PHE A 26 -10.81 -1.85 -2.18
CA PHE A 26 -11.24 -1.89 -3.58
C PHE A 26 -11.93 -3.22 -3.90
N LYS A 27 -11.18 -4.30 -3.82
CA LYS A 27 -11.73 -5.63 -4.12
C LYS A 27 -13.07 -5.85 -3.42
N TYR A 28 -13.43 -4.97 -2.49
CA TYR A 28 -14.69 -5.10 -1.77
C TYR A 28 -15.64 -3.97 -2.11
N LEU A 29 -15.17 -2.73 -2.02
CA LEU A 29 -15.99 -1.57 -2.31
C LEU A 29 -15.98 -1.26 -3.81
N GLN A 30 -14.80 -1.34 -4.42
CA GLN A 30 -14.66 -1.06 -5.84
C GLN A 30 -15.20 -2.21 -6.67
N LYS A 31 -15.43 -3.36 -6.01
CA LYS A 31 -15.95 -4.54 -6.68
C LYS A 31 -17.29 -4.95 -6.08
N LYS A 32 -18.32 -4.13 -6.30
CA LYS A 32 -19.64 -4.41 -5.77
C LYS A 32 -20.72 -3.80 -6.65
N LYS A 1 20.84 6.67 -2.19
CA LYS A 1 20.71 7.23 -3.55
C LYS A 1 19.78 6.33 -4.37
N LYS A 2 18.83 5.69 -3.71
CA LYS A 2 17.90 4.80 -4.39
C LYS A 2 16.58 5.52 -4.67
N HIS A 3 16.17 6.38 -3.73
CA HIS A 3 14.93 7.12 -3.89
C HIS A 3 14.81 8.19 -2.82
N THR A 4 13.71 8.18 -2.08
CA THR A 4 13.48 9.15 -1.01
C THR A 4 13.31 8.44 0.32
N ILE A 5 12.12 8.57 0.91
CA ILE A 5 11.84 7.93 2.19
C ILE A 5 10.81 6.82 2.01
N TRP A 6 10.05 6.90 0.92
CA TRP A 6 9.05 5.87 0.65
C TRP A 6 9.62 4.47 0.88
N GLU A 7 10.72 4.18 0.20
CA GLU A 7 11.35 2.87 0.33
C GLU A 7 11.76 2.61 1.79
N VAL A 8 11.60 3.63 2.63
CA VAL A 8 11.95 3.50 4.04
C VAL A 8 10.70 3.39 4.91
N ILE A 9 9.65 4.13 4.54
CA ILE A 9 8.40 4.11 5.28
C ILE A 9 7.32 3.48 4.42
N ALA A 10 7.24 3.88 3.16
CA ALA A 10 6.24 3.32 2.25
C ALA A 10 6.58 1.88 1.90
N GLY A 11 7.68 1.70 1.17
CA GLY A 11 8.10 0.36 0.79
C GLY A 11 8.14 -0.52 2.03
N LEU A 12 8.08 0.12 3.19
CA LEU A 12 8.11 -0.59 4.46
C LEU A 12 6.69 -0.68 5.03
N VAL A 13 5.85 0.30 4.68
CA VAL A 13 4.48 0.32 5.17
C VAL A 13 3.50 0.22 4.01
N ALA A 14 3.60 1.15 3.07
CA ALA A 14 2.70 1.14 1.91
C ALA A 14 2.57 -0.28 1.38
N LEU A 15 3.68 -1.00 1.32
CA LEU A 15 3.66 -2.37 0.83
C LEU A 15 2.93 -3.25 1.84
N LEU A 16 3.06 -2.91 3.11
CA LEU A 16 2.41 -3.66 4.18
C LEU A 16 1.04 -3.07 4.48
N THR A 17 0.68 -2.03 3.72
CA THR A 17 -0.61 -1.37 3.91
C THR A 17 -1.42 -1.40 2.61
N PHE A 18 -0.88 -0.77 1.58
CA PHE A 18 -1.56 -0.73 0.29
C PHE A 18 -2.10 -2.11 -0.08
N LEU A 19 -1.31 -3.14 0.19
CA LEU A 19 -1.72 -4.52 -0.12
C LEU A 19 -2.74 -5.02 0.88
N ALA A 20 -2.83 -4.36 2.03
CA ALA A 20 -3.78 -4.78 3.06
C ALA A 20 -5.10 -4.03 2.90
N PHE A 21 -5.01 -2.71 2.70
CA PHE A 21 -6.20 -1.89 2.54
C PHE A 21 -6.69 -1.95 1.10
N GLY A 22 -5.75 -1.99 0.15
CA GLY A 22 -6.10 -2.05 -1.25
C GLY A 22 -6.82 -3.35 -1.58
N PHE A 23 -6.22 -4.47 -1.16
CA PHE A 23 -6.82 -5.76 -1.40
C PHE A 23 -8.24 -5.79 -0.84
N TRP A 24 -8.53 -4.87 0.06
CA TRP A 24 -9.85 -4.79 0.66
C TRP A 24 -10.69 -3.72 -0.01
N LEU A 25 -10.39 -2.46 0.31
CA LEU A 25 -11.10 -1.31 -0.24
C LEU A 25 -11.79 -1.63 -1.56
N PHE A 26 -11.01 -2.04 -2.54
CA PHE A 26 -11.57 -2.36 -3.84
C PHE A 26 -12.40 -3.64 -3.80
N LYS A 27 -11.74 -4.75 -3.49
CA LYS A 27 -12.44 -6.04 -3.43
C LYS A 27 -13.63 -5.99 -2.48
N TYR A 28 -13.89 -4.84 -1.86
CA TYR A 28 -15.02 -4.71 -0.94
C TYR A 28 -15.90 -3.52 -1.32
N LEU A 29 -15.29 -2.46 -1.82
CA LEU A 29 -16.05 -1.27 -2.20
C LEU A 29 -16.18 -1.16 -3.72
N GLN A 30 -15.12 -1.50 -4.44
CA GLN A 30 -15.13 -1.41 -5.90
C GLN A 30 -16.05 -2.48 -6.50
N LYS A 31 -16.32 -3.53 -5.74
CA LYS A 31 -17.18 -4.61 -6.23
C LYS A 31 -18.63 -4.39 -5.78
N LYS A 32 -18.94 -3.17 -5.35
CA LYS A 32 -20.29 -2.87 -4.90
C LYS A 32 -21.07 -2.18 -6.02
N LYS A 1 21.23 7.08 -5.16
CA LYS A 1 20.33 7.52 -6.26
C LYS A 1 19.07 6.66 -6.25
N LYS A 2 18.58 6.37 -5.04
CA LYS A 2 17.38 5.55 -4.91
C LYS A 2 16.12 6.42 -5.01
N HIS A 3 15.74 7.03 -3.90
CA HIS A 3 14.55 7.88 -3.88
C HIS A 3 14.57 8.79 -2.65
N THR A 4 13.51 8.72 -1.86
CA THR A 4 13.41 9.54 -0.65
C THR A 4 13.34 8.65 0.58
N ILE A 5 12.22 8.72 1.30
CA ILE A 5 12.03 7.92 2.50
C ILE A 5 10.98 6.85 2.25
N TRP A 6 10.11 7.09 1.26
CA TRP A 6 9.07 6.12 0.93
C TRP A 6 9.64 4.70 0.93
N GLU A 7 10.62 4.46 0.07
CA GLU A 7 11.23 3.13 -0.02
C GLU A 7 11.73 2.68 1.35
N VAL A 8 11.73 3.58 2.31
CA VAL A 8 12.19 3.26 3.66
C VAL A 8 11.01 3.04 4.61
N ILE A 9 9.96 3.84 4.44
CA ILE A 9 8.77 3.73 5.28
C ILE A 9 7.59 3.26 4.45
N ALA A 10 7.42 3.85 3.27
CA ALA A 10 6.32 3.45 2.39
C ALA A 10 6.59 2.07 1.82
N GLY A 11 7.61 1.95 0.98
CA GLY A 11 7.94 0.67 0.40
C GLY A 11 8.06 -0.38 1.49
N LEU A 12 8.12 0.10 2.73
CA LEU A 12 8.21 -0.78 3.87
C LEU A 12 6.86 -0.91 4.56
N VAL A 13 6.02 0.13 4.42
CA VAL A 13 4.70 0.14 5.03
C VAL A 13 3.61 0.15 3.97
N ALA A 14 3.66 1.17 3.10
CA ALA A 14 2.66 1.28 2.04
C ALA A 14 2.40 -0.09 1.41
N LEU A 15 3.47 -0.85 1.21
CA LEU A 15 3.32 -2.18 0.64
C LEU A 15 2.59 -3.07 1.63
N LEU A 16 2.92 -2.92 2.91
CA LEU A 16 2.30 -3.70 3.96
C LEU A 16 0.93 -3.11 4.32
N THR A 17 0.65 -1.92 3.82
CA THR A 17 -0.62 -1.25 4.10
C THR A 17 -1.50 -1.22 2.85
N PHE A 18 -1.05 -0.49 1.83
CA PHE A 18 -1.79 -0.39 0.57
C PHE A 18 -2.41 -1.73 0.21
N LEU A 19 -1.66 -2.81 0.40
CA LEU A 19 -2.16 -4.15 0.09
C LEU A 19 -3.16 -4.60 1.14
N ALA A 20 -2.75 -4.54 2.41
CA ALA A 20 -3.62 -4.95 3.49
C ALA A 20 -4.99 -4.30 3.36
N PHE A 21 -5.00 -2.98 3.15
CA PHE A 21 -6.25 -2.25 3.00
C PHE A 21 -6.80 -2.39 1.58
N GLY A 22 -5.89 -2.44 0.61
CA GLY A 22 -6.29 -2.57 -0.79
C GLY A 22 -7.06 -3.87 -1.01
N PHE A 23 -6.50 -4.97 -0.52
CA PHE A 23 -7.15 -6.26 -0.68
C PHE A 23 -8.61 -6.16 -0.27
N TRP A 24 -8.91 -5.11 0.48
CA TRP A 24 -10.28 -4.89 0.95
C TRP A 24 -10.93 -3.78 0.14
N LEU A 25 -10.53 -2.53 0.43
CA LEU A 25 -11.07 -1.35 -0.24
C LEU A 25 -11.64 -1.69 -1.61
N PHE A 26 -10.79 -2.23 -2.48
CA PHE A 26 -11.25 -2.58 -3.82
C PHE A 26 -12.18 -3.79 -3.79
N LYS A 27 -11.67 -4.91 -3.32
CA LYS A 27 -12.46 -6.13 -3.27
C LYS A 27 -13.77 -5.92 -2.50
N TYR A 28 -13.98 -4.71 -1.98
CA TYR A 28 -15.20 -4.42 -1.22
C TYR A 28 -15.92 -3.19 -1.80
N LEU A 29 -15.16 -2.23 -2.28
CA LEU A 29 -15.74 -1.01 -2.86
C LEU A 29 -15.67 -1.03 -4.38
N GLN A 30 -14.55 -1.48 -4.91
CA GLN A 30 -14.36 -1.54 -6.36
C GLN A 30 -15.31 -2.57 -6.98
N LYS A 31 -15.78 -3.50 -6.17
CA LYS A 31 -16.69 -4.53 -6.67
C LYS A 31 -18.13 -4.07 -6.58
N LYS A 32 -18.33 -2.84 -6.12
CA LYS A 32 -19.68 -2.28 -5.99
C LYS A 32 -20.10 -1.60 -7.28
N LYS A 1 21.12 9.21 -4.29
CA LYS A 1 21.48 7.88 -3.71
C LYS A 1 20.26 6.97 -3.75
N LYS A 2 19.10 7.52 -3.40
CA LYS A 2 17.87 6.74 -3.40
C LYS A 2 16.66 7.65 -3.58
N HIS A 3 15.53 7.07 -3.97
CA HIS A 3 14.30 7.83 -4.18
C HIS A 3 14.14 8.86 -3.07
N THR A 4 13.39 8.50 -2.04
CA THR A 4 13.15 9.40 -0.92
C THR A 4 13.01 8.61 0.38
N ILE A 5 11.91 8.84 1.09
CA ILE A 5 11.65 8.14 2.34
C ILE A 5 10.69 6.99 2.11
N TRP A 6 9.86 7.11 1.08
CA TRP A 6 8.91 6.06 0.76
C TRP A 6 9.55 4.69 0.92
N GLU A 7 10.47 4.36 0.02
CA GLU A 7 11.15 3.07 0.07
C GLU A 7 11.62 2.76 1.49
N VAL A 8 11.59 3.75 2.37
CA VAL A 8 12.02 3.56 3.75
C VAL A 8 10.82 3.36 4.68
N ILE A 9 9.72 4.09 4.40
CA ILE A 9 8.51 3.98 5.21
C ILE A 9 7.40 3.37 4.37
N ALA A 10 7.26 3.85 3.14
CA ALA A 10 6.23 3.33 2.24
C ALA A 10 6.57 1.91 1.82
N GLY A 11 7.63 1.77 1.03
CA GLY A 11 8.04 0.44 0.58
C GLY A 11 8.14 -0.48 1.78
N LEU A 12 8.14 0.11 2.96
CA LEU A 12 8.21 -0.64 4.20
C LEU A 12 6.83 -0.77 4.83
N VAL A 13 5.96 0.20 4.54
CA VAL A 13 4.60 0.19 5.08
C VAL A 13 3.57 0.07 3.97
N ALA A 14 3.62 1.00 3.02
CA ALA A 14 2.69 0.98 1.90
C ALA A 14 2.54 -0.45 1.38
N LEU A 15 3.65 -1.15 1.27
CA LEU A 15 3.62 -2.52 0.79
C LEU A 15 2.93 -3.41 1.82
N LEU A 16 3.09 -3.06 3.09
CA LEU A 16 2.48 -3.81 4.18
C LEU A 16 1.11 -3.22 4.52
N THR A 17 0.73 -2.17 3.80
CA THR A 17 -0.55 -1.51 4.01
C THR A 17 -1.39 -1.56 2.75
N PHE A 18 -0.90 -0.93 1.69
CA PHE A 18 -1.62 -0.91 0.42
C PHE A 18 -2.18 -2.29 0.09
N LEU A 19 -1.39 -3.32 0.36
CA LEU A 19 -1.82 -4.69 0.08
C LEU A 19 -2.81 -5.18 1.13
N ALA A 20 -2.79 -4.55 2.30
CA ALA A 20 -3.70 -4.92 3.38
C ALA A 20 -5.03 -4.21 3.22
N PHE A 21 -4.98 -2.91 2.99
CA PHE A 21 -6.19 -2.11 2.82
C PHE A 21 -6.72 -2.24 1.40
N GLY A 22 -5.81 -2.15 0.43
CA GLY A 22 -6.19 -2.25 -0.98
C GLY A 22 -6.93 -3.55 -1.25
N PHE A 23 -6.40 -4.65 -0.71
CA PHE A 23 -7.02 -5.94 -0.90
C PHE A 23 -8.47 -5.91 -0.43
N TRP A 24 -8.81 -4.85 0.29
CA TRP A 24 -10.17 -4.69 0.80
C TRP A 24 -10.87 -3.56 0.07
N LEU A 25 -10.51 -2.33 0.43
CA LEU A 25 -11.09 -1.12 -0.16
C LEU A 25 -11.68 -1.38 -1.53
N PHE A 26 -10.86 -1.86 -2.45
CA PHE A 26 -11.33 -2.14 -3.80
C PHE A 26 -12.18 -3.40 -3.84
N LYS A 27 -11.60 -4.51 -3.37
CA LYS A 27 -12.30 -5.78 -3.40
C LYS A 27 -13.58 -5.74 -2.56
N TYR A 28 -13.91 -4.55 -2.03
CA TYR A 28 -15.13 -4.38 -1.24
C TYR A 28 -15.96 -3.21 -1.76
N LEU A 29 -15.29 -2.11 -2.08
CA LEU A 29 -15.99 -0.94 -2.58
C LEU A 29 -16.01 -0.93 -4.11
N GLN A 30 -14.92 -1.36 -4.72
CA GLN A 30 -14.84 -1.41 -6.17
C GLN A 30 -15.46 -2.70 -6.72
N LYS A 31 -15.72 -3.64 -5.81
CA LYS A 31 -16.31 -4.92 -6.20
C LYS A 31 -17.68 -5.09 -5.58
N LYS A 32 -18.68 -4.43 -6.17
CA LYS A 32 -20.04 -4.51 -5.66
C LYS A 32 -21.05 -4.40 -6.80
N LYS A 1 21.08 6.28 -2.55
CA LYS A 1 20.59 6.34 -3.96
C LYS A 1 19.39 5.41 -4.13
N LYS A 2 18.30 5.76 -3.46
CA LYS A 2 17.09 4.95 -3.55
C LYS A 2 15.84 5.83 -3.41
N HIS A 3 15.32 6.28 -4.54
CA HIS A 3 14.13 7.13 -4.53
C HIS A 3 14.19 8.15 -3.39
N THR A 4 13.16 8.16 -2.56
CA THR A 4 13.10 9.08 -1.43
C THR A 4 13.06 8.31 -0.12
N ILE A 5 11.96 8.48 0.63
CA ILE A 5 11.79 7.79 1.90
C ILE A 5 10.73 6.70 1.77
N TRP A 6 9.86 6.84 0.77
CA TRP A 6 8.80 5.86 0.56
C TRP A 6 9.36 4.45 0.67
N GLU A 7 10.37 4.14 -0.14
CA GLU A 7 10.96 2.82 -0.13
C GLU A 7 11.51 2.48 1.26
N VAL A 8 11.48 3.46 2.16
CA VAL A 8 11.97 3.26 3.52
C VAL A 8 10.80 3.13 4.50
N ILE A 9 9.75 3.92 4.27
CA ILE A 9 8.57 3.89 5.14
C ILE A 9 7.39 3.32 4.36
N ALA A 10 7.19 3.80 3.14
CA ALA A 10 6.09 3.32 2.31
C ALA A 10 6.35 1.89 1.87
N GLY A 11 7.38 1.70 1.04
CA GLY A 11 7.73 0.37 0.57
C GLY A 11 7.86 -0.57 1.75
N LEU A 12 7.90 0.03 2.95
CA LEU A 12 8.02 -0.74 4.17
C LEU A 12 6.67 -0.81 4.88
N VAL A 13 5.82 0.20 4.65
CA VAL A 13 4.51 0.23 5.29
C VAL A 13 3.40 0.04 4.25
N ALA A 14 3.43 0.85 3.20
CA ALA A 14 2.41 0.74 2.16
C ALA A 14 2.18 -0.72 1.80
N LEU A 15 3.27 -1.45 1.58
CA LEU A 15 3.17 -2.87 1.26
C LEU A 15 2.53 -3.62 2.42
N LEU A 16 2.77 -3.11 3.62
CA LEU A 16 2.22 -3.73 4.82
C LEU A 16 0.93 -3.01 5.22
N THR A 17 0.48 -2.10 4.36
CA THR A 17 -0.74 -1.35 4.64
C THR A 17 -1.53 -1.13 3.35
N PHE A 18 -1.04 -0.22 2.50
CA PHE A 18 -1.70 0.07 1.24
C PHE A 18 -2.13 -1.21 0.54
N LEU A 19 -1.25 -2.21 0.56
CA LEU A 19 -1.54 -3.49 -0.08
C LEU A 19 -2.41 -4.36 0.81
N ALA A 20 -2.52 -3.99 2.08
CA ALA A 20 -3.32 -4.75 3.03
C ALA A 20 -4.76 -4.27 3.01
N PHE A 21 -4.96 -2.95 3.05
CA PHE A 21 -6.30 -2.38 3.03
C PHE A 21 -6.79 -2.23 1.60
N GLY A 22 -5.89 -1.83 0.71
CA GLY A 22 -6.24 -1.65 -0.69
C GLY A 22 -6.75 -2.95 -1.30
N PHE A 23 -6.01 -4.03 -1.07
CA PHE A 23 -6.41 -5.32 -1.59
C PHE A 23 -7.82 -5.67 -1.14
N TRP A 24 -8.33 -4.88 -0.20
CA TRP A 24 -9.68 -5.09 0.30
C TRP A 24 -10.59 -3.97 -0.15
N LEU A 25 -10.45 -2.80 0.49
CA LEU A 25 -11.26 -1.62 0.17
C LEU A 25 -11.79 -1.67 -1.25
N PHE A 26 -10.89 -1.74 -2.21
CA PHE A 26 -11.31 -1.76 -3.61
C PHE A 26 -11.92 -3.12 -3.98
N LYS A 27 -11.21 -4.18 -3.66
CA LYS A 27 -11.70 -5.52 -4.00
C LYS A 27 -12.90 -5.89 -3.14
N TYR A 28 -13.61 -4.89 -2.63
CA TYR A 28 -14.80 -5.13 -1.81
C TYR A 28 -15.84 -4.03 -2.04
N LEU A 29 -15.38 -2.79 -2.02
CA LEU A 29 -16.29 -1.66 -2.24
C LEU A 29 -16.37 -1.28 -3.71
N GLN A 30 -15.21 -1.24 -4.37
CA GLN A 30 -15.16 -0.90 -5.78
C GLN A 30 -15.62 -2.07 -6.64
N LYS A 31 -15.92 -3.19 -5.96
CA LYS A 31 -16.39 -4.39 -6.65
C LYS A 31 -17.85 -4.66 -6.32
N LYS A 32 -18.17 -4.67 -5.03
CA LYS A 32 -19.52 -4.91 -4.58
C LYS A 32 -20.16 -6.04 -5.39
N LYS A 1 20.30 7.45 -8.72
CA LYS A 1 19.41 7.67 -7.54
C LYS A 1 18.32 6.60 -7.51
N LYS A 2 17.78 6.34 -6.33
CA LYS A 2 16.74 5.34 -6.18
C LYS A 2 15.37 6.00 -6.06
N HIS A 3 15.13 6.66 -4.93
CA HIS A 3 13.85 7.33 -4.71
C HIS A 3 13.97 8.33 -3.57
N THR A 4 13.05 8.26 -2.62
CA THR A 4 13.05 9.16 -1.47
C THR A 4 13.05 8.37 -0.17
N ILE A 5 11.96 8.46 0.58
CA ILE A 5 11.82 7.76 1.84
C ILE A 5 10.74 6.69 1.73
N TRP A 6 9.82 6.88 0.79
CA TRP A 6 8.75 5.93 0.59
C TRP A 6 9.29 4.50 0.63
N GLU A 7 10.25 4.21 -0.23
CA GLU A 7 10.83 2.87 -0.28
C GLU A 7 11.42 2.48 1.07
N VAL A 8 11.49 3.44 1.98
CA VAL A 8 12.03 3.18 3.31
C VAL A 8 10.90 3.05 4.34
N ILE A 9 9.86 3.85 4.18
CA ILE A 9 8.72 3.81 5.09
C ILE A 9 7.48 3.29 4.36
N ALA A 10 7.24 3.82 3.17
CA ALA A 10 6.08 3.39 2.39
C ALA A 10 6.30 1.97 1.88
N GLY A 11 7.28 1.80 0.99
CA GLY A 11 7.57 0.48 0.47
C GLY A 11 7.73 -0.50 1.62
N LEU A 12 7.85 0.04 2.82
CA LEU A 12 8.01 -0.78 4.01
C LEU A 12 6.70 -0.85 4.78
N VAL A 13 5.86 0.19 4.62
CA VAL A 13 4.57 0.23 5.31
C VAL A 13 3.42 0.08 4.32
N ALA A 14 3.42 0.93 3.30
CA ALA A 14 2.36 0.87 2.29
C ALA A 14 2.08 -0.58 1.91
N LEU A 15 3.14 -1.32 1.63
CA LEU A 15 3.00 -2.73 1.27
C LEU A 15 2.38 -3.49 2.43
N LEU A 16 2.69 -3.03 3.63
CA LEU A 16 2.16 -3.67 4.84
C LEU A 16 0.93 -2.93 5.32
N THR A 17 0.45 -1.98 4.51
CA THR A 17 -0.73 -1.20 4.86
C THR A 17 -1.57 -0.93 3.62
N PHE A 18 -1.09 -0.04 2.76
CA PHE A 18 -1.82 0.30 1.54
C PHE A 18 -2.31 -0.95 0.85
N LEU A 19 -1.40 -1.92 0.66
CA LEU A 19 -1.75 -3.16 0.00
C LEU A 19 -2.66 -4.00 0.89
N ALA A 20 -2.19 -4.29 2.10
CA ALA A 20 -2.96 -5.09 3.04
C ALA A 20 -4.44 -4.69 3.01
N PHE A 21 -4.71 -3.41 3.22
CA PHE A 21 -6.08 -2.91 3.20
C PHE A 21 -6.56 -2.73 1.77
N GLY A 22 -5.72 -2.11 0.95
CA GLY A 22 -6.06 -1.89 -0.45
C GLY A 22 -6.70 -3.14 -1.05
N PHE A 23 -6.01 -4.27 -0.88
CA PHE A 23 -6.50 -5.54 -1.39
C PHE A 23 -8.00 -5.68 -1.15
N TRP A 24 -8.44 -5.41 0.07
CA TRP A 24 -9.85 -5.52 0.42
C TRP A 24 -10.64 -4.31 -0.06
N LEU A 25 -10.28 -3.14 0.45
CA LEU A 25 -10.96 -1.89 0.10
C LEU A 25 -11.54 -1.93 -1.31
N PHE A 26 -10.70 -2.18 -2.30
CA PHE A 26 -11.16 -2.22 -3.68
C PHE A 26 -12.05 -3.42 -3.96
N LYS A 27 -11.46 -4.60 -3.88
CA LYS A 27 -12.19 -5.84 -4.15
C LYS A 27 -13.53 -5.90 -3.43
N TYR A 28 -13.80 -4.91 -2.58
CA TYR A 28 -15.07 -4.87 -1.85
C TYR A 28 -15.85 -3.58 -2.17
N LEU A 29 -15.17 -2.44 -2.10
CA LEU A 29 -15.84 -1.17 -2.38
C LEU A 29 -15.77 -0.85 -3.89
N GLN A 30 -14.68 -1.23 -4.52
CA GLN A 30 -14.52 -0.98 -5.95
C GLN A 30 -15.20 -2.07 -6.77
N LYS A 31 -15.63 -3.13 -6.09
CA LYS A 31 -16.30 -4.24 -6.77
C LYS A 31 -17.76 -4.33 -6.32
N LYS A 32 -18.26 -3.26 -5.73
CA LYS A 32 -19.64 -3.23 -5.26
C LYS A 32 -20.56 -3.88 -6.28
N LYS A 1 19.67 8.02 -6.22
CA LYS A 1 19.87 6.89 -7.16
C LYS A 1 18.80 5.83 -6.91
N LYS A 2 18.28 5.79 -5.69
CA LYS A 2 17.25 4.82 -5.32
C LYS A 2 15.88 5.49 -5.29
N HIS A 3 15.61 6.23 -4.22
CA HIS A 3 14.34 6.91 -4.07
C HIS A 3 14.36 7.83 -2.86
N THR A 4 13.20 8.38 -2.51
CA THR A 4 13.10 9.29 -1.37
C THR A 4 13.11 8.49 -0.06
N ILE A 5 11.96 8.47 0.61
CA ILE A 5 11.83 7.74 1.86
C ILE A 5 10.75 6.68 1.75
N TRP A 6 9.81 6.89 0.83
CA TRP A 6 8.73 5.94 0.62
C TRP A 6 9.28 4.51 0.64
N GLU A 7 10.15 4.20 -0.30
CA GLU A 7 10.73 2.87 -0.39
C GLU A 7 11.33 2.45 0.97
N VAL A 8 11.45 3.41 1.89
CA VAL A 8 12.00 3.11 3.20
C VAL A 8 10.89 2.96 4.24
N ILE A 9 9.85 3.79 4.13
CA ILE A 9 8.73 3.74 5.06
C ILE A 9 7.49 3.24 4.32
N ALA A 10 7.22 3.79 3.15
CA ALA A 10 6.06 3.38 2.37
C ALA A 10 6.26 1.96 1.84
N GLY A 11 7.23 1.80 0.95
CA GLY A 11 7.49 0.48 0.40
C GLY A 11 7.67 -0.52 1.53
N LEU A 12 7.81 0.01 2.74
CA LEU A 12 7.97 -0.82 3.92
C LEU A 12 6.67 -0.89 4.71
N VAL A 13 5.84 0.15 4.57
CA VAL A 13 4.55 0.19 5.28
C VAL A 13 3.39 0.07 4.30
N ALA A 14 3.38 0.92 3.29
CA ALA A 14 2.30 0.88 2.30
C ALA A 14 2.02 -0.57 1.90
N LEU A 15 3.07 -1.30 1.59
CA LEU A 15 2.91 -2.71 1.21
C LEU A 15 2.31 -3.49 2.37
N LEU A 16 2.63 -3.03 3.58
CA LEU A 16 2.12 -3.68 4.78
C LEU A 16 0.87 -2.95 5.28
N THR A 17 0.40 -1.98 4.50
CA THR A 17 -0.78 -1.21 4.87
C THR A 17 -1.63 -0.92 3.64
N PHE A 18 -1.15 -0.01 2.80
CA PHE A 18 -1.88 0.35 1.58
C PHE A 18 -2.37 -0.90 0.86
N LEU A 19 -1.49 -1.88 0.71
CA LEU A 19 -1.86 -3.13 0.05
C LEU A 19 -2.71 -3.99 0.95
N ALA A 20 -2.24 -4.21 2.17
CA ALA A 20 -2.98 -5.03 3.13
C ALA A 20 -4.46 -4.69 3.09
N PHE A 21 -4.79 -3.42 3.28
CA PHE A 21 -6.18 -2.98 3.27
C PHE A 21 -6.67 -2.80 1.84
N GLY A 22 -5.79 -2.27 0.99
CA GLY A 22 -6.13 -2.04 -0.41
C GLY A 22 -6.69 -3.32 -1.04
N PHE A 23 -6.05 -4.45 -0.73
CA PHE A 23 -6.48 -5.72 -1.27
C PHE A 23 -7.95 -5.97 -0.98
N TRP A 24 -8.49 -5.19 -0.05
CA TRP A 24 -9.90 -5.33 0.34
C TRP A 24 -10.69 -4.11 -0.11
N LEU A 25 -10.37 -2.95 0.47
CA LEU A 25 -11.05 -1.70 0.14
C LEU A 25 -11.60 -1.72 -1.28
N PHE A 26 -10.72 -1.97 -2.25
CA PHE A 26 -11.14 -2.01 -3.64
C PHE A 26 -11.94 -3.28 -3.94
N LYS A 27 -11.26 -4.42 -3.82
CA LYS A 27 -11.89 -5.70 -4.10
C LYS A 27 -13.28 -5.80 -3.47
N TYR A 28 -13.60 -4.86 -2.58
CA TYR A 28 -14.90 -4.86 -1.91
C TYR A 28 -15.70 -3.60 -2.24
N LEU A 29 -15.06 -2.45 -2.09
CA LEU A 29 -15.74 -1.18 -2.36
C LEU A 29 -15.68 -0.82 -3.83
N GLN A 30 -14.67 -1.33 -4.53
CA GLN A 30 -14.52 -1.06 -5.95
C GLN A 30 -15.12 -2.19 -6.77
N LYS A 31 -15.99 -2.99 -6.12
CA LYS A 31 -16.63 -4.10 -6.80
C LYS A 31 -18.15 -4.06 -6.61
N LYS A 32 -18.63 -2.99 -5.99
CA LYS A 32 -20.07 -2.83 -5.76
C LYS A 32 -20.67 -1.85 -6.76
N LYS A 1 22.84 6.12 1.68
CA LYS A 1 21.83 6.98 0.99
C LYS A 1 21.05 6.14 -0.02
N LYS A 2 19.73 6.23 0.04
CA LYS A 2 18.89 5.48 -0.88
C LYS A 2 17.55 6.18 -1.09
N HIS A 3 17.32 6.67 -2.30
CA HIS A 3 16.07 7.36 -2.62
C HIS A 3 15.63 8.27 -1.47
N THR A 4 14.38 8.74 -1.53
CA THR A 4 13.86 9.62 -0.48
C THR A 4 13.64 8.84 0.82
N ILE A 5 12.38 8.74 1.24
CA ILE A 5 12.04 8.03 2.47
C ILE A 5 11.04 6.90 2.19
N TRP A 6 10.29 7.03 1.11
CA TRP A 6 9.32 6.00 0.76
C TRP A 6 9.89 4.61 0.99
N GLU A 7 10.85 4.20 0.16
CA GLU A 7 11.44 2.88 0.32
C GLU A 7 11.87 2.60 1.76
N VAL A 8 11.82 3.63 2.62
CA VAL A 8 12.20 3.45 4.02
C VAL A 8 10.95 3.34 4.90
N ILE A 9 9.89 4.04 4.52
CA ILE A 9 8.63 4.00 5.28
C ILE A 9 7.53 3.42 4.40
N ALA A 10 7.47 3.86 3.16
CA ALA A 10 6.47 3.37 2.23
C ALA A 10 6.75 1.92 1.86
N GLY A 11 7.85 1.70 1.15
CA GLY A 11 8.23 0.35 0.76
C GLY A 11 8.21 -0.55 1.98
N LEU A 12 8.17 0.09 3.15
CA LEU A 12 8.13 -0.65 4.41
C LEU A 12 6.71 -0.69 4.96
N VAL A 13 5.91 0.32 4.59
CA VAL A 13 4.52 0.38 5.05
C VAL A 13 3.56 0.28 3.87
N ALA A 14 3.70 1.18 2.91
CA ALA A 14 2.84 1.17 1.73
C ALA A 14 2.67 -0.27 1.24
N LEU A 15 3.78 -0.99 1.14
CA LEU A 15 3.73 -2.37 0.67
C LEU A 15 2.98 -3.21 1.69
N LEU A 16 3.08 -2.83 2.96
CA LEU A 16 2.40 -3.55 4.03
C LEU A 16 1.04 -2.90 4.34
N THR A 17 0.68 -1.90 3.53
CA THR A 17 -0.58 -1.19 3.71
C THR A 17 -1.39 -1.20 2.42
N PHE A 18 -0.82 -0.62 1.37
CA PHE A 18 -1.49 -0.57 0.07
C PHE A 18 -2.21 -1.89 -0.22
N LEU A 19 -1.50 -2.99 0.00
CA LEU A 19 -2.07 -4.31 -0.24
C LEU A 19 -3.13 -4.63 0.81
N ALA A 20 -2.73 -4.56 2.08
CA ALA A 20 -3.66 -4.84 3.17
C ALA A 20 -5.01 -4.17 2.91
N PHE A 21 -4.98 -2.86 2.72
CA PHE A 21 -6.21 -2.11 2.48
C PHE A 21 -6.70 -2.34 1.06
N GLY A 22 -5.79 -2.24 0.09
CA GLY A 22 -6.15 -2.44 -1.30
C GLY A 22 -6.95 -3.73 -1.47
N PHE A 23 -6.39 -4.83 -1.01
CA PHE A 23 -7.07 -6.12 -1.12
C PHE A 23 -8.53 -6.00 -0.69
N TRP A 24 -8.77 -5.15 0.30
CA TRP A 24 -10.13 -4.95 0.80
C TRP A 24 -10.85 -3.86 0.02
N LEU A 25 -10.34 -2.64 0.13
CA LEU A 25 -10.93 -1.47 -0.55
C LEU A 25 -11.68 -1.87 -1.81
N PHE A 26 -10.99 -2.56 -2.72
CA PHE A 26 -11.60 -2.97 -3.96
C PHE A 26 -12.62 -4.09 -3.74
N LYS A 27 -12.18 -5.20 -3.17
CA LYS A 27 -13.07 -6.33 -2.95
C LYS A 27 -14.15 -6.00 -1.90
N TYR A 28 -14.55 -4.73 -1.85
CA TYR A 28 -15.58 -4.31 -0.92
C TYR A 28 -16.25 -3.04 -1.43
N LEU A 29 -15.44 -2.11 -1.92
CA LEU A 29 -15.98 -0.84 -2.45
C LEU A 29 -16.19 -0.95 -3.96
N GLN A 30 -15.26 -1.60 -4.65
CA GLN A 30 -15.34 -1.76 -6.09
C GLN A 30 -16.30 -2.90 -6.44
N LYS A 31 -16.86 -3.53 -5.41
CA LYS A 31 -17.80 -4.64 -5.63
C LYS A 31 -19.21 -4.23 -5.21
N LYS A 32 -19.33 -3.48 -4.12
CA LYS A 32 -20.63 -3.04 -3.64
C LYS A 32 -21.51 -2.60 -4.80
N LYS A 1 22.10 6.74 -3.42
CA LYS A 1 22.18 5.61 -2.45
C LYS A 1 20.86 4.86 -2.42
N LYS A 2 19.78 5.59 -2.15
CA LYS A 2 18.46 4.98 -2.10
C LYS A 2 17.37 6.02 -2.37
N HIS A 3 16.19 5.56 -2.74
CA HIS A 3 15.07 6.46 -3.02
C HIS A 3 14.88 7.44 -1.87
N THR A 4 13.84 8.26 -1.97
CA THR A 4 13.56 9.25 -0.94
C THR A 4 13.37 8.57 0.42
N ILE A 5 12.15 8.62 0.94
CA ILE A 5 11.85 8.01 2.23
C ILE A 5 10.86 6.86 2.03
N TRP A 6 10.07 6.94 0.97
CA TRP A 6 9.11 5.89 0.68
C TRP A 6 9.71 4.51 0.96
N GLU A 7 10.67 4.11 0.13
CA GLU A 7 11.32 2.81 0.32
C GLU A 7 11.69 2.59 1.78
N VAL A 8 11.66 3.65 2.58
CA VAL A 8 12.00 3.54 4.00
C VAL A 8 10.75 3.42 4.86
N ILE A 9 9.69 4.15 4.48
CA ILE A 9 8.45 4.11 5.22
C ILE A 9 7.36 3.48 4.37
N ALA A 10 7.29 3.88 3.11
CA ALA A 10 6.29 3.33 2.19
C ALA A 10 6.60 1.88 1.88
N GLY A 11 7.71 1.66 1.16
CA GLY A 11 8.11 0.30 0.82
C GLY A 11 8.11 -0.55 2.07
N LEU A 12 8.07 0.12 3.22
CA LEU A 12 8.06 -0.57 4.50
C LEU A 12 6.64 -0.62 5.06
N VAL A 13 5.81 0.35 4.66
CA VAL A 13 4.42 0.41 5.13
C VAL A 13 3.46 0.25 3.96
N ALA A 14 3.58 1.13 2.97
CA ALA A 14 2.70 1.07 1.81
C ALA A 14 2.55 -0.37 1.34
N LEU A 15 3.65 -1.11 1.35
CA LEU A 15 3.61 -2.51 0.94
C LEU A 15 2.85 -3.32 1.97
N LEU A 16 2.96 -2.92 3.23
CA LEU A 16 2.28 -3.60 4.31
C LEU A 16 0.89 -2.99 4.54
N THR A 17 0.59 -1.94 3.78
CA THR A 17 -0.69 -1.26 3.90
C THR A 17 -1.47 -1.36 2.59
N PHE A 18 -0.91 -0.81 1.52
CA PHE A 18 -1.55 -0.83 0.22
C PHE A 18 -2.08 -2.24 -0.10
N LEU A 19 -1.30 -3.25 0.26
CA LEU A 19 -1.69 -4.63 0.00
C LEU A 19 -2.74 -5.11 0.99
N ALA A 20 -2.93 -4.35 2.07
CA ALA A 20 -3.90 -4.72 3.09
C ALA A 20 -5.20 -3.95 2.87
N PHE A 21 -5.09 -2.65 2.66
CA PHE A 21 -6.26 -1.81 2.44
C PHE A 21 -6.70 -1.89 0.98
N GLY A 22 -5.74 -2.03 0.08
CA GLY A 22 -6.04 -2.13 -1.34
C GLY A 22 -6.74 -3.45 -1.66
N PHE A 23 -6.14 -4.55 -1.25
CA PHE A 23 -6.72 -5.85 -1.51
C PHE A 23 -8.12 -5.92 -0.96
N TRP A 24 -8.48 -4.91 -0.15
CA TRP A 24 -9.80 -4.85 0.44
C TRP A 24 -10.65 -3.80 -0.26
N LEU A 25 -10.26 -2.54 -0.08
CA LEU A 25 -10.98 -1.41 -0.69
C LEU A 25 -11.54 -1.79 -2.07
N PHE A 26 -10.68 -2.26 -2.96
CA PHE A 26 -11.11 -2.61 -4.30
C PHE A 26 -11.91 -3.91 -4.31
N LYS A 27 -11.73 -4.72 -3.28
CA LYS A 27 -12.45 -5.99 -3.20
C LYS A 27 -13.54 -5.94 -2.13
N TYR A 28 -14.13 -4.76 -1.94
CA TYR A 28 -15.19 -4.59 -0.95
C TYR A 28 -16.06 -3.38 -1.28
N LEU A 29 -15.43 -2.22 -1.44
CA LEU A 29 -16.15 -1.00 -1.75
C LEU A 29 -16.47 -0.92 -3.23
N GLN A 30 -15.46 -1.23 -4.04
CA GLN A 30 -15.61 -1.19 -5.49
C GLN A 30 -16.54 -2.31 -5.97
N LYS A 31 -16.73 -3.31 -5.11
CA LYS A 31 -17.60 -4.43 -5.44
C LYS A 31 -18.94 -4.30 -4.70
N LYS A 32 -18.87 -3.96 -3.42
CA LYS A 32 -20.07 -3.80 -2.61
C LYS A 32 -21.00 -5.02 -2.78
N LYS A 1 19.61 3.12 -7.18
CA LYS A 1 19.77 4.24 -6.20
C LYS A 1 18.62 4.18 -5.19
N LYS A 2 18.86 4.72 -4.00
CA LYS A 2 17.85 4.73 -2.96
C LYS A 2 16.94 5.95 -3.11
N HIS A 3 15.66 5.76 -2.86
CA HIS A 3 14.69 6.85 -2.97
C HIS A 3 14.69 7.71 -1.71
N THR A 4 13.78 8.66 -1.65
CA THR A 4 13.68 9.55 -0.49
C THR A 4 13.52 8.74 0.79
N ILE A 5 12.33 8.80 1.37
CA ILE A 5 12.05 8.07 2.60
C ILE A 5 11.04 6.96 2.32
N TRP A 6 10.26 7.13 1.26
CA TRP A 6 9.27 6.13 0.89
C TRP A 6 9.85 4.72 1.05
N GLU A 7 10.86 4.41 0.25
CA GLU A 7 11.48 3.10 0.30
C GLU A 7 11.90 2.75 1.74
N VAL A 8 11.78 3.71 2.64
CA VAL A 8 12.14 3.48 4.04
C VAL A 8 10.90 3.30 4.91
N ILE A 9 9.86 4.07 4.60
CA ILE A 9 8.60 3.99 5.34
C ILE A 9 7.50 3.44 4.43
N ALA A 10 7.44 3.93 3.22
CA ALA A 10 6.44 3.46 2.26
C ALA A 10 6.76 2.03 1.83
N GLY A 11 7.85 1.87 1.09
CA GLY A 11 8.26 0.55 0.64
C GLY A 11 8.27 -0.41 1.83
N LEU A 12 8.21 0.17 3.03
CA LEU A 12 8.19 -0.61 4.25
C LEU A 12 6.77 -0.71 4.81
N VAL A 13 5.96 0.29 4.50
CA VAL A 13 4.57 0.32 4.96
C VAL A 13 3.60 0.20 3.80
N ALA A 14 3.72 1.11 2.83
CA ALA A 14 2.86 1.08 1.66
C ALA A 14 2.69 -0.34 1.16
N LEU A 15 3.81 -1.05 1.02
CA LEU A 15 3.77 -2.43 0.56
C LEU A 15 3.03 -3.29 1.58
N LEU A 16 3.14 -2.90 2.84
CA LEU A 16 2.48 -3.63 3.92
C LEU A 16 1.14 -2.98 4.26
N THR A 17 0.74 -2.00 3.46
CA THR A 17 -0.52 -1.30 3.67
C THR A 17 -1.36 -1.31 2.40
N PHE A 18 -0.81 -0.73 1.33
CA PHE A 18 -1.52 -0.68 0.05
C PHE A 18 -2.25 -1.99 -0.22
N LEU A 19 -1.56 -3.10 0.01
CA LEU A 19 -2.16 -4.42 -0.21
C LEU A 19 -3.15 -4.75 0.90
N ALA A 20 -2.71 -4.60 2.14
CA ALA A 20 -3.56 -4.89 3.30
C ALA A 20 -4.94 -4.26 3.11
N PHE A 21 -4.95 -2.94 2.85
CA PHE A 21 -6.21 -2.23 2.66
C PHE A 21 -6.74 -2.45 1.24
N GLY A 22 -5.84 -2.39 0.27
CA GLY A 22 -6.24 -2.57 -1.12
C GLY A 22 -7.05 -3.85 -1.28
N PHE A 23 -6.52 -4.95 -0.75
CA PHE A 23 -7.22 -6.23 -0.83
C PHE A 23 -8.65 -6.10 -0.37
N TRP A 24 -8.93 -5.06 0.42
CA TRP A 24 -10.27 -4.82 0.93
C TRP A 24 -10.95 -3.70 0.16
N LEU A 25 -10.38 -2.51 0.24
CA LEU A 25 -10.95 -1.34 -0.43
C LEU A 25 -11.67 -1.73 -1.72
N PHE A 26 -10.99 -2.46 -2.58
CA PHE A 26 -11.58 -2.87 -3.85
C PHE A 26 -12.63 -3.96 -3.66
N LYS A 27 -12.21 -5.12 -3.15
CA LYS A 27 -13.13 -6.24 -2.95
C LYS A 27 -14.36 -5.84 -2.14
N TYR A 28 -14.43 -4.58 -1.72
CA TYR A 28 -15.57 -4.10 -0.94
C TYR A 28 -16.20 -2.87 -1.62
N LEU A 29 -15.37 -1.93 -2.05
CA LEU A 29 -15.90 -0.73 -2.71
C LEU A 29 -15.95 -0.93 -4.22
N GLN A 30 -15.00 -1.69 -4.77
CA GLN A 30 -14.97 -1.95 -6.20
C GLN A 30 -15.86 -3.13 -6.55
N LYS A 31 -16.27 -3.89 -5.54
CA LYS A 31 -17.13 -5.04 -5.75
C LYS A 31 -18.53 -4.78 -5.19
N LYS A 32 -18.57 -4.24 -3.98
CA LYS A 32 -19.85 -3.95 -3.34
C LYS A 32 -20.81 -5.12 -3.48
N LYS A 1 19.25 8.75 -5.93
CA LYS A 1 19.11 8.06 -7.24
C LYS A 1 17.99 7.03 -7.16
N LYS A 2 18.03 6.21 -6.11
CA LYS A 2 17.01 5.18 -5.91
C LYS A 2 15.62 5.80 -5.87
N HIS A 3 15.33 6.51 -4.78
CA HIS A 3 14.03 7.15 -4.63
C HIS A 3 14.08 8.21 -3.53
N THR A 4 13.11 8.15 -2.61
CA THR A 4 13.04 9.09 -1.51
C THR A 4 12.99 8.35 -0.18
N ILE A 5 11.87 8.48 0.52
CA ILE A 5 11.71 7.81 1.81
C ILE A 5 10.65 6.72 1.69
N TRP A 6 9.77 6.85 0.71
CA TRP A 6 8.72 5.85 0.50
C TRP A 6 9.30 4.45 0.63
N GLU A 7 10.29 4.14 -0.18
CA GLU A 7 10.91 2.82 -0.14
C GLU A 7 11.43 2.50 1.25
N VAL A 8 11.46 3.50 2.12
CA VAL A 8 11.93 3.30 3.49
C VAL A 8 10.75 3.17 4.46
N ILE A 9 9.71 3.96 4.23
CA ILE A 9 8.53 3.94 5.09
C ILE A 9 7.34 3.35 4.33
N ALA A 10 7.13 3.82 3.10
CA ALA A 10 6.03 3.32 2.29
C ALA A 10 6.31 1.89 1.85
N GLY A 11 7.33 1.70 1.02
CA GLY A 11 7.69 0.38 0.57
C GLY A 11 7.82 -0.55 1.76
N LEU A 12 7.87 0.05 2.95
CA LEU A 12 8.00 -0.71 4.18
C LEU A 12 6.66 -0.77 4.91
N VAL A 13 5.79 0.22 4.65
CA VAL A 13 4.48 0.26 5.29
C VAL A 13 3.37 0.03 4.25
N ALA A 14 3.39 0.83 3.19
CA ALA A 14 2.38 0.69 2.15
C ALA A 14 2.16 -0.78 1.83
N LEU A 15 3.26 -1.50 1.61
CA LEU A 15 3.16 -2.93 1.31
C LEU A 15 2.53 -3.66 2.48
N LEU A 16 2.76 -3.12 3.67
CA LEU A 16 2.22 -3.72 4.88
C LEU A 16 0.92 -3.01 5.27
N THR A 17 0.45 -2.12 4.39
CA THR A 17 -0.77 -1.38 4.64
C THR A 17 -1.55 -1.19 3.34
N PHE A 18 -1.07 -0.29 2.50
CA PHE A 18 -1.72 -0.01 1.23
C PHE A 18 -2.13 -1.31 0.53
N LEU A 19 -1.26 -2.30 0.60
CA LEU A 19 -1.54 -3.59 -0.04
C LEU A 19 -2.41 -4.45 0.85
N ALA A 20 -2.51 -4.08 2.13
CA ALA A 20 -3.33 -4.83 3.08
C ALA A 20 -4.77 -4.34 3.04
N PHE A 21 -4.96 -3.03 3.06
CA PHE A 21 -6.29 -2.45 3.04
C PHE A 21 -6.77 -2.30 1.59
N GLY A 22 -5.87 -1.87 0.71
CA GLY A 22 -6.21 -1.70 -0.69
C GLY A 22 -6.73 -3.00 -1.29
N PHE A 23 -6.02 -4.09 -1.02
CA PHE A 23 -6.41 -5.38 -1.55
C PHE A 23 -7.83 -5.71 -1.10
N TRP A 24 -8.34 -4.93 -0.16
CA TRP A 24 -9.69 -5.13 0.35
C TRP A 24 -10.60 -4.01 -0.12
N LEU A 25 -10.45 -2.85 0.52
CA LEU A 25 -11.25 -1.66 0.20
C LEU A 25 -11.78 -1.69 -1.22
N PHE A 26 -10.88 -1.75 -2.19
CA PHE A 26 -11.30 -1.79 -3.58
C PHE A 26 -11.93 -3.12 -3.94
N LYS A 27 -11.18 -4.19 -3.73
CA LYS A 27 -11.68 -5.52 -4.07
C LYS A 27 -12.93 -5.87 -3.26
N TYR A 28 -13.50 -4.89 -2.56
CA TYR A 28 -14.72 -5.12 -1.78
C TYR A 28 -15.70 -3.97 -1.97
N LEU A 29 -15.17 -2.76 -2.09
CA LEU A 29 -16.01 -1.58 -2.26
C LEU A 29 -16.04 -1.12 -3.72
N GLN A 30 -14.88 -1.17 -4.37
CA GLN A 30 -14.81 -0.74 -5.77
C GLN A 30 -15.47 -1.77 -6.69
N LYS A 31 -15.76 -2.94 -6.13
CA LYS A 31 -16.41 -4.00 -6.90
C LYS A 31 -17.52 -4.66 -6.09
N LYS A 32 -18.72 -4.09 -6.17
CA LYS A 32 -19.86 -4.63 -5.44
C LYS A 32 -21.16 -4.31 -6.19
N LYS A 1 21.75 7.82 -5.05
CA LYS A 1 20.72 8.56 -4.24
C LYS A 1 19.54 7.63 -3.96
N LYS A 2 19.37 6.63 -4.81
CA LYS A 2 18.28 5.67 -4.65
C LYS A 2 16.94 6.38 -4.65
N HIS A 3 16.60 6.99 -3.52
CA HIS A 3 15.32 7.71 -3.41
C HIS A 3 15.34 8.61 -2.18
N THR A 4 14.31 8.49 -1.35
CA THR A 4 14.21 9.30 -0.13
C THR A 4 14.02 8.40 1.08
N ILE A 5 12.85 8.51 1.71
CA ILE A 5 12.53 7.71 2.88
C ILE A 5 11.43 6.71 2.54
N TRP A 6 10.64 7.01 1.52
CA TRP A 6 9.57 6.12 1.11
C TRP A 6 10.04 4.67 1.10
N GLU A 7 11.09 4.41 0.34
CA GLU A 7 11.62 3.05 0.24
C GLU A 7 12.03 2.53 1.61
N VAL A 8 11.98 3.40 2.61
CA VAL A 8 12.35 3.02 3.98
C VAL A 8 11.11 2.86 4.84
N ILE A 9 10.13 3.74 4.64
CA ILE A 9 8.89 3.68 5.40
C ILE A 9 7.74 3.29 4.50
N ALA A 10 7.66 3.90 3.32
CA ALA A 10 6.61 3.59 2.37
C ALA A 10 6.82 2.20 1.78
N GLY A 11 7.89 2.05 1.00
CA GLY A 11 8.19 0.76 0.40
C GLY A 11 8.17 -0.31 1.48
N LEU A 12 8.17 0.14 2.73
CA LEU A 12 8.14 -0.77 3.86
C LEU A 12 6.74 -0.83 4.47
N VAL A 13 5.98 0.26 4.30
CA VAL A 13 4.62 0.31 4.84
C VAL A 13 3.60 0.30 3.71
N ALA A 14 3.76 1.22 2.76
CA ALA A 14 2.84 1.30 1.63
C ALA A 14 2.53 -0.09 1.11
N LEU A 15 3.56 -0.91 0.94
CA LEU A 15 3.36 -2.27 0.46
C LEU A 15 2.57 -3.06 1.49
N LEU A 16 2.79 -2.73 2.77
CA LEU A 16 2.10 -3.39 3.86
C LEU A 16 0.89 -2.58 4.29
N THR A 17 0.48 -1.64 3.44
CA THR A 17 -0.67 -0.79 3.72
C THR A 17 -1.55 -0.67 2.48
N PHE A 18 -0.97 -0.13 1.41
CA PHE A 18 -1.70 0.03 0.16
C PHE A 18 -2.45 -1.26 -0.16
N LEU A 19 -1.77 -2.39 -0.06
CA LEU A 19 -2.39 -3.69 -0.33
C LEU A 19 -3.21 -4.15 0.87
N ALA A 20 -2.63 -4.00 2.06
CA ALA A 20 -3.30 -4.40 3.29
C ALA A 20 -4.79 -4.04 3.24
N PHE A 21 -5.08 -2.76 3.01
CA PHE A 21 -6.46 -2.31 2.94
C PHE A 21 -6.98 -2.44 1.51
N GLY A 22 -6.09 -2.24 0.55
CA GLY A 22 -6.47 -2.34 -0.86
C GLY A 22 -7.19 -3.66 -1.12
N PHE A 23 -6.65 -4.74 -0.56
CA PHE A 23 -7.24 -6.06 -0.74
C PHE A 23 -8.70 -6.04 -0.30
N TRP A 24 -9.05 -5.05 0.51
CA TRP A 24 -10.40 -4.91 1.01
C TRP A 24 -11.12 -3.81 0.22
N LEU A 25 -10.80 -2.56 0.55
CA LEU A 25 -11.40 -1.39 -0.09
C LEU A 25 -11.96 -1.72 -1.47
N PHE A 26 -11.09 -2.15 -2.37
CA PHE A 26 -11.55 -2.48 -3.72
C PHE A 26 -12.37 -3.76 -3.75
N LYS A 27 -11.77 -4.86 -3.34
CA LYS A 27 -12.49 -6.14 -3.35
C LYS A 27 -13.81 -6.06 -2.58
N TYR A 28 -13.95 -5.04 -1.74
CA TYR A 28 -15.19 -4.88 -0.99
C TYR A 28 -16.10 -3.84 -1.63
N LEU A 29 -15.51 -2.75 -2.12
CA LEU A 29 -16.31 -1.70 -2.75
C LEU A 29 -16.34 -1.87 -4.26
N GLN A 30 -15.18 -2.17 -4.85
CA GLN A 30 -15.09 -2.37 -6.30
C GLN A 30 -16.16 -3.34 -6.78
N LYS A 31 -16.45 -4.35 -5.96
CA LYS A 31 -17.45 -5.34 -6.32
C LYS A 31 -18.81 -4.96 -5.75
N LYS A 32 -18.83 -4.56 -4.49
CA LYS A 32 -20.08 -4.17 -3.83
C LYS A 32 -20.20 -2.65 -3.75
N LYS A 1 21.26 6.61 -1.70
CA LYS A 1 21.38 7.28 -3.03
C LYS A 1 20.31 6.71 -3.96
N LYS A 2 19.26 6.16 -3.39
CA LYS A 2 18.17 5.59 -4.19
C LYS A 2 17.04 6.60 -4.34
N HIS A 3 15.92 6.34 -3.66
CA HIS A 3 14.78 7.23 -3.73
C HIS A 3 14.81 8.25 -2.59
N THR A 4 13.69 8.38 -1.89
CA THR A 4 13.60 9.32 -0.77
C THR A 4 13.45 8.56 0.54
N ILE A 5 12.26 8.65 1.13
CA ILE A 5 11.99 7.96 2.39
C ILE A 5 10.98 6.84 2.16
N TRP A 6 10.17 6.98 1.12
CA TRP A 6 9.18 5.96 0.80
C TRP A 6 9.77 4.56 0.98
N GLU A 7 10.74 4.22 0.14
CA GLU A 7 11.37 2.92 0.22
C GLU A 7 11.79 2.59 1.66
N VAL A 8 11.76 3.60 2.52
CA VAL A 8 12.14 3.39 3.92
C VAL A 8 10.91 3.25 4.82
N ILE A 9 9.86 4.02 4.52
CA ILE A 9 8.63 3.97 5.30
C ILE A 9 7.51 3.40 4.44
N ALA A 10 7.41 3.86 3.20
CA ALA A 10 6.38 3.38 2.29
C ALA A 10 6.68 1.95 1.88
N GLY A 11 7.75 1.76 1.12
CA GLY A 11 8.13 0.42 0.69
C GLY A 11 8.18 -0.51 1.90
N LEU A 12 8.15 0.11 3.08
CA LEU A 12 8.18 -0.65 4.32
C LEU A 12 6.78 -0.72 4.91
N VAL A 13 5.95 0.28 4.60
CA VAL A 13 4.57 0.31 5.12
C VAL A 13 3.58 0.23 3.98
N ALA A 14 3.67 1.17 3.03
CA ALA A 14 2.75 1.17 1.89
C ALA A 14 2.58 -0.25 1.35
N LEU A 15 3.68 -0.99 1.29
CA LEU A 15 3.62 -2.36 0.79
C LEU A 15 2.88 -3.22 1.81
N LEU A 16 3.03 -2.88 3.09
CA LEU A 16 2.36 -3.63 4.15
C LEU A 16 1.00 -3.01 4.45
N THR A 17 0.68 -1.92 3.75
CA THR A 17 -0.60 -1.24 3.94
C THR A 17 -1.41 -1.28 2.65
N PHE A 18 -0.88 -0.66 1.59
CA PHE A 18 -1.56 -0.63 0.31
C PHE A 18 -2.11 -2.01 -0.05
N LEU A 19 -1.33 -3.04 0.24
CA LEU A 19 -1.74 -4.41 -0.05
C LEU A 19 -2.78 -4.90 0.95
N ALA A 20 -2.87 -4.22 2.09
CA ALA A 20 -3.82 -4.61 3.12
C ALA A 20 -5.13 -3.87 2.94
N PHE A 21 -5.04 -2.55 2.73
CA PHE A 21 -6.22 -1.72 2.54
C PHE A 21 -6.77 -1.89 1.13
N GLY A 22 -5.86 -1.92 0.15
CA GLY A 22 -6.25 -2.08 -1.24
C GLY A 22 -6.90 -3.43 -1.48
N PHE A 23 -6.28 -4.48 -0.97
CA PHE A 23 -6.80 -5.82 -1.13
C PHE A 23 -8.22 -5.92 -0.59
N TRP A 24 -8.66 -4.84 0.06
CA TRP A 24 -10.01 -4.80 0.63
C TRP A 24 -10.82 -3.72 -0.05
N LEU A 25 -10.51 -2.47 0.27
CA LEU A 25 -11.22 -1.30 -0.28
C LEU A 25 -11.86 -1.63 -1.62
N PHE A 26 -11.10 -2.19 -2.54
CA PHE A 26 -11.63 -2.53 -3.85
C PHE A 26 -12.56 -3.76 -3.80
N LYS A 27 -11.97 -4.93 -3.65
CA LYS A 27 -12.75 -6.17 -3.62
C LYS A 27 -13.98 -6.04 -2.72
N TYR A 28 -14.05 -4.97 -1.94
CA TYR A 28 -15.19 -4.76 -1.04
C TYR A 28 -16.04 -3.58 -1.50
N LEU A 29 -15.38 -2.46 -1.77
CA LEU A 29 -16.10 -1.27 -2.21
C LEU A 29 -16.25 -1.25 -3.73
N GLN A 30 -15.18 -1.60 -4.44
CA GLN A 30 -15.21 -1.62 -5.90
C GLN A 30 -16.02 -2.81 -6.40
N LYS A 31 -16.29 -3.76 -5.52
CA LYS A 31 -17.06 -4.95 -5.88
C LYS A 31 -18.34 -5.01 -5.07
N LYS A 32 -19.25 -4.09 -5.35
CA LYS A 32 -20.53 -4.04 -4.65
C LYS A 32 -21.67 -4.48 -5.56
#